data_7JJF
# 
_entry.id   7JJF 
# 
_audit_conform.dict_name       mmcif_pdbx.dic 
_audit_conform.dict_version    5.380 
_audit_conform.dict_location   http://mmcif.pdb.org/dictionaries/ascii/mmcif_pdbx.dic 
# 
loop_
_database_2.database_id 
_database_2.database_code 
_database_2.pdbx_database_accession 
_database_2.pdbx_DOI 
PDB   7JJF         pdb_00007jjf 10.2210/pdb7jjf/pdb 
WWPDB D_1000250842 ?            ?                   
# 
_pdbx_database_status.status_code                     REL 
_pdbx_database_status.status_code_sf                  REL 
_pdbx_database_status.status_code_mr                  ? 
_pdbx_database_status.entry_id                        7JJF 
_pdbx_database_status.recvd_initial_deposition_date   2020-07-25 
_pdbx_database_status.SG_entry                        N 
_pdbx_database_status.deposit_site                    RCSB 
_pdbx_database_status.process_site                    RCSB 
_pdbx_database_status.status_code_cs                  ? 
_pdbx_database_status.status_code_nmr_data            ? 
_pdbx_database_status.methods_development_category    ? 
_pdbx_database_status.pdb_format_compatible           Y 
# 
loop_
_audit_author.name 
_audit_author.pdbx_ordinal 
_audit_author.identifier_ORCID 
'Harp, J.M.'   1 0000-0002-9116-5606 
'Pallan, P.S.' 2 ?                   
'Egli, M.'     3 0000-0003-4145-356X 
# 
_citation.abstract                  ? 
_citation.abstract_id_CAS           ? 
_citation.book_id_ISBN              ? 
_citation.book_publisher            ? 
_citation.book_publisher_city       ? 
_citation.book_title                ? 
_citation.coordinate_linkage        ? 
_citation.country                   US 
_citation.database_id_Medline       ? 
_citation.details                   ? 
_citation.id                        primary 
_citation.journal_abbrev            Biochemistry 
_citation.journal_id_ASTM           BICHAW 
_citation.journal_id_CSD            0033 
_citation.journal_id_ISSN           0006-2960 
_citation.journal_full              ? 
_citation.journal_issue             ? 
_citation.journal_volume            59 
_citation.language                  ? 
_citation.page_first                4627 
_citation.page_last                 4637 
_citation.title                     
'Incorporating a Thiophosphate Modification into a Common RNA Tetraloop Motif Causes an Unanticipated Stability Boost.' 
_citation.year                      2020 
_citation.database_id_CSD           ? 
_citation.pdbx_database_id_DOI      10.1021/acs.biochem.0c00685 
_citation.pdbx_database_id_PubMed   33275419 
_citation.unpublished_flag          ? 
# 
loop_
_citation_author.citation_id 
_citation_author.name 
_citation_author.ordinal 
_citation_author.identifier_ORCID 
primary 'Pallan, P.S.'   1 ?                   
primary 'Lybrand, T.P.'  2 0000-0002-2248-104X 
primary 'Schlegel, M.K.' 3 0000-0002-0127-608X 
primary 'Harp, J.M.'     4 ?                   
primary 'Jahns, H.'      5 ?                   
primary 'Manoharan, M.'  6 0000-0002-7931-1172 
primary 'Egli, M.'       7 0000-0003-4145-356X 
# 
_cell.entry_id           7JJF 
_cell.length_a           29.340 
_cell.length_b           29.340 
_cell.length_c           75.661 
_cell.angle_alpha        90.00 
_cell.angle_beta         90.00 
_cell.angle_gamma        90.00 
_cell.Z_PDB              4 
_cell.pdbx_unique_axis   ? 
# 
_symmetry.entry_id                         7JJF 
_symmetry.space_group_name_H-M             'P 43' 
_symmetry.pdbx_full_space_group_name_H-M   ? 
_symmetry.cell_setting                     ? 
_symmetry.Int_Tables_number                78 
# 
loop_
_entity.id 
_entity.type 
_entity.src_method 
_entity.pdbx_description 
_entity.formula_weight 
_entity.pdbx_number_of_molecules 
_entity.pdbx_ec 
_entity.pdbx_mutation 
_entity.pdbx_fragment 
_entity.details 
1 polymer     syn 'RNA/DNA (27-mer)' 8726.282 1   ? ? ? ? 
2 non-polymer syn 'MAGNESIUM ION'    24.305   1   ? ? ? ? 
3 water       nat water              18.015   103 ? ? ? ? 
# 
_entity_poly.entity_id                      1 
_entity_poly.type                           polyribonucleotide 
_entity_poly.nstd_linkage                   no 
_entity_poly.nstd_monomer                   yes 
_entity_poly.pdbx_seq_one_letter_code       'UGCUCCUAGUACG(DA)(VC7)AGGACCGGAGUG' 
_entity_poly.pdbx_seq_one_letter_code_can   UGCUCCUAGUACGAXAGGACCGGAGUG 
_entity_poly.pdbx_strand_id                 A 
_entity_poly.pdbx_target_identifier         ? 
# 
loop_
_entity_poly_seq.entity_id 
_entity_poly_seq.num 
_entity_poly_seq.mon_id 
_entity_poly_seq.hetero 
1 1  U   n 
1 2  G   n 
1 3  C   n 
1 4  U   n 
1 5  C   n 
1 6  C   n 
1 7  U   n 
1 8  A   n 
1 9  G   n 
1 10 U   n 
1 11 A   n 
1 12 C   n 
1 13 G   n 
1 14 DA  n 
1 15 VC7 n 
1 16 A   n 
1 17 G   n 
1 18 G   n 
1 19 A   n 
1 20 C   n 
1 21 C   n 
1 22 G   n 
1 23 G   n 
1 24 A   n 
1 25 G   n 
1 26 U   n 
1 27 G   n 
# 
_pdbx_entity_src_syn.entity_id              1 
_pdbx_entity_src_syn.pdbx_src_id            1 
_pdbx_entity_src_syn.pdbx_alt_source_flag   sample 
_pdbx_entity_src_syn.pdbx_beg_seq_num       1 
_pdbx_entity_src_syn.pdbx_end_seq_num       27 
_pdbx_entity_src_syn.organism_scientific    'Escherichia coli' 
_pdbx_entity_src_syn.organism_common_name   ? 
_pdbx_entity_src_syn.ncbi_taxonomy_id       562 
_pdbx_entity_src_syn.details                ? 
# 
_struct_ref.id                         1 
_struct_ref.db_name                    PDB 
_struct_ref.db_code                    7JJF 
_struct_ref.pdbx_db_accession          7JJF 
_struct_ref.pdbx_db_isoform            ? 
_struct_ref.entity_id                  1 
_struct_ref.pdbx_seq_one_letter_code   ? 
_struct_ref.pdbx_align_begin           1 
# 
_struct_ref_seq.align_id                      1 
_struct_ref_seq.ref_id                        1 
_struct_ref_seq.pdbx_PDB_id_code              7JJF 
_struct_ref_seq.pdbx_strand_id                A 
_struct_ref_seq.seq_align_beg                 1 
_struct_ref_seq.pdbx_seq_align_beg_ins_code   ? 
_struct_ref_seq.seq_align_end                 27 
_struct_ref_seq.pdbx_seq_align_end_ins_code   ? 
_struct_ref_seq.pdbx_db_accession             7JJF 
_struct_ref_seq.db_align_beg                  47 
_struct_ref_seq.pdbx_db_align_beg_ins_code    ? 
_struct_ref_seq.db_align_end                  86 
_struct_ref_seq.pdbx_db_align_end_ins_code    ? 
_struct_ref_seq.pdbx_auth_seq_align_beg       47 
_struct_ref_seq.pdbx_auth_seq_align_end       86 
# 
loop_
_chem_comp.id 
_chem_comp.type 
_chem_comp.mon_nstd_flag 
_chem_comp.name 
_chem_comp.pdbx_synonyms 
_chem_comp.formula 
_chem_comp.formula_weight 
A   'RNA linking' y "ADENOSINE-5'-MONOPHOSPHATE"                    ? 'C10 H14 N5 O7 P' 347.221 
C   'RNA linking' y "CYTIDINE-5'-MONOPHOSPHATE"                     ? 'C9 H14 N3 O8 P'  323.197 
DA  'DNA linking' y "2'-DEOXYADENOSINE-5'-MONOPHOSPHATE"            ? 'C10 H14 N5 O6 P' 331.222 
G   'RNA linking' y "GUANOSINE-5'-MONOPHOSPHATE"                    ? 'C10 H14 N5 O8 P' 363.221 
HOH non-polymer   . WATER                                           ? 'H2 O'            18.015  
MG  non-polymer   . 'MAGNESIUM ION'                                 ? 'Mg 2'            24.305  
U   'RNA linking' y "URIDINE-5'-MONOPHOSPHATE"                      ? 'C9 H13 N2 O9 P'  324.181 
VC7 'RNA linking' n "5'-O-[(R)-hydroxy(methyl)phosphoryl]guanosine" ? 'C11 H16 N5 O7 P' 361.248 
# 
_exptl.absorpt_coefficient_mu     ? 
_exptl.absorpt_correction_T_max   ? 
_exptl.absorpt_correction_T_min   ? 
_exptl.absorpt_correction_type    ? 
_exptl.absorpt_process_details    ? 
_exptl.entry_id                   7JJF 
_exptl.crystals_number            1 
_exptl.details                    ? 
_exptl.method                     'X-RAY DIFFRACTION' 
_exptl.method_details             ? 
# 
_exptl_crystal.colour                      ? 
_exptl_crystal.density_diffrn              ? 
_exptl_crystal.density_Matthews            1.81 
_exptl_crystal.density_method              ? 
_exptl_crystal.density_percent_sol         32.06 
_exptl_crystal.description                 ? 
_exptl_crystal.F_000                       ? 
_exptl_crystal.id                          1 
_exptl_crystal.preparation                 ? 
_exptl_crystal.size_max                    ? 
_exptl_crystal.size_mid                    ? 
_exptl_crystal.size_min                    ? 
_exptl_crystal.size_rad                    ? 
_exptl_crystal.colour_lustre               ? 
_exptl_crystal.colour_modifier             ? 
_exptl_crystal.colour_primary              ? 
_exptl_crystal.density_meas                ? 
_exptl_crystal.density_meas_esd            ? 
_exptl_crystal.density_meas_gt             ? 
_exptl_crystal.density_meas_lt             ? 
_exptl_crystal.density_meas_temp           ? 
_exptl_crystal.density_meas_temp_esd       ? 
_exptl_crystal.density_meas_temp_gt        ? 
_exptl_crystal.density_meas_temp_lt        ? 
_exptl_crystal.pdbx_crystal_image_url      ? 
_exptl_crystal.pdbx_crystal_image_format   ? 
_exptl_crystal.pdbx_mosaicity              ? 
_exptl_crystal.pdbx_mosaicity_esd          ? 
# 
_exptl_crystal_grow.apparatus       ? 
_exptl_crystal_grow.atmosphere      ? 
_exptl_crystal_grow.crystal_id      1 
_exptl_crystal_grow.details         ? 
_exptl_crystal_grow.method          'VAPOR DIFFUSION, HANGING DROP' 
_exptl_crystal_grow.method_ref      ? 
_exptl_crystal_grow.pH              7.0 
_exptl_crystal_grow.pressure        ? 
_exptl_crystal_grow.pressure_esd    ? 
_exptl_crystal_grow.seeding         ? 
_exptl_crystal_grow.seeding_ref     ? 
_exptl_crystal_grow.temp            291 
_exptl_crystal_grow.temp_details    ? 
_exptl_crystal_grow.temp_esd        ? 
_exptl_crystal_grow.time            ? 
_exptl_crystal_grow.pdbx_details    
;RNA was dissolved in 1 mM Na2 EDTA (pH 8.0) and 10 mM Tris-HCl (pH 8.0) to attain 350 uM final RNA concentration. The RNA sample was annealed by heating at 65 C for 2 min and slowly cooling to room temperature.
Crystallization set-ups were made by mixing 4 uL of RNA solution
with 2 uL of a crystallization buffer composed of 3.0 M ammonium sulfate,
10 mM magnesium chloride, 10 mM manganese chloride, and 50 mM
potassium 3-(N-morpholino) propanesulfonic acid (MOPS), pH 7.0 at 18 C.
Crystals appear in about two weeks time.
;
_exptl_crystal_grow.pdbx_pH_range   ? 
# 
_diffrn.ambient_environment              ? 
_diffrn.ambient_temp                     100 
_diffrn.ambient_temp_details             ? 
_diffrn.ambient_temp_esd                 ? 
_diffrn.crystal_id                       1 
_diffrn.crystal_support                  ? 
_diffrn.crystal_treatment                ? 
_diffrn.details                          ? 
_diffrn.id                               1 
_diffrn.ambient_pressure                 ? 
_diffrn.ambient_pressure_esd             ? 
_diffrn.ambient_pressure_gt              ? 
_diffrn.ambient_pressure_lt              ? 
_diffrn.ambient_temp_gt                  ? 
_diffrn.ambient_temp_lt                  ? 
_diffrn.pdbx_serial_crystal_experiment   N 
# 
_diffrn_detector.details                      ? 
_diffrn_detector.detector                     PIXEL 
_diffrn_detector.diffrn_id                    1 
_diffrn_detector.type                         'Bruker PHOTON III' 
_diffrn_detector.area_resol_mean              ? 
_diffrn_detector.dtime                        ? 
_diffrn_detector.pdbx_frames_total            ? 
_diffrn_detector.pdbx_collection_time_total   ? 
_diffrn_detector.pdbx_collection_date         2020-03-19 
_diffrn_detector.pdbx_frequency               ? 
# 
_diffrn_radiation.collimation                      ? 
_diffrn_radiation.diffrn_id                        1 
_diffrn_radiation.filter_edge                      ? 
_diffrn_radiation.inhomogeneity                    ? 
_diffrn_radiation.monochromator                    'multi-layer confocal' 
_diffrn_radiation.polarisn_norm                    ? 
_diffrn_radiation.polarisn_ratio                   ? 
_diffrn_radiation.probe                            ? 
_diffrn_radiation.type                             ? 
_diffrn_radiation.xray_symbol                      ? 
_diffrn_radiation.wavelength_id                    1 
_diffrn_radiation.pdbx_monochromatic_or_laue_m_l   M 
_diffrn_radiation.pdbx_wavelength_list             ? 
_diffrn_radiation.pdbx_wavelength                  ? 
_diffrn_radiation.pdbx_diffrn_protocol             'SINGLE WAVELENGTH' 
_diffrn_radiation.pdbx_analyzer                    ? 
_diffrn_radiation.pdbx_scattering_type             x-ray 
# 
_diffrn_radiation_wavelength.id           1 
_diffrn_radiation_wavelength.wavelength   1.3418 
_diffrn_radiation_wavelength.wt           1.0 
# 
_diffrn_source.current                     ? 
_diffrn_source.details                     ? 
_diffrn_source.diffrn_id                   1 
_diffrn_source.power                       ? 
_diffrn_source.size                        ? 
_diffrn_source.source                      'LIQUID ANODE' 
_diffrn_source.target                      ? 
_diffrn_source.type                        'Excillum MetalJet D2+ 70 kV' 
_diffrn_source.voltage                     ? 
_diffrn_source.take-off_angle              ? 
_diffrn_source.pdbx_wavelength_list        1.3418 
_diffrn_source.pdbx_wavelength             ? 
_diffrn_source.pdbx_synchrotron_beamline   ? 
_diffrn_source.pdbx_synchrotron_site       ? 
# 
_reflns.pdbx_diffrn_id               1 
_reflns.pdbx_ordinal                 1 
_reflns.entry_id                     7JJF 
_reflns.observed_criterion_sigma_I   ? 
_reflns.observed_criterion_sigma_F   ? 
_reflns.d_resolution_low             27.360 
_reflns.d_resolution_high            1.200 
_reflns.number_obs                   ? 
_reflns.number_all                   ? 
_reflns.percent_possible_obs         94.1 
_reflns.pdbx_Rmerge_I_obs            0.08900 
_reflns.pdbx_Rsym_value              ? 
_reflns.pdbx_netI_over_sigmaI        23.4700 
_reflns.B_iso_Wilson_estimate        4.79 
_reflns.pdbx_redundancy              17.00 
# 
_reflns_shell.pdbx_diffrn_id         1 
_reflns_shell.pdbx_ordinal           1 
_reflns_shell.d_res_high             1.20 
_reflns_shell.d_res_low              1.24 
_reflns_shell.percent_possible_all   ? 
_reflns_shell.Rmerge_I_obs           ? 
_reflns_shell.pdbx_Rsym_value        ? 
_reflns_shell.meanI_over_sigI_obs    ? 
_reflns_shell.pdbx_redundancy        ? 
# 
_refine.pdbx_refine_id                           'X-RAY DIFFRACTION' 
_refine.entry_id                                 7JJF 
_refine.pdbx_diffrn_id                           1 
_refine.pdbx_TLS_residual_ADP_flag               ? 
_refine.ls_number_reflns_obs                     36363 
_refine.ls_number_reflns_all                     ? 
_refine.pdbx_ls_sigma_I                          ? 
_refine.pdbx_ls_sigma_F                          4.580 
_refine.pdbx_data_cutoff_high_absF               ? 
_refine.pdbx_data_cutoff_low_absF                ? 
_refine.pdbx_data_cutoff_high_rms_absF           ? 
_refine.ls_d_res_low                             27.36 
_refine.ls_d_res_high                            1.20 
_refine.ls_percent_reflns_obs                    92.1 
_refine.ls_R_factor_obs                          0.184 
_refine.ls_R_factor_all                          ? 
_refine.ls_R_factor_R_work                       0.177 
_refine.ls_R_factor_R_free                       0.214 
_refine.ls_R_factor_R_free_error                 ? 
_refine.ls_R_factor_R_free_error_details         ? 
_refine.ls_percent_reflns_R_free                 10.650 
_refine.ls_number_reflns_R_free                  3874 
_refine.ls_number_parameters                     ? 
_refine.ls_number_restraints                     ? 
_refine.occupancy_min                            ? 
_refine.occupancy_max                            ? 
_refine.correlation_coeff_Fo_to_Fc               ? 
_refine.correlation_coeff_Fo_to_Fc_free          ? 
_refine.B_iso_mean                               10.76 
_refine.aniso_B[1][1]                            ? 
_refine.aniso_B[2][2]                            ? 
_refine.aniso_B[3][3]                            ? 
_refine.aniso_B[1][2]                            ? 
_refine.aniso_B[1][3]                            ? 
_refine.aniso_B[2][3]                            ? 
_refine.solvent_model_details                    'FLAT BULK SOLVENT MODEL' 
_refine.solvent_model_param_ksol                 ? 
_refine.solvent_model_param_bsol                 ? 
_refine.pdbx_solvent_vdw_probe_radii             1.11 
_refine.pdbx_solvent_ion_probe_radii             ? 
_refine.pdbx_solvent_shrinkage_radii             0.90 
_refine.pdbx_ls_cross_valid_method               'FREE R-VALUE' 
_refine.details                                  ? 
_refine.pdbx_starting_model                      3DVZ 
_refine.pdbx_method_to_determine_struct          'MOLECULAR REPLACEMENT' 
_refine.pdbx_isotropic_thermal_model             ? 
_refine.pdbx_stereochemistry_target_values       'GEOSTD + MONOMER LIBRARY + CDL V1.2' 
_refine.pdbx_stereochem_target_val_spec_case     ? 
_refine.pdbx_R_Free_selection_details            ? 
_refine.pdbx_overall_ESU_R                       ? 
_refine.pdbx_overall_ESU_R_Free                  ? 
_refine.overall_SU_ML                            ? 
_refine.pdbx_overall_phase_error                 41.508 
_refine.overall_SU_B                             ? 
_refine.overall_SU_R_Cruickshank_DPI             ? 
_refine.pdbx_overall_SU_R_free_Cruickshank_DPI   ? 
_refine.pdbx_overall_SU_R_Blow_DPI               ? 
_refine.pdbx_overall_SU_R_free_Blow_DPI          ? 
# 
_refine_hist.pdbx_refine_id                   'X-RAY DIFFRACTION' 
_refine_hist.cycle_id                         LAST 
_refine_hist.pdbx_number_atoms_protein        0 
_refine_hist.pdbx_number_atoms_nucleic_acid   578 
_refine_hist.pdbx_number_atoms_ligand         1 
_refine_hist.number_atoms_solvent             103 
_refine_hist.number_atoms_total               682 
_refine_hist.d_res_high                       1.20 
_refine_hist.d_res_low                        27.36 
# 
loop_
_refine_ls_restr.type 
_refine_ls_restr.dev_ideal 
_refine_ls_restr.dev_ideal_target 
_refine_ls_restr.weight 
_refine_ls_restr.number 
_refine_ls_restr.pdbx_refine_id 
_refine_ls_restr.pdbx_restraint_function 
f_bond_d           0.007  ? ? 675  'X-RAY DIFFRACTION' ? 
f_angle_d          1.342  ? ? 1049 'X-RAY DIFFRACTION' ? 
f_dihedral_angle_d 15.367 ? ? 351  'X-RAY DIFFRACTION' ? 
f_chiral_restr     0.054  ? ? 140  'X-RAY DIFFRACTION' ? 
f_plane_restr      0.009  ? ? 28   'X-RAY DIFFRACTION' ? 
# 
loop_
_refine_ls_shell.pdbx_refine_id 
_refine_ls_shell.pdbx_total_number_of_bins_used 
_refine_ls_shell.d_res_high 
_refine_ls_shell.d_res_low 
_refine_ls_shell.number_reflns_R_work 
_refine_ls_shell.R_factor_R_work 
_refine_ls_shell.percent_reflns_obs 
_refine_ls_shell.R_factor_R_free 
_refine_ls_shell.R_factor_R_free_error 
_refine_ls_shell.percent_reflns_R_free 
_refine_ls_shell.number_reflns_R_free 
_refine_ls_shell.number_reflns_all 
_refine_ls_shell.R_factor_all 
'X-RAY DIFFRACTION' . 1.2000 1.2200  1320 0.3445 64.00 0.3783 . . 157 . . 
'X-RAY DIFFRACTION' . 1.2200 1.2400  1262 0.3341 67.00 0.3446 . . 147 . . 
'X-RAY DIFFRACTION' . 1.2400 1.2700  1361 0.3116 67.00 0.3984 . . 152 . . 
'X-RAY DIFFRACTION' . 1.2700 1.2900  1405 0.2999 73.00 0.3113 . . 155 . . 
'X-RAY DIFFRACTION' . 1.2900 1.3200  1476 0.3134 74.00 0.3704 . . 164 . . 
'X-RAY DIFFRACTION' . 1.3200 1.3500  1445 0.2914 73.00 0.3119 . . 173 . . 
'X-RAY DIFFRACTION' . 1.3500 1.3900  1590 0.2753 80.00 0.2796 . . 187 . . 
'X-RAY DIFFRACTION' . 1.3900 1.4200  1645 0.2536 84.00 0.2474 . . 195 . . 
'X-RAY DIFFRACTION' . 1.4200 1.4600  1705 0.2266 87.00 0.2868 . . 191 . . 
'X-RAY DIFFRACTION' . 1.4600 1.5100  1737 0.2038 88.00 0.2376 . . 187 . . 
'X-RAY DIFFRACTION' . 1.5100 1.5700  1762 0.1846 89.00 0.2215 . . 190 . . 
'X-RAY DIFFRACTION' . 1.5700 1.6300  1792 0.1553 90.00 0.1904 . . 204 . . 
'X-RAY DIFFRACTION' . 1.6300 1.7000  1742 0.1494 89.00 0.1685 . . 204 . . 
'X-RAY DIFFRACTION' . 1.7000 1.7900  1766 0.1521 90.00 0.1723 . . 198 . . 
'X-RAY DIFFRACTION' . 1.7900 1.9000  1764 0.1432 90.00 0.1807 . . 206 . . 
'X-RAY DIFFRACTION' . 1.9000 2.0500  1789 0.1541 90.00 0.2058 . . 194 . . 
'X-RAY DIFFRACTION' . 2.0500 2.2600  1800 0.1476 90.00 0.1699 . . 203 . . 
'X-RAY DIFFRACTION' . 2.2600 2.5800  1740 0.1455 90.00 0.1570 . . 198 . . 
'X-RAY DIFFRACTION' . 2.5900 3.2500  1794 0.1376 90.00 0.1842 . . 203 . . 
'X-RAY DIFFRACTION' . 3.2600 29.3400 1770 0.1383 90.00 0.1873 . . 190 . . 
# 
_struct.entry_id                     7JJF 
_struct.title                        'Sarcin-ricin loop with modified residue.' 
_struct.pdbx_model_details           ? 
_struct.pdbx_formula_weight          ? 
_struct.pdbx_formula_weight_method   ? 
_struct.pdbx_model_type_details      ? 
_struct.pdbx_CASP_flag               N 
# 
_struct_keywords.entry_id        7JJF 
_struct_keywords.text            'sarcin-ricin loop, RNA crystal structure, RNA tetraloops, RNA, DNA-RNA Hybrid' 
_struct_keywords.pdbx_keywords   'DNA-RNA HYBRID' 
# 
loop_
_struct_asym.id 
_struct_asym.pdbx_blank_PDB_chainid_flag 
_struct_asym.pdbx_modified 
_struct_asym.entity_id 
_struct_asym.details 
A N N 1 ? 
B N N 2 ? 
C N N 3 ? 
# 
loop_
_struct_conn.id 
_struct_conn.conn_type_id 
_struct_conn.pdbx_leaving_atom_flag 
_struct_conn.pdbx_PDB_id 
_struct_conn.ptnr1_label_asym_id 
_struct_conn.ptnr1_label_comp_id 
_struct_conn.ptnr1_label_seq_id 
_struct_conn.ptnr1_label_atom_id 
_struct_conn.pdbx_ptnr1_label_alt_id 
_struct_conn.pdbx_ptnr1_PDB_ins_code 
_struct_conn.pdbx_ptnr1_standard_comp_id 
_struct_conn.ptnr1_symmetry 
_struct_conn.ptnr2_label_asym_id 
_struct_conn.ptnr2_label_comp_id 
_struct_conn.ptnr2_label_seq_id 
_struct_conn.ptnr2_label_atom_id 
_struct_conn.pdbx_ptnr2_label_alt_id 
_struct_conn.pdbx_ptnr2_PDB_ins_code 
_struct_conn.ptnr1_auth_asym_id 
_struct_conn.ptnr1_auth_comp_id 
_struct_conn.ptnr1_auth_seq_id 
_struct_conn.ptnr2_auth_asym_id 
_struct_conn.ptnr2_auth_comp_id 
_struct_conn.ptnr2_auth_seq_id 
_struct_conn.ptnr2_symmetry 
_struct_conn.pdbx_ptnr3_label_atom_id 
_struct_conn.pdbx_ptnr3_label_seq_id 
_struct_conn.pdbx_ptnr3_label_comp_id 
_struct_conn.pdbx_ptnr3_label_asym_id 
_struct_conn.pdbx_ptnr3_label_alt_id 
_struct_conn.pdbx_ptnr3_PDB_ins_code 
_struct_conn.details 
_struct_conn.pdbx_dist_value 
_struct_conn.pdbx_value_order 
_struct_conn.pdbx_role 
covale1  covale both ? A DA  14 "O3'" ? ? ? 1_555 A VC7 15 P  ? ? A DA  60 A VC7 74  1_555 ? ? ? ? ? ? ?                    1.562 
? ? 
covale2  covale both ? A VC7 15 "O3'" ? ? ? 1_555 A A   16 P  ? ? A VC7 74 A A   75  1_555 ? ? ? ? ? ? ?                    1.596 
? ? 
metalc1  metalc ?    ? A VC7 15 "O2'" ? ? ? 1_555 B MG  .  MG ? ? A VC7 74 A MG  101 1_555 ? ? ? ? ? ? ?                    2.722 
? ? 
hydrog1  hydrog ?    ? A G   2  N1    ? ? ? 1_555 A U   26 O2 ? ? A G   48 A U   85  1_555 ? ? ? ? ? ? TYPE_28_PAIR         ?     
? ? 
hydrog2  hydrog ?    ? A G   2  O6    ? ? ? 1_555 A U   26 N3 ? ? A G   48 A U   85  1_555 ? ? ? ? ? ? TYPE_28_PAIR         ?     
? ? 
hydrog3  hydrog ?    ? A C   3  N3    A ? ? 1_555 A G   25 N1 ? ? A C   49 A G   84  1_555 ? ? ? ? ? ? WATSON-CRICK         ?     
? ? 
hydrog4  hydrog ?    ? A C   3  N3    B ? ? 1_555 A G   25 N1 ? ? A C   49 A G   84  1_555 ? ? ? ? ? ? WATSON-CRICK         ?     
? ? 
hydrog5  hydrog ?    ? A C   3  N4    A ? ? 1_555 A G   25 O6 ? ? A C   49 A G   84  1_555 ? ? ? ? ? ? WATSON-CRICK         ?     
? ? 
hydrog6  hydrog ?    ? A C   3  N4    B ? ? 1_555 A G   25 O6 ? ? A C   49 A G   84  1_555 ? ? ? ? ? ? WATSON-CRICK         ?     
? ? 
hydrog7  hydrog ?    ? A C   3  O2    A ? ? 1_555 A G   25 N2 ? ? A C   49 A G   84  1_555 ? ? ? ? ? ? WATSON-CRICK         ?     
? ? 
hydrog8  hydrog ?    ? A C   3  O2    B ? ? 1_555 A G   25 N2 ? ? A C   49 A G   84  1_555 ? ? ? ? ? ? WATSON-CRICK         ?     
? ? 
hydrog9  hydrog ?    ? A U   4  N3    ? ? ? 1_555 A A   24 N1 ? ? A U   50 A A   83  1_555 ? ? ? ? ? ? WATSON-CRICK         ?     
? ? 
hydrog10 hydrog ?    ? A U   4  O4    ? ? ? 1_555 A A   24 N6 ? ? A U   50 A A   83  1_555 ? ? ? ? ? ? WATSON-CRICK         ?     
? ? 
hydrog11 hydrog ?    ? A C   5  N3    ? ? ? 1_555 A G   23 N1 ? ? A C   51 A G   82  1_555 ? ? ? ? ? ? WATSON-CRICK         ?     
? ? 
hydrog12 hydrog ?    ? A C   5  N4    ? ? ? 1_555 A G   23 O6 ? ? A C   51 A G   82  1_555 ? ? ? ? ? ? WATSON-CRICK         ?     
? ? 
hydrog13 hydrog ?    ? A C   5  O2    ? ? ? 1_555 A G   23 N2 ? ? A C   51 A G   82  1_555 ? ? ? ? ? ? WATSON-CRICK         ?     
? ? 
hydrog14 hydrog ?    ? A C   6  N3    ? ? ? 1_555 A G   22 N1 ? ? A C   52 A G   81  1_555 ? ? ? ? ? ? WATSON-CRICK         ?     
? ? 
hydrog15 hydrog ?    ? A C   6  N4    ? ? ? 1_555 A G   22 O6 ? ? A C   52 A G   81  1_555 ? ? ? ? ? ? WATSON-CRICK         ?     
? ? 
hydrog16 hydrog ?    ? A C   6  O2    ? ? ? 1_555 A G   22 N2 ? ? A C   52 A G   81  1_555 ? ? ? ? ? ? WATSON-CRICK         ?     
? ? 
hydrog17 hydrog ?    ? A U   7  O2    ? ? ? 1_555 A C   21 N4 ? ? A U   53 A C   80  1_555 ? ? ? ? ? ? 'U-C MISPAIR'        ?     
? ? 
hydrog18 hydrog ?    ? A U   10 N3    ? ? ? 1_555 A A   19 N7 ? ? A U   56 A A   78  1_555 ? ? ? ? ? ? 'REVERSED HOOGSTEEN' ?     
? ? 
hydrog19 hydrog ?    ? A U   10 O2    ? ? ? 1_555 A A   19 N6 ? ? A U   56 A A   78  1_555 ? ? ? ? ? ? 'REVERSED HOOGSTEEN' ?     
? ? 
hydrog20 hydrog ?    ? A A   11 N6    ? ? ? 1_555 A G   18 N3 ? ? A A   57 A G   77  1_555 ? ? ? ? ? ? TYPE_11_PAIR         ?     
? ? 
hydrog21 hydrog ?    ? A A   11 N7    ? ? ? 1_555 A G   18 N2 ? ? A A   57 A G   77  1_555 ? ? ? ? ? ? TYPE_11_PAIR         ?     
? ? 
hydrog22 hydrog ?    ? A C   12 N3    ? ? ? 1_555 A G   17 N1 ? ? A C   58 A G   76  1_555 ? ? ? ? ? ? WATSON-CRICK         ?     
? ? 
hydrog23 hydrog ?    ? A C   12 N4    ? ? ? 1_555 A G   17 O6 ? ? A C   58 A G   76  1_555 ? ? ? ? ? ? WATSON-CRICK         ?     
? ? 
hydrog24 hydrog ?    ? A C   12 O2    ? ? ? 1_555 A G   17 N2 ? ? A C   58 A G   76  1_555 ? ? ? ? ? ? WATSON-CRICK         ?     
? ? 
hydrog25 hydrog ?    ? A G   13 N2    ? ? ? 1_555 A A   16 N7 ? ? A G   59 A A   75  1_555 ? ? ? ? ? ? 'G-A MISPAIR'        ?     
? ? 
# 
loop_
_struct_conn_type.id 
_struct_conn_type.criteria 
_struct_conn_type.reference 
covale ? ? 
metalc ? ? 
hydrog ? ? 
# 
_atom_sites.entry_id                    7JJF 
_atom_sites.fract_transf_matrix[1][1]   -0.01356734 
_atom_sites.fract_transf_matrix[1][2]   -0.00373072 
_atom_sites.fract_transf_matrix[1][3]   0.03104287 
_atom_sites.fract_transf_matrix[2][1]   -0.02936362 
_atom_sites.fract_transf_matrix[2][2]   0.01314468 
_atom_sites.fract_transf_matrix[2][3]   -0.01125370 
_atom_sites.fract_transf_matrix[3][1]   -0.00416500 
_atom_sites.fract_transf_matrix[3][2]   -0.01210839 
_atom_sites.fract_transf_matrix[3][3]   -0.00327550 
_atom_sites.fract_transf_vector[1]      0.166220 
_atom_sites.fract_transf_vector[2]      0.142213 
_atom_sites.fract_transf_vector[3]      0.003026 
# 
loop_
_atom_type.symbol 
_atom_type.scat_dispersion_real 
_atom_type.scat_dispersion_imag 
_atom_type.scat_Cromer_Mann_a1 
_atom_type.scat_Cromer_Mann_a2 
_atom_type.scat_Cromer_Mann_a3 
_atom_type.scat_Cromer_Mann_a4 
_atom_type.scat_Cromer_Mann_b1 
_atom_type.scat_Cromer_Mann_b2 
_atom_type.scat_Cromer_Mann_b3 
_atom_type.scat_Cromer_Mann_b4 
_atom_type.scat_Cromer_Mann_c 
_atom_type.scat_source 
_atom_type.scat_dispersion_source 
C  ? ? 3.54356 2.42580 ? ? 25.62398 1.50364  ? ? 0.0 
;2-Gaussian fit: Grosse-Kunstleve RW, Sauter NK, Adams PD: Newsletter of the IUCr Commission on Crystallographic Computing 2004, 3, 22-31.
;
? 
H  ? ? 0.51345 0.48472 ? ? 24.73122 6.32584  ? ? 0.0 
;2-Gaussian fit: Grosse-Kunstleve RW, Sauter NK, Adams PD: Newsletter of the IUCr Commission on Crystallographic Computing 2004, 3, 22-31.
;
? 
MG ? ? 9.41153 2.53737 ? ? 2.59044  63.03566 ? ? 0.0 
;2-Gaussian fit: Grosse-Kunstleve RW, Sauter NK, Adams PD: Newsletter of the IUCr Commission on Crystallographic Computing 2004, 3, 22-31.
;
? 
N  ? ? 4.01032 2.96436 ? ? 19.97189 1.75589  ? ? 0.0 
;2-Gaussian fit: Grosse-Kunstleve RW, Sauter NK, Adams PD: Newsletter of the IUCr Commission on Crystallographic Computing 2004, 3, 22-31.
;
? 
O  ? ? 4.49882 3.47563 ? ? 15.80542 1.70748  ? ? 0.0 
;2-Gaussian fit: Grosse-Kunstleve RW, Sauter NK, Adams PD: Newsletter of the IUCr Commission on Crystallographic Computing 2004, 3, 22-31.
;
? 
P  ? ? 9.51135 5.44231 ? ? 1.42069  35.72801 ? ? 0.0 
;2-Gaussian fit: Grosse-Kunstleve RW, Sauter NK, Adams PD: Newsletter of the IUCr Commission on Crystallographic Computing 2004, 3, 22-31.
;
? 
# 
loop_
_atom_site.group_PDB 
_atom_site.id 
_atom_site.type_symbol 
_atom_site.label_atom_id 
_atom_site.label_alt_id 
_atom_site.label_comp_id 
_atom_site.label_asym_id 
_atom_site.label_entity_id 
_atom_site.label_seq_id 
_atom_site.pdbx_PDB_ins_code 
_atom_site.Cartn_x 
_atom_site.Cartn_y 
_atom_site.Cartn_z 
_atom_site.occupancy 
_atom_site.B_iso_or_equiv 
_atom_site.pdbx_formal_charge 
_atom_site.auth_seq_id 
_atom_site.auth_comp_id 
_atom_site.auth_asym_id 
_atom_site.auth_atom_id 
_atom_site.pdbx_PDB_model_num 
ATOM   1    O  "O5'"  . U   A 1 1  ? 16.534  -1.138  10.142  1.00 22.46 ? 47  U   A "O5'"  1 
ATOM   2    C  "C5'"  . U   A 1 1  ? 15.951  -2.381  9.763   1.00 21.60 ? 47  U   A "C5'"  1 
ATOM   3    C  "C4'"  . U   A 1 1  ? 14.482  -2.445  10.108  1.00 20.52 ? 47  U   A "C4'"  1 
ATOM   4    O  "O4'"  . U   A 1 1  ? 14.320  -2.562  11.549  1.00 19.30 ? 47  U   A "O4'"  1 
ATOM   5    C  "C3'"  . U   A 1 1  ? 13.668  -1.223  9.694   1.00 20.83 ? 47  U   A "C3'"  1 
ATOM   6    O  "O3'"  . U   A 1 1  ? 12.344  -1.632  9.368   1.00 21.50 ? 47  U   A "O3'"  1 
ATOM   7    C  "C2'"  . U   A 1 1  ? 13.635  -0.397  10.968  1.00 20.15 ? 47  U   A "C2'"  1 
ATOM   8    O  "O2'"  . U   A 1 1  ? 12.569  0.527   11.044  1.00 20.07 ? 47  U   A "O2'"  1 
ATOM   9    C  "C1'"  . U   A 1 1  ? 13.526  -1.491  12.025  1.00 19.17 ? 47  U   A "C1'"  1 
ATOM   10   N  N1     . U   A 1 1  ? 14.030  -1.086  13.339  1.00 18.49 ? 47  U   A N1     1 
ATOM   11   C  C2     . U   A 1 1  ? 13.121  -0.664  14.287  1.00 17.87 ? 47  U   A C2     1 
ATOM   12   O  O2     . U   A 1 1  ? 11.919  -0.625  14.093  1.00 17.75 ? 47  U   A O2     1 
ATOM   13   N  N3     . U   A 1 1  ? 13.679  -0.289  15.480  1.00 17.31 ? 47  U   A N3     1 
ATOM   14   C  C4     . U   A 1 1  ? 15.019  -0.292  15.804  1.00 17.93 ? 47  U   A C4     1 
ATOM   15   O  O4     . U   A 1 1  ? 15.373  0.072   16.924  1.00 18.71 ? 47  U   A O4     1 
ATOM   16   C  C5     . U   A 1 1  ? 15.891  -0.736  14.765  1.00 18.24 ? 47  U   A C5     1 
ATOM   17   C  C6     . U   A 1 1  ? 15.374  -1.108  13.595  1.00 18.53 ? 47  U   A C6     1 
ATOM   18   H  "H5'"  . U   A 1 1  ? 16.414  -3.100  10.221  1.00 25.92 ? 47  U   A "H5'"  1 
ATOM   19   H  "H5''" . U   A 1 1  ? 16.055  -2.499  8.805   1.00 25.92 ? 47  U   A "H5''" 1 
ATOM   20   H  "H4'"  . U   A 1 1  ? 14.103  -3.235  9.694   1.00 24.62 ? 47  U   A "H4'"  1 
ATOM   21   H  "H3'"  . U   A 1 1  ? 14.089  -0.744  8.964   1.00 25.00 ? 47  U   A "H3'"  1 
ATOM   22   H  "H2'"  . U   A 1 1  ? 14.474  0.076   11.076  1.00 24.18 ? 47  U   A "H2'"  1 
ATOM   23   H  "HO2'" . U   A 1 1  ? 12.162  0.416   11.771  1.00 24.09 ? 47  U   A "HO2'" 1 
ATOM   24   H  "H1'"  . U   A 1 1  ? 12.606  -1.786  12.105  1.00 23.00 ? 47  U   A "H1'"  1 
ATOM   25   H  H3     . U   A 1 1  ? 13.136  -0.024  16.093  1.00 20.77 ? 47  U   A H3     1 
ATOM   26   H  H5     . U   A 1 1  ? 16.809  -0.765  14.903  1.00 21.89 ? 47  U   A H5     1 
ATOM   27   H  H6     . U   A 1 1  ? 15.951  -1.395  12.925  1.00 22.24 ? 47  U   A H6     1 
ATOM   28   H  "HO5'" . U   A 1 1  ? 16.873  -1.051  10.904  1.00 26.95 ? 47  U   A "HO5'" 1 
ATOM   29   P  P      . G   A 1 2  ? 11.701  -1.237  7.955   1.00 21.26 ? 48  G   A P      1 
ATOM   30   O  OP1    . G   A 1 2  ? 12.710  -0.444  7.207   1.00 22.32 ? 48  G   A OP1    1 
ATOM   31   O  OP2    . G   A 1 2  ? 10.343  -0.684  8.195   1.00 21.05 ? 48  G   A OP2    1 
ATOM   32   O  "O5'"  . G   A 1 2  ? 11.541  -2.633  7.215   1.00 19.78 ? 48  G   A "O5'"  1 
ATOM   33   C  "C5'"  . G   A 1 2  ? 12.671  -3.247  6.623   1.00 17.87 ? 48  G   A "C5'"  1 
ATOM   34   C  "C4'"  . G   A 1 2  ? 12.515  -4.740  6.538   1.00 16.34 ? 48  G   A "C4'"  1 
ATOM   35   O  "O4'"  . G   A 1 2  ? 12.431  -5.316  7.868   1.00 15.68 ? 48  G   A "O4'"  1 
ATOM   36   C  "C3'"  . G   A 1 2  ? 11.266  -5.249  5.843   1.00 15.94 ? 48  G   A "C3'"  1 
ATOM   37   O  "O3'"  . G   A 1 2  ? 11.337  -5.094  4.426   1.00 15.54 ? 48  G   A "O3'"  1 
ATOM   38   C  "C2'"  . G   A 1 2  ? 11.164  -6.670  6.389   1.00 16.48 ? 48  G   A "C2'"  1 
ATOM   39   O  "O2'"  . G   A 1 2  ? 12.056  -7.558  5.740   1.00 17.30 ? 48  G   A "O2'"  1 
ATOM   40   C  "C1'"  . G   A 1 2  ? 11.616  -6.469  7.836   1.00 15.92 ? 48  G   A "C1'"  1 
ATOM   41   N  N9     . G   A 1 2  ? 10.464  -6.254  8.725   1.00 14.98 ? 48  G   A N9     1 
ATOM   42   C  C8     . G   A 1 2  ? 10.079  -5.063  9.272   1.00 14.75 ? 48  G   A C8     1 
ATOM   43   N  N7     . G   A 1 2  ? 9.014   -5.152  10.008  1.00 15.04 ? 48  G   A N7     1 
ATOM   44   C  C5     . G   A 1 2  ? 8.666   -6.488  9.923   1.00 14.45 ? 48  G   A C5     1 
ATOM   45   C  C6     . G   A 1 2  ? 7.590   -7.176  10.519  1.00 13.85 ? 48  G   A C6     1 
ATOM   46   O  O6     . G   A 1 2  ? 6.717   -6.714  11.254  1.00 13.86 ? 48  G   A O6     1 
ATOM   47   N  N1     . G   A 1 2  ? 7.595   -8.522  10.182  1.00 13.45 ? 48  G   A N1     1 
ATOM   48   C  C2     . G   A 1 2  ? 8.528   -9.134  9.376   1.00 12.61 ? 48  G   A C2     1 
ATOM   49   N  N2     . G   A 1 2  ? 8.351   -10.448 9.174   1.00 12.75 ? 48  G   A N2     1 
ATOM   50   N  N3     . G   A 1 2  ? 9.546   -8.496  8.818   1.00 13.03 ? 48  G   A N3     1 
ATOM   51   C  C4     . G   A 1 2  ? 9.547   -7.186  9.135   1.00 14.14 ? 48  G   A C4     1 
ATOM   52   H  "H5'"  . G   A 1 2  ? 13.456  -3.042  7.156   1.00 21.45 ? 48  G   A "H5'"  1 
ATOM   53   H  "H5''" . G   A 1 2  ? 12.792  -2.890  5.730   1.00 21.45 ? 48  G   A "H5''" 1 
ATOM   54   H  "H4'"  . G   A 1 2  ? 13.295  -5.103  6.089   1.00 19.60 ? 48  G   A "H4'"  1 
ATOM   55   H  "H3'"  . G   A 1 2  ? 10.473  -4.776  6.143   1.00 19.13 ? 48  G   A "H3'"  1 
ATOM   56   H  "H2'"  . G   A 1 2  ? 10.253  -7.001  6.337   1.00 19.77 ? 48  G   A "H2'"  1 
ATOM   57   H  "HO2'" . G   A 1 2  ? 12.442  -8.029  6.318   1.00 20.77 ? 48  G   A "HO2'" 1 
ATOM   58   H  "H1'"  . G   A 1 2  ? 12.132  -7.234  8.136   1.00 19.10 ? 48  G   A "H1'"  1 
ATOM   59   H  H8     . G   A 1 2  ? 10.537  -4.265  9.131   1.00 17.71 ? 48  G   A H8     1 
ATOM   60   H  H1     . G   A 1 2  ? 6.964   -9.013  10.501  1.00 16.15 ? 48  G   A H1     1 
ATOM   61   H  H21    . G   A 1 2  ? 7.688   -10.854 9.540   1.00 15.30 ? 48  G   A H21    1 
ATOM   62   H  H22    . G   A 1 2  ? 8.902   -10.885 8.678   1.00 15.30 ? 48  G   A H22    1 
ATOM   63   P  P      A C   A 1 3  ? 10.099  -4.426  3.638   0.52 14.94 ? 49  C   A P      1 
ATOM   64   P  P      B C   A 1 3  ? 10.728  -6.145  3.351   0.48 14.54 ? 49  C   A P      1 
ATOM   65   O  OP1    A C   A 1 3  ? 10.555  -4.036  2.281   0.52 15.43 ? 49  C   A OP1    1 
ATOM   66   O  OP1    B C   A 1 3  ? 11.828  -6.590  2.456   0.48 13.53 ? 49  C   A OP1    1 
ATOM   67   O  OP2    A C   A 1 3  ? 9.442   -3.408  4.493   0.52 14.35 ? 49  C   A OP2    1 
ATOM   68   O  OP2    B C   A 1 3  ? 9.529   -5.499  2.756   0.48 14.14 ? 49  C   A OP2    1 
ATOM   69   O  "O5'"  A C   A 1 3  ? 9.085   -5.637  3.485   0.52 14.90 ? 49  C   A "O5'"  1 
ATOM   70   O  "O5'"  B C   A 1 3  ? 10.204  -7.427  4.146   0.48 14.34 ? 49  C   A "O5'"  1 
ATOM   71   C  "C5'"  A C   A 1 3  ? 9.562   -6.905  3.067   0.52 14.70 ? 49  C   A "C5'"  1 
ATOM   72   C  "C5'"  B C   A 1 3  ? 10.480  -8.741  3.664   0.48 13.85 ? 49  C   A "C5'"  1 
ATOM   73   C  "C4'"  A C   A 1 3  ? 8.707   -8.026  3.594   0.52 14.42 ? 49  C   A "C4'"  1 
ATOM   74   C  "C4'"  B C   A 1 3  ? 9.389   -9.740  3.989   0.48 12.76 ? 49  C   A "C4'"  1 
ATOM   75   O  "O4'"  A C   A 1 3  ? 8.815   -8.113  5.040   0.52 13.99 ? 49  C   A "O4'"  1 
ATOM   76   O  "O4'"  B C   A 1 3  ? 9.083   -9.715  5.405   0.48 12.31 ? 49  C   A "O4'"  1 
ATOM   77   C  "C3'"  A C   A 1 3  ? 7.215   -7.901  3.358   0.52 14.29 ? 49  C   A "C3'"  1 
ATOM   78   C  "C3'"  B C   A 1 3  ? 8.041   -9.522  3.321   0.48 11.71 ? 49  C   A "C3'"  1 
ATOM   79   O  "O3'"  A C   A 1 3  ? 6.834   -8.202  2.031   0.52 13.91 ? 49  C   A "O3'"  1 
ATOM   80   O  "O3'"  B C   A 1 3  ? 8.004   -9.999  1.995   0.48 10.12 ? 49  C   A "O3'"  1 
ATOM   81   C  "C2'"  A C   A 1 3  ? 6.658   -8.852  4.406   0.52 14.18 ? 49  C   A "C2'"  1 
ATOM   82   C  "C2'"  B C   A 1 3  ? 7.082   -10.259 4.242   0.48 12.15 ? 49  C   A "C2'"  1 
ATOM   83   O  "O2'"  A C   A 1 3  ? 6.846   -10.207 4.022   0.52 14.33 ? 49  C   A "O2'"  1 
ATOM   84   O  "O2'"  B C   A 1 3  ? 7.078   -11.655 3.976   0.48 12.32 ? 49  C   A "O2'"  1 
ATOM   85   C  "C1'"  A C   A 1 3  ? 7.583   -8.548  5.582   0.52 13.69 ? 49  C   A "C1'"  1 
ATOM   86   C  "C1'"  B C   A 1 3  ? 7.713   -10.006 5.607   0.48 12.14 ? 49  C   A "C1'"  1 
ATOM   87   N  N1     A C   A 1 3  ? 7.044   -7.477  6.452   0.52 12.87 ? 49  C   A N1     1 
ATOM   88   N  N1     B C   A 1 3  ? 7.089   -8.858  6.293   0.48 11.03 ? 49  C   A N1     1 
ATOM   89   C  C2     A C   A 1 3  ? 6.066   -7.795  7.399   0.52 11.76 ? 49  C   A C2     1 
ATOM   90   C  C2     B C   A 1 3  ? 5.889   -9.061  6.969   0.48 10.12 ? 49  C   A C2     1 
ATOM   91   O  O2     A C   A 1 3  ? 5.678   -8.968  7.487   0.52 11.59 ? 49  C   A O2     1 
ATOM   92   O  O2     B C   A 1 3  ? 5.391   -10.195 6.954   0.48 9.51  ? 49  C   A O2     1 
ATOM   93   N  N3     A C   A 1 3  ? 5.568   -6.822  8.197   0.52 11.78 ? 49  C   A N3     1 
ATOM   94   N  N3     B C   A 1 3  ? 5.316   -8.012  7.602   0.48 9.77  ? 49  C   A N3     1 
ATOM   95   C  C4     A C   A 1 3  ? 6.013   -5.571  8.074   0.52 12.36 ? 49  C   A C4     1 
ATOM   96   C  C4     B C   A 1 3  ? 5.913   -6.817  7.561   0.48 9.79  ? 49  C   A C4     1 
ATOM   97   N  N4     A C   A 1 3  ? 5.502   -4.641  8.879   0.52 12.54 ? 49  C   A N4     1 
ATOM   98   N  N4     B C   A 1 3  ? 5.326   -5.799  8.190   0.48 9.53  ? 49  C   A N4     1 
ATOM   99   C  C5     A C   A 1 3  ? 7.006   -5.216  7.122   0.52 12.70 ? 49  C   A C5     1 
ATOM   100  C  C5     B C   A 1 3  ? 7.136   -6.592  6.873   0.48 10.04 ? 49  C   A C5     1 
ATOM   101  C  C6     A C   A 1 3  ? 7.488   -6.189  6.338   0.52 12.92 ? 49  C   A C6     1 
ATOM   102  C  C6     B C   A 1 3  ? 7.685   -7.637  6.255   0.48 10.35 ? 49  C   A C6     1 
ATOM   103  H  "H5'"  A C   A 1 3  ? 10.469  -7.022  3.388   0.52 17.64 ? 49  C   A "H5'"  1 
ATOM   104  H  "H5'"  B C   A 1 3  ? 11.310  -9.047  4.060   0.48 16.62 ? 49  C   A "H5'"  1 
ATOM   105  H  "H5''" A C   A 1 3  ? 9.563   -6.938  2.098   0.52 17.64 ? 49  C   A "H5''" 1 
ATOM   106  H  "H5''" B C   A 1 3  ? 10.585  -8.701  2.700   0.48 16.62 ? 49  C   A "H5''" 1 
ATOM   107  H  "H4'"  A C   A 1 3  ? 9.025   -8.856  3.205   0.52 17.31 ? 49  C   A "H4'"  1 
ATOM   108  H  "H4'"  B C   A 1 3  ? 9.713   -10.625 3.758   0.48 15.31 ? 49  C   A "H4'"  1 
ATOM   109  H  "H3'"  A C   A 1 3  ? 6.923   -6.999  3.558   0.52 17.15 ? 49  C   A "H3'"  1 
ATOM   110  H  "H3'"  B C   A 1 3  ? 7.838   -8.573  3.334   0.48 14.06 ? 49  C   A "H3'"  1 
ATOM   111  H  "H2'"  A C   A 1 3  ? 5.727   -8.667  4.609   0.52 17.02 ? 49  C   A "H2'"  1 
ATOM   112  H  "H2'"  B C   A 1 3  ? 6.185   -9.893  4.193   0.48 14.58 ? 49  C   A "H2'"  1 
ATOM   113  H  "HO2'" A C   A 1 3  ? 6.381   -10.365 3.340   0.52 17.20 ? 49  C   A "HO2'" 1 
ATOM   114  H  "HO2'" B C   A 1 3  ? 6.699   -11.792 3.239   0.48 14.78 ? 49  C   A "HO2'" 1 
ATOM   115  H  "H1'"  A C   A 1 3  ? 7.719   -9.350  6.109   0.52 16.43 ? 49  C   A "H1'"  1 
ATOM   116  H  "H1'"  B C   A 1 3  ? 7.632   -10.802 6.156   0.48 14.57 ? 49  C   A "H1'"  1 
ATOM   117  H  H41    A C   A 1 3  ? 5.772   -3.826  8.821   0.52 15.05 ? 49  C   A H41    1 
ATOM   118  H  H41    B C   A 1 3  ? 5.690   -5.019  8.178   0.48 11.43 ? 49  C   A H41    1 
ATOM   119  H  H42    A C   A 1 3  ? 4.903   -4.854  9.458   0.52 15.05 ? 49  C   A H42    1 
ATOM   120  H  H42    B C   A 1 3  ? 4.586   -5.920  8.608   0.48 11.43 ? 49  C   A H42    1 
ATOM   121  H  H5     A C   A 1 3  ? 7.310   -4.341  7.046   0.52 15.24 ? 49  C   A H5     1 
ATOM   122  H  H5     B C   A 1 3  ? 7.537   -5.753  6.856   0.48 12.05 ? 49  C   A H5     1 
ATOM   123  H  H6     A C   A 1 3  ? 8.136   -5.984  5.703   0.52 15.51 ? 49  C   A H6     1 
ATOM   124  H  H6     B C   A 1 3  ? 8.485   -7.529  5.792   0.48 12.42 ? 49  C   A H6     1 
ATOM   125  P  P      A U   A 1 4  ? 5.718   -7.314  1.292   0.34 13.30 ? 50  U   A P      1 
ATOM   126  P  P      B U   A 1 4  ? 6.876   -9.459  0.990   0.66 11.51 ? 50  U   A P      1 
ATOM   127  O  OP1    A U   A 1 4  ? 5.912   -7.465  -0.173  0.34 13.45 ? 50  U   A OP1    1 
ATOM   128  O  OP1    B U   A 1 4  ? 7.216   -9.990  -0.356  0.66 12.85 ? 50  U   A OP1    1 
ATOM   129  O  OP2    A U   A 1 4  ? 5.675   -5.963  1.904   0.34 13.18 ? 50  U   A OP2    1 
ATOM   130  O  OP2    B U   A 1 4  ? 6.694   -8.001  1.219   0.66 11.32 ? 50  U   A OP2    1 
ATOM   131  O  "O5'"  A U   A 1 4  ? 4.364   -8.066  1.639   0.34 12.03 ? 50  U   A "O5'"  1 
ATOM   132  O  "O5'"  B U   A 1 4  ? 5.522   -10.141 1.497   0.66 9.61  ? 50  U   A "O5'"  1 
ATOM   133  C  "C5'"  A U   A 1 4  ? 4.266   -9.468  1.465   0.34 10.59 ? 50  U   A "C5'"  1 
ATOM   134  C  "C5'"  B U   A 1 4  ? 4.287   -9.426  1.468   0.66 8.70  ? 50  U   A "C5'"  1 
ATOM   135  C  "C4'"  A U   A 1 4  ? 3.232   -10.052 2.384   0.34 9.54  ? 50  U   A "C4'"  1 
ATOM   136  C  "C4'"  B U   A 1 4  ? 3.244   -10.035 2.379   0.66 8.90  ? 50  U   A "C4'"  1 
ATOM   137  O  "O4'"  . U   A 1 4  ? 3.620   -9.838  3.763   1.00 9.47  ? 50  U   A "O4'"  1 
ATOM   138  C  "C3'"  . U   A 1 4  ? 1.855   -9.423  2.299   1.00 9.17  ? 50  U   A "C3'"  1 
ATOM   139  O  "O3'"  . U   A 1 4  ? 1.114   -9.887  1.197   1.00 10.64 ? 50  U   A "O3'"  1 
ATOM   140  C  "C2'"  . U   A 1 4  ? 1.255   -9.777  3.646   1.00 9.22  ? 50  U   A "C2'"  1 
ATOM   141  O  "O2'"  . U   A 1 4  ? 0.859   -11.140 3.670   1.00 9.29  ? 50  U   A "O2'"  1 
ATOM   142  C  "C1'"  . U   A 1 4  ? 2.467   -9.614  4.552   1.00 8.91  ? 50  U   A "C1'"  1 
ATOM   143  N  N1     . U   A 1 4  ? 2.562   -8.279  5.203   1.00 6.84  ? 50  U   A N1     1 
ATOM   144  C  C2     . U   A 1 4  ? 1.689   -7.986  6.228   1.00 6.15  ? 50  U   A C2     1 
ATOM   145  O  O2     . U   A 1 4  ? 0.826   -8.758  6.581   1.00 7.56  ? 50  U   A O2     1 
ATOM   146  N  N3     . U   A 1 4  ? 1.851   -6.764  6.840   1.00 5.50  ? 50  U   A N3     1 
ATOM   147  C  C4     . U   A 1 4  ? 2.804   -5.804  6.544   1.00 6.55  ? 50  U   A C4     1 
ATOM   148  O  O4     . U   A 1 4  ? 2.854   -4.730  7.152   1.00 9.19  ? 50  U   A O4     1 
ATOM   149  C  C5     . U   A 1 4  ? 3.675   -6.167  5.469   1.00 7.62  ? 50  U   A C5     1 
ATOM   150  C  C6     . U   A 1 4  ? 3.533   -7.362  4.866   1.00 7.63  ? 50  U   A C6     1 
ATOM   151  H  "H5'"  A U   A 1 4  ? 5.126   -9.874  1.653   0.34 12.71 ? 50  U   A "H5'"  1 
ATOM   152  H  "H5'"  B U   A 1 4  ? 3.947   -9.427  0.558   0.66 10.44 ? 50  U   A "H5'"  1 
ATOM   153  H  "H5''" A U   A 1 4  ? 4.021   -9.660  0.546   0.34 12.71 ? 50  U   A "H5''" 1 
ATOM   154  H  "H5''" B U   A 1 4  ? 4.448   -8.511  1.744   0.66 10.44 ? 50  U   A "H5''" 1 
ATOM   155  H  "H4'"  A U   A 1 4  ? 3.164   -11.005 2.220   0.34 11.45 ? 50  U   A "H4'"  1 
ATOM   156  H  "H4'"  B U   A 1 4  ? 3.189   -10.986 2.197   0.66 10.68 ? 50  U   A "H4'"  1 
ATOM   157  H  "H3'"  A U   A 1 4  ? 1.939   -8.459  2.237   0.34 11.01 ? 50  U   A "H3'"  1 
ATOM   158  H  "H3'"  B U   A 1 4  ? 1.935   -8.458  2.239   0.66 11.01 ? 50  U   A "H3'"  1 
ATOM   159  H  "H2'"  . U   A 1 4  ? 0.529   -9.183  3.893   1.00 11.07 ? 50  U   A "H2'"  1 
ATOM   160  H  "HO2'" . U   A 1 4  ? 0.650   -11.378 2.893   1.00 11.14 ? 50  U   A "HO2'" 1 
ATOM   161  H  "H1'"  . U   A 1 4  ? 2.416   -10.279 5.256   1.00 10.70 ? 50  U   A "H1'"  1 
ATOM   162  H  H3     . U   A 1 4  ? 1.302   -6.576  7.474   1.00 6.59  ? 50  U   A H3     1 
ATOM   163  H  H5     . U   A 1 4  ? 4.339   -5.579  5.187   1.00 9.14  ? 50  U   A H5     1 
ATOM   164  H  H6     . U   A 1 4  ? 4.124   -7.580  4.181   1.00 9.16  ? 50  U   A H6     1 
ATOM   165  P  P      . C   A 1 5  ? 0.176   -8.860  0.417   1.00 11.33 ? 51  C   A P      1 
ATOM   166  O  OP1    . C   A 1 5  ? -0.415  -9.597  -0.725  1.00 11.89 ? 51  C   A OP1    1 
ATOM   167  O  OP2    . C   A 1 5  ? 0.892   -7.589  0.203   1.00 10.51 ? 51  C   A OP2    1 
ATOM   168  O  "O5'"  . C   A 1 5  ? -1.005  -8.611  1.441   1.00 9.15  ? 51  C   A "O5'"  1 
ATOM   169  C  "C5'"  . C   A 1 5  ? -1.784  -9.695  1.906   1.00 7.16  ? 51  C   A "C5'"  1 
ATOM   170  C  "C4'"  . C   A 1 5  ? -2.651  -9.264  3.044   1.00 6.51  ? 51  C   A "C4'"  1 
ATOM   171  O  "O4'"  . C   A 1 5  ? -1.833  -8.886  4.182   1.00 6.94  ? 51  C   A "O4'"  1 
ATOM   172  C  "C3'"  . C   A 1 5  ? -3.483  -8.032  2.772   1.00 6.99  ? 51  C   A "C3'"  1 
ATOM   173  O  "O3'"  . C   A 1 5  ? -4.632  -8.333  2.016   1.00 8.09  ? 51  C   A "O3'"  1 
ATOM   174  C  "C2'"  . C   A 1 5  ? -3.769  -7.521  4.175   1.00 5.99  ? 51  C   A "C2'"  1 
ATOM   175  O  "O2'"  . C   A 1 5  ? -4.803  -8.278  4.787   1.00 6.82  ? 51  C   A "O2'"  1 
ATOM   176  C  "C1'"  . C   A 1 5  ? -2.444  -7.819  4.874   1.00 6.55  ? 51  C   A "C1'"  1 
ATOM   177  N  N1     . C   A 1 5  ? -1.514  -6.662  4.879   1.00 6.54  ? 51  C   A N1     1 
ATOM   178  C  C2     . C   A 1 5  ? -1.770  -5.650  5.792   1.00 4.81  ? 51  C   A C2     1 
ATOM   179  O  O2     . C   A 1 5  ? -2.765  -5.797  6.488   1.00 5.09  ? 51  C   A O2     1 
ATOM   180  N  N3     . C   A 1 5  ? -0.974  -4.568  5.872   1.00 4.70  ? 51  C   A N3     1 
ATOM   181  C  C4     . C   A 1 5  ? 0.073   -4.502  5.055   1.00 5.23  ? 51  C   A C4     1 
ATOM   182  N  N4     . C   A 1 5  ? 0.856   -3.434  5.163   1.00 6.33  ? 51  C   A N4     1 
ATOM   183  C  C5     . C   A 1 5  ? 0.384   -5.515  4.109   1.00 6.79  ? 51  C   A C5     1 
ATOM   184  C  C6     . C   A 1 5  ? -0.432  -6.572  4.051   1.00 7.86  ? 51  C   A C6     1 
ATOM   185  H  "H5'"  . C   A 1 5  ? -1.196  -10.409 2.201   1.00 8.60  ? 51  C   A "H5'"  1 
ATOM   186  H  "H5''" . C   A 1 5  ? -2.341  -10.024 1.182   1.00 8.60  ? 51  C   A "H5''" 1 
ATOM   187  H  "H4'"  . C   A 1 5  ? -3.225  -10.000 3.310   1.00 7.81  ? 51  C   A "H4'"  1 
ATOM   188  H  "H3'"  . C   A 1 5  ? -2.957  -7.365  2.304   1.00 8.39  ? 51  C   A "H3'"  1 
ATOM   189  H  "H2'"  . C   A 1 5  ? -3.973  -6.573  4.187   1.00 7.19  ? 51  C   A "H2'"  1 
ATOM   190  H  "HO2'" . C   A 1 5  ? -4.514  -8.602  5.507   1.00 8.19  ? 51  C   A "HO2'" 1 
ATOM   191  H  "H1'"  . C   A 1 5  ? -2.622  -8.077  5.792   1.00 7.86  ? 51  C   A "H1'"  1 
ATOM   192  H  H41    . C   A 1 5  ? 1.544   -3.352  4.654   1.00 7.60  ? 51  C   A H41    1 
ATOM   193  H  H42    . C   A 1 5  ? 0.674   -2.825  5.743   1.00 7.60  ? 51  C   A H42    1 
ATOM   194  H  H5     . C   A 1 5  ? 1.125   -5.444  3.551   1.00 8.15  ? 51  C   A H5     1 
ATOM   195  H  H6     . C   A 1 5  ? -0.261  -7.253  3.441   1.00 9.44  ? 51  C   A H6     1 
ATOM   196  P  P      . C   A 1 6  ? -5.345  -7.181  1.171   1.00 8.62  ? 52  C   A P      1 
ATOM   197  O  OP1    . C   A 1 6  ? -6.464  -7.823  0.466   1.00 7.08  ? 52  C   A OP1    1 
ATOM   198  O  OP2    . C   A 1 6  ? -4.387  -6.360  0.396   1.00 8.41  ? 52  C   A OP2    1 
ATOM   199  O  "O5'"  . C   A 1 6  ? -5.977  -6.232  2.284   1.00 6.20  ? 52  C   A "O5'"  1 
ATOM   200  C  "C5'"  . C   A 1 6  ? -6.990  -6.691  3.170   1.00 5.76  ? 52  C   A "C5'"  1 
ATOM   201  C  "C4'"  . C   A 1 6  ? -7.434  -5.609  4.121   1.00 5.50  ? 52  C   A "C4'"  1 
ATOM   202  O  "O4'"  . C   A 1 6  ? -6.362  -5.260  5.025   1.00 4.79  ? 52  C   A "O4'"  1 
ATOM   203  C  "C3'"  . C   A 1 6  ? -7.825  -4.284  3.493   1.00 6.00  ? 52  C   A "C3'"  1 
ATOM   204  O  "O3'"  . C   A 1 6  ? -9.141  -4.300  2.999   1.00 6.03  ? 52  C   A "O3'"  1 
ATOM   205  C  "C2'"  . C   A 1 6  ? -7.680  -3.329  4.657   1.00 5.12  ? 52  C   A "C2'"  1 
ATOM   206  O  "O2'"  . C   A 1 6  ? -8.779  -3.471  5.562   1.00 4.67  ? 52  C   A "O2'"  1 
ATOM   207  C  "C1'"  . C   A 1 6  ? -6.445  -3.886  5.343   1.00 4.39  ? 52  C   A "C1'"  1 
ATOM   208  N  N1     . C   A 1 6  ? -5.185  -3.228  4.945   1.00 3.33  ? 52  C   A N1     1 
ATOM   209  C  C2     . C   A 1 6  ? -4.860  -2.013  5.559   1.00 6.17  ? 52  C   A C2     1 
ATOM   210  O  O2     . C   A 1 6  ? -5.660  -1.524  6.358   1.00 6.81  ? 52  C   A O2     1 
ATOM   211  N  N3     . C   A 1 6  ? -3.700  -1.412  5.261   1.00 5.79  ? 52  C   A N3     1 
ATOM   212  C  C4     . C   A 1 6  ? -2.890  -2.026  4.394   1.00 4.37  ? 52  C   A C4     1 
ATOM   213  N  N4     . C   A 1 6  ? -1.744  -1.400  4.119   1.00 6.05  ? 52  C   A N4     1 
ATOM   214  C  C5     . C   A 1 6  ? -3.203  -3.276  3.752   1.00 3.87  ? 52  C   A C5     1 
ATOM   215  C  C6     . C   A 1 6  ? -4.357  -3.855  4.075   1.00 3.75  ? 52  C   A C6     1 
ATOM   216  H  "H5'"  . C   A 1 6  ? -6.647  -7.440  3.682   1.00 6.92  ? 52  C   A "H5'"  1 
ATOM   217  H  "H5''" . C   A 1 6  ? -7.754  -6.987  2.650   1.00 6.92  ? 52  C   A "H5''" 1 
ATOM   218  H  "H4'"  . C   A 1 6  ? -8.179  -5.948  4.640   1.00 6.60  ? 52  C   A "H4'"  1 
ATOM   219  H  "H3'"  . C   A 1 6  ? -7.195  -4.066  2.788   1.00 7.20  ? 52  C   A "H3'"  1 
ATOM   220  H  "H2'"  . C   A 1 6  ? -7.560  -2.412  4.359   1.00 6.15  ? 52  C   A "H2'"  1 
ATOM   221  H  "HO2'" . C   A 1 6  ? -8.763  -4.243  5.892   1.00 5.61  ? 52  C   A "HO2'" 1 
ATOM   222  H  "H1'"  . C   A 1 6  ? -6.553  -3.770  6.300   1.00 5.26  ? 52  C   A "H1'"  1 
ATOM   223  H  H41    . C   A 1 6  ? -1.184  -1.749  3.569   1.00 7.26  ? 52  C   A H41    1 
ATOM   224  H  H42    . C   A 1 6  ? -1.565  -0.647  4.494   1.00 7.26  ? 52  C   A H42    1 
ATOM   225  H  H5     . C   A 1 6  ? -2.625  -3.664  3.137   1.00 4.65  ? 52  C   A H5     1 
ATOM   226  H  H6     . C   A 1 6  ? -4.592  -4.678  3.709   1.00 4.49  ? 52  C   A H6     1 
ATOM   227  P  P      . U   A 1 7  ? -9.495  -3.472  1.677   1.00 7.02  ? 53  U   A P      1 
ATOM   228  O  OP1    . U   A 1 7  ? -10.936 -3.680  1.387   1.00 7.19  ? 53  U   A OP1    1 
ATOM   229  O  OP2    . U   A 1 7  ? -8.510  -3.745  0.593   1.00 8.14  ? 53  U   A OP2    1 
ATOM   230  O  "O5'"  . U   A 1 7  ? -9.231  -1.952  2.067   1.00 5.89  ? 53  U   A "O5'"  1 
ATOM   231  C  "C5'"  . U   A 1 7  ? -9.955  -1.281  3.093   1.00 4.31  ? 53  U   A "C5'"  1 
ATOM   232  C  "C4'"  . U   A 1 7  ? -9.305  0.039   3.435   1.00 5.12  ? 53  U   A "C4'"  1 
ATOM   233  O  "O4'"  . U   A 1 7  ? -7.976  -0.194  3.956   1.00 5.95  ? 53  U   A "O4'"  1 
ATOM   234  C  "C3'"  . U   A 1 7  ? -9.073  0.960   2.259   1.00 6.27  ? 53  U   A "C3'"  1 
ATOM   235  O  "O3'"  . U   A 1 7  ? -10.222 1.673   1.867   1.00 6.77  ? 53  U   A "O3'"  1 
ATOM   236  C  "C2'"  . U   A 1 7  ? -7.918  1.837   2.725   1.00 5.32  ? 53  U   A "C2'"  1 
ATOM   237  O  "O2'"  . U   A 1 7  ? -8.351  2.913   3.552   1.00 6.09  ? 53  U   A "O2'"  1 
ATOM   238  C  "C1'"  . U   A 1 7  ? -7.115  0.860   3.584   1.00 6.10  ? 53  U   A "C1'"  1 
ATOM   239  N  N1     . U   A 1 7  ? -5.959  0.301   2.851   1.00 6.98  ? 53  U   A N1     1 
ATOM   240  C  C2     . U   A 1 7  ? -4.746  0.974   2.979   1.00 7.55  ? 53  U   A C2     1 
ATOM   241  O  O2     . U   A 1 7  ? -4.558  1.971   3.671   1.00 7.54  ? 53  U   A O2     1 
ATOM   242  N  N3     . U   A 1 7  ? -3.712  0.401   2.288   1.00 7.46  ? 53  U   A N3     1 
ATOM   243  C  C4     . U   A 1 7  ? -3.753  -0.729  1.502   1.00 7.42  ? 53  U   A C4     1 
ATOM   244  O  O4     . U   A 1 7  ? -2.732  -1.103  0.932   1.00 8.65  ? 53  U   A O4     1 
ATOM   245  C  C5     . U   A 1 7  ? -5.037  -1.352  1.398   1.00 6.05  ? 53  U   A C5     1 
ATOM   246  C  C6     . U   A 1 7  ? -6.074  -0.830  2.063   1.00 7.21  ? 53  U   A C6     1 
ATOM   247  H  "H5'"  . U   A 1 7  ? -9.980  -1.840  3.885   1.00 5.17  ? 53  U   A "H5'"  1 
ATOM   248  H  "H5''" . U   A 1 7  ? -10.863 -1.122  2.791   1.00 5.17  ? 53  U   A "H5''" 1 
ATOM   249  H  "H4'"  . U   A 1 7  ? -9.832  0.496   4.110   1.00 6.15  ? 53  U   A "H4'"  1 
ATOM   250  H  "H3'"  . U   A 1 7  ? -8.769  0.429   1.507   1.00 7.53  ? 53  U   A "H3'"  1 
ATOM   251  H  "H2'"  . U   A 1 7  ? -7.409  2.164   1.967   1.00 6.38  ? 53  U   A "H2'"  1 
ATOM   252  H  "HO2'" . U   A 1 7  ? -8.840  3.426   3.100   1.00 7.31  ? 53  U   A "HO2'" 1 
ATOM   253  H  "H1'"  . U   A 1 7  ? -6.801  1.312   4.382   1.00 7.32  ? 53  U   A "H1'"  1 
ATOM   254  H  H3     . U   A 1 7  ? -2.948  0.791   2.353   1.00 8.95  ? 53  U   A H3     1 
ATOM   255  H  H5     . U   A 1 7  ? -5.149  -2.110  0.872   1.00 7.26  ? 53  U   A H5     1 
ATOM   256  H  H6     . U   A 1 7  ? -6.904  -1.244  1.995   1.00 8.65  ? 53  U   A H6     1 
ATOM   257  P  P      . A   A 1 8  ? -10.288 2.248   0.366   1.00 7.96  ? 54  A   A P      1 
ATOM   258  O  OP1    . A   A 1 8  ? -9.136  3.143   0.082   1.00 7.79  ? 54  A   A OP1    1 
ATOM   259  O  OP2    . A   A 1 8  ? -11.653 2.793   0.143   1.00 9.87  ? 54  A   A OP2    1 
ATOM   260  O  "O5'"  . A   A 1 8  ? -10.111 0.957   -0.528  1.00 8.05  ? 54  A   A "O5'"  1 
ATOM   261  C  "C5'"  . A   A 1 8  ? -10.413 1.004   -1.912  1.00 8.73  ? 54  A   A "C5'"  1 
ATOM   262  C  "C4'"  . A   A 1 8  ? -9.480  0.137   -2.712  1.00 8.03  ? 54  A   A "C4'"  1 
ATOM   263  O  "O4'"  . A   A 1 8  ? -8.177  0.769   -2.789  1.00 7.07  ? 54  A   A "O4'"  1 
ATOM   264  C  "C3'"  . A   A 1 8  ? -9.240  -1.264  -2.161  1.00 7.79  ? 54  A   A "C3'"  1 
ATOM   265  O  "O3'"  . A   A 1 8  ? -9.007  -2.146  -3.244  1.00 7.99  ? 54  A   A "O3'"  1 
ATOM   266  C  "C2'"  . A   A 1 8  ? -7.933  -1.116  -1.396  1.00 7.99  ? 54  A   A "C2'"  1 
ATOM   267  O  "O2'"  . A   A 1 8  ? -7.176  -2.301  -1.317  1.00 9.04  ? 54  A   A "O2'"  1 
ATOM   268  C  "C1'"  . A   A 1 8  ? -7.195  -0.088  -2.237  1.00 7.04  ? 54  A   A "C1'"  1 
ATOM   269  N  N9     . A   A 1 8  ? -6.235  0.720   -1.489  1.00 6.15  ? 54  A   A N9     1 
ATOM   270  C  C8     . A   A 1 8  ? -6.456  1.687   -0.551  1.00 6.25  ? 54  A   A C8     1 
ATOM   271  N  N7     . A   A 1 8  ? -5.360  2.235   -0.091  1.00 6.15  ? 54  A   A N7     1 
ATOM   272  C  C5     . A   A 1 8  ? -4.367  1.562   -0.804  1.00 6.21  ? 54  A   A C5     1 
ATOM   273  C  C6     . A   A 1 8  ? -2.966  1.628   -0.801  1.00 5.63  ? 54  A   A C6     1 
ATOM   274  N  N6     . A   A 1 8  ? -2.307  2.472   -0.018  1.00 6.00  ? 54  A   A N6     1 
ATOM   275  N  N1     . A   A 1 8  ? -2.289  0.801   -1.643  1.00 5.64  ? 54  A   A N1     1 
ATOM   276  C  C2     . A   A 1 8  ? -2.971  -0.056  -2.409  1.00 5.35  ? 54  A   A C2     1 
ATOM   277  N  N3     . A   A 1 8  ? -4.278  -0.207  -2.500  1.00 5.91  ? 54  A   A N3     1 
ATOM   278  C  C4     . A   A 1 8  ? -4.897  0.629   -1.660  1.00 6.10  ? 54  A   A C4     1 
ATOM   279  H  "H5'"  . A   A 1 8  ? -10.338 1.920   -2.221  1.00 10.48 ? 54  A   A "H5'"  1 
ATOM   280  H  "H5''" . A   A 1 8  ? -11.323 0.698   -2.047  1.00 10.48 ? 54  A   A "H5''" 1 
ATOM   281  H  "H4'"  . A   A 1 8  ? -9.838  0.057   -3.611  1.00 9.64  ? 54  A   A "H4'"  1 
ATOM   282  H  "H3'"  . A   A 1 8  ? -9.972  -1.546  -1.589  1.00 9.35  ? 54  A   A "H3'"  1 
ATOM   283  H  "H2'"  . A   A 1 8  ? -8.122  -0.762  -0.512  1.00 9.59  ? 54  A   A "H2'"  1 
ATOM   284  H  "HO2'" . A   A 1 8  ? -7.569  -2.844  -0.810  1.00 10.85 ? 54  A   A "HO2'" 1 
ATOM   285  H  "H1'"  . A   A 1 8  ? -6.739  -0.541  -2.963  1.00 8.45  ? 54  A   A "H1'"  1 
ATOM   286  H  H8     . A   A 1 8  ? -7.306  1.934   -0.265  1.00 7.50  ? 54  A   A H8     1 
ATOM   287  H  H61    . A   A 1 8  ? -1.447  2.498   -0.042  1.00 7.20  ? 54  A   A H61    1 
ATOM   288  H  H62    . A   A 1 8  ? -2.738  2.993   0.512   1.00 7.20  ? 54  A   A H62    1 
ATOM   289  H  H2     . A   A 1 8  ? -2.459  -0.617  -2.945  1.00 6.42  ? 54  A   A H2     1 
ATOM   290  P  P      . G   A 1 9  ? -10.196 -2.893  -4.003  1.00 10.85 ? 55  G   A P      1 
ATOM   291  O  OP1    . G   A 1 9  ? -11.340 -1.980  -4.223  1.00 12.66 ? 55  G   A OP1    1 
ATOM   292  O  OP2    . G   A 1 9  ? -10.452 -4.187  -3.333  1.00 11.94 ? 55  G   A OP2    1 
ATOM   293  O  "O5'"  . G   A 1 9  ? -9.480  -3.264  -5.378  1.00 11.50 ? 55  G   A "O5'"  1 
ATOM   294  C  "C5'"  . G   A 1 9  ? -9.615  -2.457  -6.539  1.00 10.89 ? 55  G   A "C5'"  1 
ATOM   295  C  "C4'"  . G   A 1 9  ? -8.715  -1.255  -6.519  1.00 11.62 ? 55  G   A "C4'"  1 
ATOM   296  O  "O4'"  . G   A 1 9  ? -7.317  -1.680  -6.575  1.00 11.28 ? 55  G   A "O4'"  1 
ATOM   297  C  "C3'"  . G   A 1 9  ? -8.905  -0.345  -7.729  1.00 11.45 ? 55  G   A "C3'"  1 
ATOM   298  O  "O3'"  . G   A 1 9  ? -8.510  0.977   -7.360  1.00 9.77  ? 55  G   A "O3'"  1 
ATOM   299  C  "C2'"  . G   A 1 9  ? -7.882  -0.918  -8.695  1.00 10.63 ? 55  G   A "C2'"  1 
ATOM   300  O  "O2'"  . G   A 1 9  ? -7.564  -0.102  -9.799  1.00 12.15 ? 55  G   A "O2'"  1 
ATOM   301  C  "C1'"  . G   A 1 9  ? -6.722  -1.115  -7.732  1.00 9.74  ? 55  G   A "C1'"  1 
ATOM   302  N  N9     . G   A 1 9  ? -5.611  -1.941  -8.209  1.00 9.04  ? 55  G   A N9     1 
ATOM   303  C  C8     . G   A 1 9  ? -5.614  -2.996  -9.088  1.00 9.20  ? 55  G   A C8     1 
ATOM   304  N  N7     . G   A 1 9  ? -4.417  -3.472  -9.304  1.00 8.81  ? 55  G   A N7     1 
ATOM   305  C  C5     . G   A 1 9  ? -3.584  -2.667  -8.542  1.00 9.31  ? 55  G   A C5     1 
ATOM   306  C  C6     . G   A 1 9  ? -2.186  -2.710  -8.364  1.00 10.74 ? 55  G   A C6     1 
ATOM   307  O  O6     . G   A 1 9  ? -1.382  -3.498  -8.885  1.00 13.47 ? 55  G   A O6     1 
ATOM   308  N  N1     . G   A 1 9  ? -1.742  -1.717  -7.496  1.00 9.64  ? 55  G   A N1     1 
ATOM   309  C  C2     . G   A 1 9  ? -2.540  -0.799  -6.855  1.00 8.11  ? 55  G   A C2     1 
ATOM   310  N  N2     . G   A 1 9  ? -1.921  0.076   -6.055  1.00 8.29  ? 55  G   A N2     1 
ATOM   311  N  N3     . G   A 1 9  ? -3.849  -0.751  -7.012  1.00 8.17  ? 55  G   A N3     1 
ATOM   312  C  C4     . G   A 1 9  ? -4.296  -1.716  -7.856  1.00 8.44  ? 55  G   A C4     1 
ATOM   313  H  "H5'"  . G   A 1 9  ? -10.535 -2.156  -6.605  1.00 13.07 ? 55  G   A "H5'"  1 
ATOM   314  H  "H5''" . G   A 1 9  ? -9.403  -2.994  -7.318  1.00 13.07 ? 55  G   A "H5''" 1 
ATOM   315  H  "H4'"  . G   A 1 9  ? -8.848  -0.768  -5.692  1.00 13.95 ? 55  G   A "H4'"  1 
ATOM   316  H  "H3'"  . G   A 1 9  ? -9.806  -0.372  -8.086  1.00 13.74 ? 55  G   A "H3'"  1 
ATOM   317  H  "H2'"  . G   A 1 9  ? -8.178  -1.773  -9.046  1.00 12.76 ? 55  G   A "H2'"  1 
ATOM   318  H  "HO2'" . G   A 1 9  ? -6.745  0.083   -9.776  1.00 14.58 ? 55  G   A "HO2'" 1 
ATOM   319  H  "H1'"  . G   A 1 9  ? -6.332  -0.256  -7.506  1.00 11.69 ? 55  G   A "H1'"  1 
ATOM   320  H  H8     . G   A 1 9  ? -6.384  -3.334  -9.485  1.00 11.04 ? 55  G   A H8     1 
ATOM   321  H  H1     . G   A 1 9  ? -0.896  -1.674  -7.348  1.00 11.56 ? 55  G   A H1     1 
ATOM   322  H  H21    . G   A 1 9  ? -1.068  0.040   -5.957  1.00 9.95  ? 55  G   A H21    1 
ATOM   323  H  H22    . G   A 1 9  ? -2.377  0.675   -5.638  1.00 9.95  ? 55  G   A H22    1 
ATOM   324  P  P      . U   A 1 10 ? -8.787  2.231   -8.323  1.00 9.58  ? 56  U   A P      1 
ATOM   325  O  OP1    . U   A 1 10 ? -9.956  1.899   -9.167  1.00 10.19 ? 56  U   A OP1    1 
ATOM   326  O  OP2    . U   A 1 10 ? -7.490  2.615   -8.962  1.00 11.28 ? 56  U   A OP2    1 
ATOM   327  O  "O5'"  . U   A 1 10 ? -9.226  3.372   -7.312  1.00 7.27  ? 56  U   A "O5'"  1 
ATOM   328  C  "C5'"  . U   A 1 10 ? -10.346 3.185   -6.458  1.00 7.13  ? 56  U   A "C5'"  1 
ATOM   329  C  "C4'"  . U   A 1 10 ? -10.149 3.848   -5.120  1.00 6.37  ? 56  U   A "C4'"  1 
ATOM   330  O  "O4'"  . U   A 1 10 ? -9.353  2.979   -4.275  1.00 6.12  ? 56  U   A "O4'"  1 
ATOM   331  C  "C3'"  . U   A 1 10 ? -9.371  5.154   -5.173  1.00 7.11  ? 56  U   A "C3'"  1 
ATOM   332  O  "O3'"  . U   A 1 10 ? -10.202 6.264   -5.440  1.00 9.45  ? 56  U   A "O3'"  1 
ATOM   333  C  "C2'"  . U   A 1 10 ? -8.705  5.214   -3.812  1.00 7.13  ? 56  U   A "C2'"  1 
ATOM   334  O  "O2'"  . U   A 1 10 ? -9.614  5.698   -2.834  1.00 7.71  ? 56  U   A "O2'"  1 
ATOM   335  C  "C1'"  . U   A 1 10 ? -8.420  3.737   -3.539  1.00 7.31  ? 56  U   A "C1'"  1 
ATOM   336  N  N1     . U   A 1 10 ? -7.038  3.320   -3.911  1.00 7.82  ? 56  U   A N1     1 
ATOM   337  C  C2     . U   A 1 10 ? -5.987  3.935   -3.252  1.00 6.93  ? 56  U   A C2     1 
ATOM   338  O  O2     . U   A 1 10 ? -6.149  4.819   -2.425  1.00 6.26  ? 56  U   A O2     1 
ATOM   339  N  N3     . U   A 1 10 ? -4.750  3.471   -3.592  1.00 7.35  ? 56  U   A N3     1 
ATOM   340  C  C4     . U   A 1 10 ? -4.441  2.483   -4.504  1.00 7.66  ? 56  U   A C4     1 
ATOM   341  O  O4     . U   A 1 10 ? -3.238  2.212   -4.678  1.00 8.10  ? 56  U   A O4     1 
ATOM   342  C  C5     . U   A 1 10 ? -5.581  1.873   -5.132  1.00 7.63  ? 56  U   A C5     1 
ATOM   343  C  C6     . U   A 1 10 ? -6.808  2.302   -4.821  1.00 8.24  ? 56  U   A C6     1 
ATOM   344  H  "H5'"  . U   A 1 10 ? -10.481 2.234   -6.321  1.00 8.55  ? 56  U   A "H5'"  1 
ATOM   345  H  "H5''" . U   A 1 10 ? -11.133 3.558   -6.882  1.00 8.55  ? 56  U   A "H5''" 1 
ATOM   346  H  "H4'"  . U   A 1 10 ? -11.002 4.002   -4.686  1.00 7.64  ? 56  U   A "H4'"  1 
ATOM   347  H  "H3'"  . U   A 1 10 ? -8.684  5.086   -5.855  1.00 8.53  ? 56  U   A "H3'"  1 
ATOM   348  H  "H2'"  . U   A 1 10 ? -7.885  5.732   -3.831  1.00 8.55  ? 56  U   A "H2'"  1 
ATOM   349  H  "HO2'" . U   A 1 10 ? -9.580  6.537   -2.820  1.00 9.25  ? 56  U   A "HO2'" 1 
ATOM   350  H  "H1'"  . U   A 1 10 ? -8.542  3.564   -2.592  1.00 8.77  ? 56  U   A "H1'"  1 
ATOM   351  H  H3     . U   A 1 10 ? -4.084  3.839   -3.192  1.00 8.82  ? 56  U   A H3     1 
ATOM   352  H  H5     . U   A 1 10 ? -5.467  1.186   -5.749  1.00 9.16  ? 56  U   A H5     1 
ATOM   353  H  H6     . U   A 1 10 ? -7.537  1.900   -5.233  1.00 9.89  ? 56  U   A H6     1 
ATOM   354  P  P      . A   A 1 11 ? -9.768  7.392   -6.490  1.00 10.56 ? 57  A   A P      1 
ATOM   355  O  OP1    . A   A 1 11 ? -10.882 8.365   -6.600  1.00 10.40 ? 57  A   A OP1    1 
ATOM   356  O  OP2    . A   A 1 11 ? -9.251  6.690   -7.689  1.00 9.81  ? 57  A   A OP2    1 
ATOM   357  O  "O5'"  . A   A 1 11 ? -8.537  8.125   -5.805  1.00 7.93  ? 57  A   A "O5'"  1 
ATOM   358  C  "C5'"  . A   A 1 11 ? -8.716  8.867   -4.609  1.00 6.39  ? 57  A   A "C5'"  1 
ATOM   359  C  "C4'"  . A   A 1 11 ? -7.405  9.383   -4.079  1.00 6.07  ? 57  A   A "C4'"  1 
ATOM   360  O  "O4'"  . A   A 1 11 ? -6.572  8.281   -3.680  1.00 7.05  ? 57  A   A "O4'"  1 
ATOM   361  C  "C3'"  . A   A 1 11 ? -6.530  10.131  -5.061  1.00 7.22  ? 57  A   A "C3'"  1 
ATOM   362  O  "O3'"  . A   A 1 11 ? -6.974  11.451  -5.307  1.00 9.22  ? 57  A   A "O3'"  1 
ATOM   363  C  "C2'"  . A   A 1 11 ? -5.177  10.055  -4.378  1.00 7.23  ? 57  A   A "C2'"  1 
ATOM   364  O  "O2'"  . A   A 1 11 ? -5.110  10.969  -3.296  1.00 8.90  ? 57  A   A "O2'"  1 
ATOM   365  C  "C1'"  . A   A 1 11 ? -5.222  8.648   -3.801  1.00 6.93  ? 57  A   A "C1'"  1 
ATOM   366  N  N9     . A   A 1 11 ? -4.540  7.664   -4.653  1.00 4.86  ? 57  A   A N9     1 
ATOM   367  C  C8     . A   A 1 11 ? -5.082  6.590   -5.321  1.00 4.88  ? 57  A   A C8     1 
ATOM   368  N  N7     . A   A 1 11 ? -4.202  5.878   -5.952  1.00 5.07  ? 57  A   A N7     1 
ATOM   369  C  C5     . A   A 1 11 ? -2.996  6.488   -5.672  1.00 4.59  ? 57  A   A C5     1 
ATOM   370  C  C6     . A   A 1 11 ? -1.678  6.197   -6.059  1.00 4.49  ? 57  A   A C6     1 
ATOM   371  N  N6     . A   A 1 11 ? -1.324  5.185   -6.843  1.00 5.26  ? 57  A   A N6     1 
ATOM   372  N  N1     . A   A 1 11 ? -0.723  7.035   -5.629  1.00 5.06  ? 57  A   A N1     1 
ATOM   373  C  C2     . A   A 1 11 ? -1.060  8.063   -4.844  1.00 4.92  ? 57  A   A C2     1 
ATOM   374  N  N3     . A   A 1 11 ? -2.251  8.441   -4.408  1.00 5.31  ? 57  A   A N3     1 
ATOM   375  C  C4     . A   A 1 11 ? -3.184  7.592   -4.869  1.00 4.79  ? 57  A   A C4     1 
ATOM   376  H  "H5'"  . A   A 1 11 ? -9.126  8.296   -3.940  1.00 7.67  ? 57  A   A "H5'"  1 
ATOM   377  H  "H5''" . A   A 1 11 ? -9.305  9.617   -4.786  1.00 7.67  ? 57  A   A "H5''" 1 
ATOM   378  H  "H4'"  . A   A 1 11 ? -7.588  9.953   -3.315  1.00 7.28  ? 57  A   A "H4'"  1 
ATOM   379  H  "H3'"  . A   A 1 11 ? -6.498  9.653   -5.905  1.00 8.66  ? 57  A   A "H3'"  1 
ATOM   380  H  "H2'"  . A   A 1 11 ? -4.446  10.175  -5.003  1.00 8.68  ? 57  A   A "H2'"  1 
ATOM   381  H  "HO2'" . A   A 1 11 ? -5.300  11.738  -3.576  1.00 10.67 ? 57  A   A "HO2'" 1 
ATOM   382  H  "H1'"  . A   A 1 11 ? -4.806  8.650   -2.925  1.00 8.32  ? 57  A   A "H1'"  1 
ATOM   383  H  H8     . A   A 1 11 ? -5.990  6.393   -5.320  1.00 5.85  ? 57  A   A H8     1 
ATOM   384  H  H61    . A   A 1 11 ? -0.498  5.078   -7.061  1.00 6.31  ? 57  A   A H61    1 
ATOM   385  H  H62    . A   A 1 11 ? -1.919  4.635   -7.131  1.00 6.31  ? 57  A   A H62    1 
ATOM   386  H  H2     . A   A 1 11 ? -0.349  8.592   -4.560  1.00 5.90  ? 57  A   A H2     1 
ATOM   387  P  P      . C   A 1 12 ? -6.949  12.043  -6.789  1.00 11.38 ? 58  C   A P      1 
ATOM   388  O  OP1    . C   A 1 12 ? -7.321  13.474  -6.697  1.00 13.09 ? 58  C   A OP1    1 
ATOM   389  O  OP2    . C   A 1 12 ? -7.700  11.119  -7.668  1.00 10.65 ? 58  C   A OP2    1 
ATOM   390  O  "O5'"  . C   A 1 12 ? -5.425  11.940  -7.226  1.00 9.98  ? 58  C   A "O5'"  1 
ATOM   391  C  "C5'"  . C   A 1 12 ? -4.378  12.547  -6.486  1.00 8.07  ? 58  C   A "C5'"  1 
ATOM   392  C  "C4'"  . C   A 1 12 ? -3.043  12.091  -7.009  1.00 6.21  ? 58  C   A "C4'"  1 
ATOM   393  O  "O4'"  . C   A 1 12 ? -2.818  10.701  -6.646  1.00 5.96  ? 58  C   A "O4'"  1 
ATOM   394  C  "C3'"  . C   A 1 12 ? -2.910  12.096  -8.519  1.00 5.01  ? 58  C   A "C3'"  1 
ATOM   395  O  "O3'"  . C   A 1 12 ? -2.682  13.399  -9.039  1.00 6.15  ? 58  C   A "O3'"  1 
ATOM   396  C  "C2'"  . C   A 1 12 ? -1.773  11.104  -8.746  1.00 5.95  ? 58  C   A "C2'"  1 
ATOM   397  O  "O2'"  . C   A 1 12 ? -0.516  11.705  -8.477  1.00 4.92  ? 58  C   A "O2'"  1 
ATOM   398  C  "C1'"  . C   A 1 12 ? -2.072  10.062  -7.663  1.00 6.36  ? 58  C   A "C1'"  1 
ATOM   399  N  N1     . C   A 1 12 ? -2.884  8.968   -8.215  1.00 4.88  ? 58  C   A N1     1 
ATOM   400  C  C2     . C   A 1 12 ? -2.239  7.980   -8.973  1.00 5.22  ? 58  C   A C2     1 
ATOM   401  O  O2     . C   A 1 12 ? -1.009  8.078   -9.110  1.00 6.95  ? 58  C   A O2     1 
ATOM   402  N  N3     . C   A 1 12 ? -2.970  6.974   -9.496  1.00 4.61  ? 58  C   A N3     1 
ATOM   403  C  C4     . C   A 1 12 ? -4.296  6.963   -9.293  1.00 4.88  ? 58  C   A C4     1 
ATOM   404  N  N4     . C   A 1 12 ? -4.947  5.936   -9.861  1.00 7.57  ? 58  C   A N4     1 
ATOM   405  C  C5     . C   A 1 12 ? -4.979  7.977   -8.525  1.00 4.25  ? 58  C   A C5     1 
ATOM   406  C  C6     . C   A 1 12 ? -4.233  8.960   -8.007  1.00 5.88  ? 58  C   A C6     1 
ATOM   407  H  "H5'"  . C   A 1 12 ? -4.459  12.303  -5.551  1.00 9.68  ? 58  C   A "H5'"  1 
ATOM   408  H  "H5''" . C   A 1 12 ? -4.443  13.512  -6.566  1.00 9.68  ? 58  C   A "H5''" 1 
ATOM   409  H  "H4'"  . C   A 1 12 ? -2.343  12.632  -6.616  1.00 7.45  ? 58  C   A "H4'"  1 
ATOM   410  H  "H3'"  . C   A 1 12 ? -3.714  11.736  -8.928  1.00 6.01  ? 58  C   A "H3'"  1 
ATOM   411  H  "H2'"  . C   A 1 12 ? -1.796  10.716  -9.634  1.00 7.14  ? 58  C   A "H2'"  1 
ATOM   412  H  "HO2'" . C   A 1 12 ? -0.114  11.251  -7.895  1.00 5.91  ? 58  C   A "HO2'" 1 
ATOM   413  H  "H1'"  . C   A 1 12 ? -1.246  9.721   -7.283  1.00 7.63  ? 58  C   A "H1'"  1 
ATOM   414  H  H41    . C   A 1 12 ? -5.800  5.865   -9.772  1.00 9.09  ? 58  C   A H41    1 
ATOM   415  H  H42    . C   A 1 12 ? -4.512  5.349   -10.316 1.00 9.09  ? 58  C   A H42    1 
ATOM   416  H  H5     . C   A 1 12 ? -5.899  7.950   -8.397  1.00 5.09  ? 58  C   A H5     1 
ATOM   417  H  H6     . C   A 1 12 ? -4.632  9.634   -7.507  1.00 7.06  ? 58  C   A H6     1 
ATOM   418  P  P      . G   A 1 13 ? -3.233  13.817  -10.493 1.00 7.04  ? 59  G   A P      1 
ATOM   419  O  OP1    . G   A 1 13 ? -2.615  15.147  -10.743 1.00 6.41  ? 59  G   A OP1    1 
ATOM   420  O  OP2    . G   A 1 13 ? -4.686  13.513  -10.649 1.00 6.18  ? 59  G   A OP2    1 
ATOM   421  O  "O5'"  . G   A 1 13 ? -2.516  12.810  -11.475 1.00 6.84  ? 59  G   A "O5'"  1 
ATOM   422  C  "C5'"  . G   A 1 13 ? -1.139  13.005  -11.723 1.00 7.25  ? 59  G   A "C5'"  1 
ATOM   423  C  "C4'"  . G   A 1 13 ? -0.597  11.897  -12.558 1.00 7.11  ? 59  G   A "C4'"  1 
ATOM   424  O  "O4'"  . G   A 1 13 ? -0.733  10.646  -11.833 1.00 6.17  ? 59  G   A "O4'"  1 
ATOM   425  C  "C3'"  . G   A 1 13 ? -1.342  11.639  -13.855 1.00 8.01  ? 59  G   A "C3'"  1 
ATOM   426  O  "O3'"  . G   A 1 13 ? -1.058  12.588  -14.875 1.00 7.90  ? 59  G   A "O3'"  1 
ATOM   427  C  "C2'"  . G   A 1 13 ? -0.909  10.218  -14.160 1.00 7.54  ? 59  G   A "C2'"  1 
ATOM   428  O  "O2'"  . G   A 1 13 ? 0.434   10.217  -14.608 1.00 7.12  ? 59  G   A "O2'"  1 
ATOM   429  C  "C1'"  . G   A 1 13 ? -0.979  9.599   -12.753 1.00 6.75  ? 59  G   A "C1'"  1 
ATOM   430  N  N9     . G   A 1 13 ? -2.324  9.038   -12.525 1.00 5.91  ? 59  G   A N9     1 
ATOM   431  C  C8     . G   A 1 13 ? -3.372  9.524   -11.787 1.00 5.14  ? 59  G   A C8     1 
ATOM   432  N  N7     . G   A 1 13 ? -4.423  8.747   -11.915 1.00 4.40  ? 59  G   A N7     1 
ATOM   433  C  C5     . G   A 1 13 ? -4.082  7.718   -12.787 1.00 5.27  ? 59  G   A C5     1 
ATOM   434  C  C6     . G   A 1 13 ? -4.812  6.609   -13.314 1.00 6.85  ? 59  G   A C6     1 
ATOM   435  O  O6     . G   A 1 13 ? -5.978  6.262   -13.109 1.00 7.83  ? 59  G   A O6     1 
ATOM   436  N  N1     . G   A 1 13 ? -4.023  5.868   -14.188 1.00 6.32  ? 59  G   A N1     1 
ATOM   437  C  C2     . G   A 1 13 ? -2.719  6.166   -14.476 1.00 6.47  ? 59  G   A C2     1 
ATOM   438  N  N2     . G   A 1 13 ? -2.096  5.362   -15.334 1.00 6.51  ? 59  G   A N2     1 
ATOM   439  N  N3     . G   A 1 13 ? -2.038  7.181   -14.000 1.00 6.37  ? 59  G   A N3     1 
ATOM   440  C  C4     . G   A 1 13 ? -2.781  7.920   -13.178 1.00 5.81  ? 59  G   A C4     1 
ATOM   441  H  "H5'"  . G   A 1 13 ? -0.661  13.035  -10.880 1.00 8.70  ? 59  G   A "H5'"  1 
ATOM   442  H  "H5''" . G   A 1 13 ? -1.013  13.848  -12.187 1.00 8.70  ? 59  G   A "H5''" 1 
ATOM   443  H  "H4'"  . G   A 1 13 ? 0.339   12.062  -12.749 1.00 8.53  ? 59  G   A "H4'"  1 
ATOM   444  H  "H3'"  . G   A 1 13 ? -2.299  11.658  -13.701 1.00 9.61  ? 59  G   A "H3'"  1 
ATOM   445  H  "H2'"  . G   A 1 13 ? -1.497  9.759   -14.780 1.00 9.05  ? 59  G   A "H2'"  1 
ATOM   446  H  "HO2'" . G   A 1 13 ? 0.938   10.043  -13.958 1.00 8.54  ? 59  G   A "HO2'" 1 
ATOM   447  H  "H1'"  . G   A 1 13 ? -0.307  8.913   -12.623 1.00 8.09  ? 59  G   A "H1'"  1 
ATOM   448  H  H8     . G   A 1 13 ? -3.344  10.296  -11.269 1.00 6.17  ? 59  G   A H8     1 
ATOM   449  H  H1     . G   A 1 13 ? -4.375  5.182   -14.569 1.00 7.58  ? 59  G   A H1     1 
ATOM   450  H  H21    . G   A 1 13 ? -2.509  4.685   -15.667 1.00 7.81  ? 59  G   A H21    1 
ATOM   451  H  H22    . G   A 1 13 ? -1.279  5.519   -15.555 1.00 7.81  ? 59  G   A H22    1 
ATOM   452  P  P      . DA  A 1 14 ? -2.262  13.381  -15.586 1.00 9.95  ? 60  DA  A P      1 
ATOM   453  O  OP1    . DA  A 1 14 ? -1.636  14.165  -16.673 1.00 10.14 ? 60  DA  A OP1    1 
ATOM   454  O  OP2    . DA  A 1 14 ? -3.089  14.091  -14.582 1.00 10.40 ? 60  DA  A OP2    1 
ATOM   455  O  "O5'"  . DA  A 1 14 ? -3.112  12.225  -16.266 1.00 9.07  ? 60  DA  A "O5'"  1 
ATOM   456  C  "C5'"  . DA  A 1 14 ? -4.329  12.517  -16.898 1.00 8.46  ? 60  DA  A "C5'"  1 
ATOM   457  C  "C4'"  . DA  A 1 14 ? -4.395  11.883  -18.289 1.00 7.69  ? 60  DA  A "C4'"  1 
ATOM   458  O  "O4'"  . DA  A 1 14 ? -3.441  12.520  -19.168 1.00 7.45  ? 60  DA  A "O4'"  1 
ATOM   459  C  "C3'"  . DA  A 1 14 ? -4.024  10.414  -18.386 1.00 8.73  ? 60  DA  A "C3'"  1 
ATOM   460  O  "O3'"  . DA  A 1 14 ? -5.093  9.562   -17.997 1.00 9.12  ? 60  DA  A "O3'"  1 
ATOM   461  C  "C2'"  . DA  A 1 14 ? -3.701  10.287  -19.845 1.00 8.12  ? 60  DA  A "C2'"  1 
ATOM   462  C  "C1'"  . DA  A 1 14 ? -2.961  11.575  -20.102 1.00 8.16  ? 60  DA  A "C1'"  1 
ATOM   463  N  N9     . DA  A 1 14 ? -1.531  11.445  -19.958 1.00 8.31  ? 60  DA  A N9     1 
ATOM   464  C  C8     . DA  A 1 14 ? -0.728  11.973  -18.983 1.00 7.82  ? 60  DA  A C8     1 
ATOM   465  N  N7     . DA  A 1 14 ? 0.542   11.682  -19.138 1.00 7.97  ? 60  DA  A N7     1 
ATOM   466  C  C5     . DA  A 1 14 ? 0.568   10.907  -20.299 1.00 7.96  ? 60  DA  A C5     1 
ATOM   467  C  C6     . DA  A 1 14 ? 1.612   10.278  -21.007 1.00 8.46  ? 60  DA  A C6     1 
ATOM   468  N  N6     . DA  A 1 14 ? 2.892   10.354  -20.649 1.00 9.69  ? 60  DA  A N6     1 
ATOM   469  N  N1     . DA  A 1 14 ? 1.282   9.580   -22.112 1.00 8.71  ? 60  DA  A N1     1 
ATOM   470  C  C2     . DA  A 1 14 ? -0.001  9.519   -22.484 1.00 8.53  ? 60  DA  A C2     1 
ATOM   471  N  N3     . DA  A 1 14 ? -1.062  10.064  -21.897 1.00 9.02  ? 60  DA  A N3     1 
ATOM   472  C  C4     . DA  A 1 14 ? -0.704  10.749  -20.801 1.00 8.19  ? 60  DA  A C4     1 
ATOM   473  H  "H5'"  . DA  A 1 14 ? -4.422  13.478  -16.981 1.00 10.16 ? 60  DA  A "H5'"  1 
ATOM   474  H  "H5''" . DA  A 1 14 ? -5.058  12.174  -16.358 1.00 10.16 ? 60  DA  A "H5''" 1 
ATOM   475  H  "H4'"  . DA  A 1 14 ? -5.301  12.012  -18.614 1.00 9.23  ? 60  DA  A "H4'"  1 
ATOM   476  H  "H3'"  . DA  A 1 14 ? -3.253  10.225  -17.827 1.00 10.47 ? 60  DA  A "H3'"  1 
ATOM   477  H  "H2'"  . DA  A 1 14 ? -3.142  9.514   -20.021 1.00 9.74  ? 60  DA  A "H2'"  1 
ATOM   478  H  "H1'"  . DA  A 1 14 ? -3.167  11.897  -20.994 1.00 9.79  ? 60  DA  A "H1'"  1 
ATOM   479  H  H8     . DA  A 1 14 ? -1.051  12.489  -18.279 1.00 9.39  ? 60  DA  A H8     1 
ATOM   480  H  H61    . DA  A 1 14 ? 3.495   9.961   -21.120 1.00 11.63 ? 60  DA  A H61    1 
ATOM   481  H  H62    . DA  A 1 14 ? 3.117   10.796  -19.946 1.00 11.63 ? 60  DA  A H62    1 
ATOM   482  H  H2     . DA  A 1 14 ? -0.174  9.031   -23.256 1.00 10.24 ? 60  DA  A H2     1 
HETATM 483  C  "C1'"  . VC7 A 1 15 ? -1.411  6.835   -19.859 1.00 5.16  ? 74  VC7 A "C1'"  1 
HETATM 484  C  C2     . VC7 A 1 15 ? 2.738   7.325   -19.581 1.00 5.39  ? 74  VC7 A C2     1 
HETATM 485  C  "C2'"  . VC7 A 1 15 ? -1.632  5.325   -19.876 1.00 5.04  ? 74  VC7 A "C2'"  1 
HETATM 486  C  "C3'"  . VC7 A 1 15 ? -2.755  5.215   -18.890 1.00 6.19  ? 74  VC7 A "C3'"  1 
HETATM 487  C  C4     . VC7 A 1 15 ? 0.588   7.637   -18.785 1.00 5.78  ? 74  VC7 A C4     1 
HETATM 488  C  "C4'"  . VC7 A 1 15 ? -3.589  6.235   -19.539 1.00 7.24  ? 74  VC7 A "C4'"  1 
HETATM 489  C  C5     . VC7 A 1 15 ? 0.973   8.357   -17.716 1.00 6.93  ? 74  VC7 A C5     1 
HETATM 490  C  "C5'"  . VC7 A 1 15 ? -4.769  6.599   -18.661 1.00 7.20  ? 74  VC7 A "C5'"  1 
HETATM 491  C  C6     . VC7 A 1 15 ? 2.278   8.556   -17.535 1.00 7.74  ? 74  VC7 A C6     1 
HETATM 492  C  C8     . VC7 A 1 15 ? -1.158  8.189   -17.683 1.00 5.86  ? 74  VC7 A C8     1 
HETATM 493  C  CP2    . VC7 A 1 15 ? -4.063  9.164   -15.660 1.00 9.08  ? 74  VC7 A CP2    1 
HETATM 494  N  N1     . VC7 A 1 15 ? 3.195   8.063   -18.495 1.00 6.07  ? 74  VC7 A N1     1 
HETATM 495  N  N2     . VC7 A 1 15 ? 3.577   6.833   -20.473 1.00 6.87  ? 74  VC7 A N2     1 
HETATM 496  N  N3     . VC7 A 1 15 ? 1.430   7.143   -19.706 1.00 5.04  ? 74  VC7 A N3     1 
HETATM 497  N  N7     . VC7 A 1 15 ? -0.121  8.692   -17.009 1.00 6.85  ? 74  VC7 A N7     1 
HETATM 498  N  N9     . VC7 A 1 15 ? -0.723  7.521   -18.750 1.00 4.33  ? 74  VC7 A N9     1 
HETATM 499  O  "O2'"  . VC7 A 1 15 ? -2.081  4.937   -21.214 1.00 6.46  ? 74  VC7 A "O2'"  1 
HETATM 500  O  "O3'"  . VC7 A 1 15 ? -3.432  3.940   -19.007 1.00 6.47  ? 74  VC7 A "O3'"  1 
HETATM 501  O  "O4'"  . VC7 A 1 15 ? -2.742  7.358   -19.697 1.00 7.28  ? 74  VC7 A "O4'"  1 
HETATM 502  O  "O5'"  . VC7 A 1 15 ? -4.307  7.215   -17.450 1.00 6.96  ? 74  VC7 A "O5'"  1 
HETATM 503  O  O6     . VC7 A 1 15 ? 2.689   9.231   -16.578 1.00 8.87  ? 74  VC7 A O6     1 
HETATM 504  O  OP1    . VC7 A 1 15 ? -6.326  8.064   -16.117 1.00 11.39 ? 74  VC7 A OP1    1 
HETATM 505  P  P      . VC7 A 1 15 ? -5.103  8.492   -16.858 1.00 8.41  ? 74  VC7 A P      1 
HETATM 506  H  "H1'"  . VC7 A 1 15 ? -0.843  6.977   -20.780 1.00 6.20  ? 74  VC7 A "H1'"  1 
HETATM 507  H  "H2'"  . VC7 A 1 15 ? -0.763  4.733   -19.589 1.00 6.05  ? 74  VC7 A "H2'"  1 
HETATM 508  H  "H3'"  . VC7 A 1 15 ? -2.474  5.368   -17.847 1.00 7.43  ? 74  VC7 A "H3'"  1 
HETATM 509  H  "H4'"  . VC7 A 1 15 ? -3.929  5.871   -20.509 1.00 8.68  ? 74  VC7 A "H4'"  1 
HETATM 510  H  "H5'"  . VC7 A 1 15 ? -5.417  7.294   -19.196 1.00 8.64  ? 74  VC7 A "H5'"  1 
HETATM 511  H  "H5''" . VC7 A 1 15 ? -5.329  5.696   -18.415 1.00 8.64  ? 74  VC7 A "H5''" 1 
HETATM 512  H  H8     . VC7 A 1 15 ? -2.204  8.308   -17.401 1.00 7.03  ? 74  VC7 A H8     1 
HETATM 513  H  HCP2   . VC7 A 1 15 ? -4.544  9.099   -14.684 1.00 10.89 ? 74  VC7 A HCP2   1 
HETATM 514  H  HCP3   . VC7 A 1 15 ? -3.863  10.209  -15.897 1.00 10.89 ? 74  VC7 A HCP3   1 
HETATM 515  H  HCP1   . VC7 A 1 15 ? -3.125  8.610   -15.641 1.00 10.89 ? 74  VC7 A HCP1   1 
HETATM 516  H  H1     . VC7 A 1 15 ? 4.172   8.246   -18.392 1.00 7.28  ? 74  VC7 A H1     1 
HETATM 517  H  H21    . VC7 A 1 15 ? 4.561   6.977   -20.368 1.00 8.24  ? 74  VC7 A H21    1 
HETATM 518  H  H22    . VC7 A 1 15 ? 3.230   6.316   -21.255 1.00 8.24  ? 74  VC7 A H22    1 
HETATM 519  H  "HO2'" . VC7 A 1 15 ? -1.313  4.993   -21.852 1.00 7.76  ? 74  VC7 A "HO2'" 1 
ATOM   520  P  P      . A   A 1 16 ? -3.010  2.574   -18.297 1.00 7.60  ? 75  A   A P      1 
ATOM   521  O  OP1    . A   A 1 16 ? -3.671  1.324   -18.706 1.00 5.87  ? 75  A   A OP1    1 
ATOM   522  O  OP2    . A   A 1 16 ? -3.130  3.073   -16.905 1.00 7.85  ? 75  A   A OP2    1 
ATOM   523  O  "O5'"  . A   A 1 16 ? -1.440  2.528   -18.569 1.00 7.74  ? 75  A   A "O5'"  1 
ATOM   524  C  "C5'"  . A   A 1 16 ? -0.912  2.108   -19.813 1.00 6.81  ? 75  A   A "C5'"  1 
ATOM   525  C  "C4'"  . A   A 1 16 ? 0.586   2.085   -19.759 1.00 5.79  ? 75  A   A "C4'"  1 
ATOM   526  O  "O4'"  . A   A 1 16 ? 1.100   3.435   -19.673 1.00 6.07  ? 75  A   A "O4'"  1 
ATOM   527  C  "C3'"  . A   A 1 16 ? 1.161   1.388   -18.545 1.00 6.57  ? 75  A   A "C3'"  1 
ATOM   528  O  "O3'"  . A   A 1 16 ? 1.201   -0.016  -18.695 1.00 7.35  ? 75  A   A "O3'"  1 
ATOM   529  C  "C2'"  . A   A 1 16 ? 2.526   2.038   -18.397 1.00 5.43  ? 75  A   A "C2'"  1 
ATOM   530  O  "O2'"  . A   A 1 16 ? 3.459   1.471   -19.297 1.00 7.31  ? 75  A   A "O2'"  1 
ATOM   531  C  "C1'"  . A   A 1 16 ? 2.222   3.472   -18.824 1.00 5.09  ? 75  A   A "C1'"  1 
ATOM   532  N  N9     . A   A 1 16 ? 1.877   4.306   -17.665 1.00 4.55  ? 75  A   A N9     1 
ATOM   533  C  C8     . A   A 1 16 ? 0.650   4.464   -17.055 1.00 4.26  ? 75  A   A C8     1 
ATOM   534  N  N7     . A   A 1 16 ? 0.664   5.262   -16.007 1.00 5.49  ? 75  A   A N7     1 
ATOM   535  C  C5     . A   A 1 16 ? 1.995   5.627   -15.922 1.00 5.44  ? 75  A   A C5     1 
ATOM   536  C  C6     . A   A 1 16 ? 2.678   6.461   -15.018 1.00 6.59  ? 75  A   A C6     1 
ATOM   537  N  N6     . A   A 1 16 ? 2.098   7.086   -13.997 1.00 9.07  ? 75  A   A N6     1 
ATOM   538  N  N1     . A   A 1 16 ? 4.001   6.630   -15.186 1.00 6.65  ? 75  A   A N1     1 
ATOM   539  C  C2     . A   A 1 16 ? 4.592   6.003   -16.217 1.00 5.56  ? 75  A   A C2     1 
ATOM   540  N  N3     . A   A 1 16 ? 4.067   5.185   -17.143 1.00 4.24  ? 75  A   A N3     1 
ATOM   541  C  C4     . A   A 1 16 ? 2.749   5.052   -16.934 1.00 4.10  ? 75  A   A C4     1 
ATOM   542  H  "H5'"  . A   A 1 16 ? -1.199  2.720   -20.508 1.00 8.17  ? 75  A   A "H5'"  1 
ATOM   543  H  "H5''" . A   A 1 16 ? -1.240  1.219   -20.019 1.00 8.17  ? 75  A   A "H5''" 1 
ATOM   544  H  "H4'"  . A   A 1 16 ? 0.938   1.681   -20.567 1.00 6.95  ? 75  A   A "H4'"  1 
ATOM   545  H  "H3'"  . A   A 1 16 ? 0.630   1.608   -17.763 1.00 7.88  ? 75  A   A "H3'"  1 
ATOM   546  H  "H2'"  . A   A 1 16 ? 2.850   2.001   -17.484 1.00 6.51  ? 75  A   A "H2'"  1 
ATOM   547  H  "HO2'" . A   A 1 16 ? 3.789   0.781   -18.949 1.00 8.77  ? 75  A   A "HO2'" 1 
ATOM   548  H  "H1'"  . A   A 1 16 ? 2.982   3.843   -19.300 1.00 6.11  ? 75  A   A "H1'"  1 
ATOM   549  H  H8     . A   A 1 16 ? -0.122  4.044   -17.358 1.00 5.11  ? 75  A   A H8     1 
ATOM   550  H  H61    . A   A 1 16 ? 2.569   7.577   -13.470 1.00 10.89 ? 75  A   A H61    1 
ATOM   551  H  H62    . A   A 1 16 ? 1.253   6.998   -13.862 1.00 10.89 ? 75  A   A H62    1 
ATOM   552  H  H2     . A   A 1 16 ? 5.506   6.160   -16.303 1.00 6.67  ? 75  A   A H2     1 
ATOM   553  P  P      . G   A 1 17 ? 0.864   -0.956  -17.440 1.00 9.39  ? 76  G   A P      1 
ATOM   554  O  OP1    . G   A 1 17 ? 0.994   -2.347  -17.935 1.00 9.44  ? 76  G   A OP1    1 
ATOM   555  O  OP2    . G   A 1 17 ? -0.413  -0.555  -16.815 1.00 8.44  ? 76  G   A OP2    1 
ATOM   556  O  "O5'"  . G   A 1 17 ? 2.049   -0.683  -16.418 1.00 8.98  ? 76  G   A "O5'"  1 
ATOM   557  C  "C5'"  . G   A 1 17 ? 1.821   -0.641  -15.020 1.00 9.63  ? 76  G   A "C5'"  1 
ATOM   558  C  "C4'"  . G   A 1 17 ? 2.528   0.525   -14.404 1.00 8.13  ? 76  G   A "C4'"  1 
ATOM   559  O  "O4'"  . G   A 1 17 ? 1.933   1.752   -14.898 1.00 6.58  ? 76  G   A "O4'"  1 
ATOM   560  C  "C3'"  . G   A 1 17 ? 2.405   0.625   -12.899 1.00 8.06  ? 76  G   A "C3'"  1 
ATOM   561  O  "O3'"  . G   A 1 17 ? 3.343   -0.195  -12.243 1.00 7.95  ? 76  G   A "O3'"  1 
ATOM   562  C  "C2'"  . G   A 1 17 ? 2.575   2.112   -12.657 1.00 8.44  ? 76  G   A "C2'"  1 
ATOM   563  O  "O2'"  . G   A 1 17 ? 3.935   2.489   -12.747 1.00 8.87  ? 76  G   A "O2'"  1 
ATOM   564  C  "C1'"  . G   A 1 17 ? 1.817   2.683   -13.853 1.00 6.84  ? 76  G   A "C1'"  1 
ATOM   565  N  N9     . G   A 1 17 ? 0.388   2.800   -13.524 1.00 6.03  ? 76  G   A N9     1 
ATOM   566  C  C8     . G   A 1 17 ? -0.654  2.025   -13.977 1.00 6.16  ? 76  G   A C8     1 
ATOM   567  N  N7     . G   A 1 17 ? -1.810  2.360   -13.496 1.00 5.54  ? 76  G   A N7     1 
ATOM   568  C  C5     . G   A 1 17 ? -1.507  3.382   -12.613 1.00 4.25  ? 76  G   A C5     1 
ATOM   569  C  C6     . G   A 1 17 ? -2.358  4.165   -11.783 1.00 4.97  ? 76  G   A C6     1 
ATOM   570  O  O6     . G   A 1 17 ? -3.583  4.078   -11.590 1.00 5.42  ? 76  G   A O6     1 
ATOM   571  N  N1     . G   A 1 17 ? -1.642  5.125   -11.064 1.00 6.25  ? 76  G   A N1     1 
ATOM   572  C  C2     . G   A 1 17 ? -0.284  5.327   -11.149 1.00 7.17  ? 76  G   A C2     1 
ATOM   573  N  N2     . G   A 1 17 ? 0.264   6.302   -10.423 1.00 6.77  ? 76  G   A N2     1 
ATOM   574  N  N3     . G   A 1 17 ? 0.507   4.626   -11.946 1.00 6.87  ? 76  G   A N3     1 
ATOM   575  C  C4     . G   A 1 17 ? -0.162  3.681   -12.633 1.00 4.79  ? 76  G   A C4     1 
ATOM   576  H  "H5'"  . G   A 1 17 ? 2.145   -1.462  -14.618 1.00 11.55 ? 76  G   A "H5'"  1 
ATOM   577  H  "H5''" . G   A 1 17 ? 0.869   -0.563  -14.853 1.00 11.55 ? 76  G   A "H5''" 1 
ATOM   578  H  "H4'"  . G   A 1 17 ? 3.468   0.511   -14.644 1.00 9.75  ? 76  G   A "H4'"  1 
ATOM   579  H  "H3'"  . G   A 1 17 ? 1.512   0.376   -12.613 1.00 9.67  ? 76  G   A "H3'"  1 
ATOM   580  H  "H2'"  . G   A 1 17 ? 2.188   2.396   -11.813 1.00 10.12 ? 76  G   A "H2'"  1 
ATOM   581  H  "HO2'" . G   A 1 17 ? 4.275   2.474   -11.979 1.00 10.65 ? 76  G   A "HO2'" 1 
ATOM   582  H  "H1'"  . G   A 1 17 ? 2.190   3.535   -14.126 1.00 8.21  ? 76  G   A "H1'"  1 
ATOM   583  H  H8     . G   A 1 17 ? -0.539  1.323   -14.577 1.00 7.40  ? 76  G   A H8     1 
ATOM   584  H  H1     . G   A 1 17 ? -2.085  5.629   -10.526 1.00 7.50  ? 76  G   A H1     1 
ATOM   585  H  H21    . G   A 1 17 ? -0.225  6.775   -9.896  1.00 8.12  ? 76  G   A H21    1 
ATOM   586  H  H22    . G   A 1 17 ? 1.108   6.459   -10.480 1.00 8.12  ? 76  G   A H22    1 
ATOM   587  P  P      . G   A 1 18 ? 2.888   -1.131  -11.031 1.00 8.86  ? 77  G   A P      1 
ATOM   588  O  OP1    . G   A 1 18 ? 4.123   -1.726  -10.489 1.00 9.60  ? 77  G   A OP1    1 
ATOM   589  O  OP2    . G   A 1 18 ? 1.751   -2.001  -11.442 1.00 10.33 ? 77  G   A OP2    1 
ATOM   590  O  "O5'"  . G   A 1 18 ? 2.311   -0.118  -9.959  1.00 8.76  ? 77  G   A "O5'"  1 
ATOM   591  C  "C5'"  . G   A 1 18 ? 3.121   0.937   -9.491  1.00 8.07  ? 77  G   A "C5'"  1 
ATOM   592  C  "C4'"  . G   A 1 18 ? 2.311   1.909   -8.693  1.00 6.51  ? 77  G   A "C4'"  1 
ATOM   593  O  "O4'"  . G   A 1 18 ? 1.339   2.571   -9.544  1.00 6.14  ? 77  G   A "O4'"  1 
ATOM   594  C  "C3'"  . G   A 1 18 ? 1.461   1.305   -7.594  1.00 6.60  ? 77  G   A "C3'"  1 
ATOM   595  O  "O3'"  . G   A 1 18 ? 2.211   0.970   -6.439  1.00 6.23  ? 77  G   A "O3'"  1 
ATOM   596  C  "C2'"  . G   A 1 18 ? 0.430   2.393   -7.383  1.00 6.01  ? 77  G   A "C2'"  1 
ATOM   597  O  "O2'"  . G   A 1 18 ? 1.025   3.518   -6.759  1.00 5.70  ? 77  G   A "O2'"  1 
ATOM   598  C  "C1'"  . G   A 1 18 ? 0.141   2.776   -8.823  1.00 5.45  ? 77  G   A "C1'"  1 
ATOM   599  N  N9     . G   A 1 18 ? -0.913  1.949   -9.444  1.00 4.70  ? 77  G   A N9     1 
ATOM   600  C  C8     . G   A 1 18 ? -0.728  0.896   -10.315 1.00 4.83  ? 77  G   A C8     1 
ATOM   601  N  N7     . G   A 1 18 ? -1.839  0.361   -10.714 1.00 5.73  ? 77  G   A N7     1 
ATOM   602  C  C5     . G   A 1 18 ? -2.809  1.087   -10.039 1.00 4.74  ? 77  G   A C5     1 
ATOM   603  C  C6     . G   A 1 18 ? -4.219  0.966   -10.071 1.00 5.02  ? 77  G   A C6     1 
ATOM   604  O  O6     . G   A 1 18 ? -4.903  0.160   -10.717 1.00 7.60  ? 77  G   A O6     1 
ATOM   605  N  N1     . G   A 1 18 ? -4.824  1.911   -9.239  1.00 4.59  ? 77  G   A N1     1 
ATOM   606  C  C2     . G   A 1 18 ? -4.189  2.854   -8.475  1.00 5.46  ? 77  G   A C2     1 
ATOM   607  N  N2     . G   A 1 18 ? -4.963  3.677   -7.742  1.00 6.38  ? 77  G   A N2     1 
ATOM   608  N  N3     . G   A 1 18 ? -2.875  2.983   -8.456  1.00 5.48  ? 77  G   A N3     1 
ATOM   609  C  C4     . G   A 1 18 ? -2.263  2.081   -9.256  1.00 4.74  ? 77  G   A C4     1 
ATOM   610  H  "H5'"  . G   A 1 18 ? 3.519   1.395   -10.246 1.00 9.68  ? 77  G   A "H5'"  1 
ATOM   611  H  "H5''" . G   A 1 18 ? 3.828   0.576   -8.933  1.00 9.68  ? 77  G   A "H5''" 1 
ATOM   612  H  "H4'"  . G   A 1 18 ? 2.907   2.577   -8.319  1.00 7.82  ? 77  G   A "H4'"  1 
ATOM   613  H  "H3'"  . G   A 1 18 ? 1.018   0.502   -7.913  1.00 7.92  ? 77  G   A "H3'"  1 
ATOM   614  H  "H2'"  . G   A 1 18 ? -0.355  2.075   -6.907  1.00 7.22  ? 77  G   A "H2'"  1 
ATOM   615  H  "HO2'" . G   A 1 18 ? 1.289   3.297   -5.992  1.00 6.84  ? 77  G   A "HO2'" 1 
ATOM   616  H  "H1'"  . G   A 1 18 ? -0.131  3.706   -8.857  1.00 6.54  ? 77  G   A "H1'"  1 
ATOM   617  H  H8     . G   A 1 18 ? 0.110   0.600   -10.588 1.00 5.80  ? 77  G   A H8     1 
ATOM   618  H  H1     . G   A 1 18 ? -5.683  1.900   -9.203  1.00 5.51  ? 77  G   A H1     1 
ATOM   619  H  H21    . G   A 1 18 ? -5.819  3.589   -7.757  1.00 7.65  ? 77  G   A H21    1 
ATOM   620  H  H22    . G   A 1 18 ? -4.602  4.290   -7.259  1.00 7.65  ? 77  G   A H22    1 
ATOM   621  P  P      . A   A 1 19 ? 1.668   -0.110  -5.395  1.00 5.87  ? 78  A   A P      1 
ATOM   622  O  OP1    . A   A 1 19 ? 2.840   -0.490  -4.575  1.00 5.13  ? 78  A   A OP1    1 
ATOM   623  O  OP2    . A   A 1 19 ? 0.907   -1.138  -6.128  1.00 6.51  ? 78  A   A OP2    1 
ATOM   624  O  "O5'"  . A   A 1 19 ? 0.593   0.693   -4.536  1.00 5.80  ? 78  A   A "O5'"  1 
ATOM   625  C  "C5'"  . A   A 1 19 ? 0.849   1.048   -3.193  1.00 6.24  ? 78  A   A "C5'"  1 
ATOM   626  C  "C4'"  . A   A 1 19 ? 1.586   2.354   -3.098  1.00 6.70  ? 78  A   A "C4'"  1 
ATOM   627  O  "O4'"  . A   A 1 19 ? 0.985   3.344   -3.977  1.00 7.83  ? 78  A   A "O4'"  1 
ATOM   628  C  "C3'"  . A   A 1 19 ? 1.538   3.006   -1.734  1.00 7.29  ? 78  A   A "C3'"  1 
ATOM   629  O  "O3'"  . A   A 1 19 ? 2.429   2.415   -0.809  1.00 6.84  ? 78  A   A "O3'"  1 
ATOM   630  C  "C2'"  . A   A 1 19 ? 1.805   4.465   -2.071  1.00 6.60  ? 78  A   A "C2'"  1 
ATOM   631  O  "O2'"  . A   A 1 19 ? 3.165   4.702   -2.397  1.00 7.29  ? 78  A   A "O2'"  1 
ATOM   632  C  "C1'"  . A   A 1 19 ? 0.967   4.604   -3.329  1.00 6.52  ? 78  A   A "C1'"  1 
ATOM   633  N  N9     . A   A 1 19 ? -0.424  4.926   -2.969  1.00 5.98  ? 78  A   A N9     1 
ATOM   634  C  C8     . A   A 1 19 ? -1.530  4.127   -3.119  1.00 5.71  ? 78  A   A C8     1 
ATOM   635  N  N7     . A   A 1 19 ? -2.640  4.654   -2.662  1.00 5.25  ? 78  A   A N7     1 
ATOM   636  C  C5     . A   A 1 19 ? -2.229  5.878   -2.160  1.00 5.88  ? 78  A   A C5     1 
ATOM   637  C  C6     . A   A 1 19 ? -2.937  6.912   -1.530  1.00 7.51  ? 78  A   A C6     1 
ATOM   638  N  N6     . A   A 1 19 ? -4.256  6.898   -1.309  1.00 6.94  ? 78  A   A N6     1 
ATOM   639  N  N1     . A   A 1 19 ? -2.244  8.001   -1.147  1.00 8.14  ? 78  A   A N1     1 
ATOM   640  C  C2     . A   A 1 19 ? -0.918  8.035   -1.361  1.00 7.19  ? 78  A   A C2     1 
ATOM   641  N  N3     . A   A 1 19 ? -0.132  7.132   -1.937  1.00 6.72  ? 78  A   A N3     1 
ATOM   642  C  C4     . A   A 1 19 ? -0.859  6.056   -2.317  1.00 5.32  ? 78  A   A C4     1 
ATOM   643  H  "H5'"  . A   A 1 19 ? 1.382   0.352   -2.778  1.00 7.49  ? 78  A   A "H5'"  1 
ATOM   644  H  "H5''" . A   A 1 19 ? 0.006   1.124   -2.719  1.00 7.49  ? 78  A   A "H5''" 1 
ATOM   645  H  "H4'"  . A   A 1 19 ? 2.506   2.223   -3.377  1.00 8.04  ? 78  A   A "H4'"  1 
ATOM   646  H  "H3'"  . A   A 1 19 ? 0.643   2.943   -1.363  1.00 8.75  ? 78  A   A "H3'"  1 
ATOM   647  H  "H2'"  . A   A 1 19 ? 1.520   5.056   -1.357  1.00 7.92  ? 78  A   A "H2'"  1 
ATOM   648  H  "HO2'" . A   A 1 19 ? 3.202   5.136   -3.116  1.00 8.75  ? 78  A   A "HO2'" 1 
ATOM   649  H  "H1'"  . A   A 1 19 ? 1.332   5.277   -3.925  1.00 7.82  ? 78  A   A "H1'"  1 
ATOM   650  H  H8     . A   A 1 19 ? -1.495  3.285   -3.512  1.00 6.86  ? 78  A   A H8     1 
ATOM   651  H  H61    . A   A 1 19 ? -4.636  7.571   -0.932  1.00 8.32  ? 78  A   A H61    1 
ATOM   652  H  H62    . A   A 1 19 ? -4.724  6.215   -1.544  1.00 8.32  ? 78  A   A H62    1 
ATOM   653  H  H2     . A   A 1 19 ? -0.488  8.804   -1.063  1.00 8.63  ? 78  A   A H2     1 
ATOM   654  P  P      . C   A 1 20 ? 2.019   2.324   0.735   1.00 7.59  ? 79  C   A P      1 
ATOM   655  O  OP1    . C   A 1 20 ? 2.969   1.435   1.447   1.00 9.11  ? 79  C   A OP1    1 
ATOM   656  O  OP2    . C   A 1 20 ? 0.543   2.177   0.840   1.00 8.55  ? 79  C   A OP2    1 
ATOM   657  O  "O5'"  . C   A 1 20 ? 2.353   3.780   1.265   1.00 7.07  ? 79  C   A "O5'"  1 
ATOM   658  C  "C5'"  . C   A 1 20 ? 3.644   4.353   1.084   1.00 6.87  ? 79  C   A "C5'"  1 
ATOM   659  C  "C4'"  . C   A 1 20 ? 3.632   5.820   1.384   1.00 6.16  ? 79  C   A "C4'"  1 
ATOM   660  O  "O4'"  . C   A 1 20 ? 2.592   6.448   0.605   1.00 6.27  ? 79  C   A "O4'"  1 
ATOM   661  C  "C3'"  . C   A 1 20 ? 3.283   6.182   2.812   1.00 6.17  ? 79  C   A "C3'"  1 
ATOM   662  O  "O3'"  . C   A 1 20 ? 4.382   6.047   3.689   1.00 6.92  ? 79  C   A "O3'"  1 
ATOM   663  C  "C2'"  . C   A 1 20 ? 2.766   7.603   2.658   1.00 6.49  ? 79  C   A "C2'"  1 
ATOM   664  O  "O2'"  . C   A 1 20 ? 3.835   8.522   2.490   1.00 8.75  ? 79  C   A "O2'"  1 
ATOM   665  C  "C1'"  . C   A 1 20 ? 2.013   7.496   1.339   1.00 5.81  ? 79  C   A "C1'"  1 
ATOM   666  N  N1     . C   A 1 20 ? 0.581   7.212   1.531   1.00 6.28  ? 79  C   A N1     1 
ATOM   667  C  C2     . C   A 1 20 ? -0.202  8.269   1.976   1.00 5.11  ? 79  C   A C2     1 
ATOM   668  O  O2     . C   A 1 20 ? 0.328   9.354   2.206   1.00 6.38  ? 79  C   A O2     1 
ATOM   669  N  N3     . C   A 1 20 ? -1.518  8.105   2.140   1.00 5.29  ? 79  C   A N3     1 
ATOM   670  C  C4     . C   A 1 20 ? -2.033  6.917   1.881   1.00 5.77  ? 79  C   A C4     1 
ATOM   671  N  N4     . C   A 1 20 ? -3.342  6.810   2.074   1.00 5.83  ? 79  C   A N4     1 
ATOM   672  C  C5     . C   A 1 20 ? -1.257  5.812   1.420   1.00 5.57  ? 79  C   A C5     1 
ATOM   673  C  C6     . C   A 1 20 ? 0.056   5.996   1.265   1.00 6.04  ? 79  C   A C6     1 
ATOM   674  H  "H5'"  . C   A 1 20 ? 3.926   4.219   0.165   1.00 8.25  ? 79  C   A "H5'"  1 
ATOM   675  H  "H5''" . C   A 1 20 ? 4.274   3.912   1.674   1.00 8.25  ? 79  C   A "H5''" 1 
ATOM   676  H  "H4'"  . C   A 1 20 ? 4.489   6.212   1.156   1.00 7.40  ? 79  C   A "H4'"  1 
ATOM   677  H  "H3'"  . C   A 1 20 ? 2.559   5.621   3.134   1.00 7.41  ? 79  C   A "H3'"  1 
ATOM   678  H  "H2'"  . C   A 1 20 ? 2.189   7.859   3.394   1.00 7.79  ? 79  C   A "H2'"  1 
ATOM   679  H  "HO2'" . C   A 1 20 ? 4.323   8.504   3.174   1.00 10.49 ? 79  C   A "HO2'" 1 
ATOM   680  H  "H1'"  . C   A 1 20 ? 2.105   8.326   0.846   1.00 6.97  ? 79  C   A "H1'"  1 
ATOM   681  H  H41    . C   A 1 20 ? -3.739  6.062   1.924   1.00 7.00  ? 79  C   A H41    1 
ATOM   682  H  H42    . C   A 1 20 ? -3.793  7.488   2.350   1.00 7.00  ? 79  C   A H42    1 
ATOM   683  H  H5     . C   A 1 20 ? -1.652  4.991   1.236   1.00 6.69  ? 79  C   A H5     1 
ATOM   684  H  H6     . C   A 1 20 ? 0.600   5.299   0.976   1.00 7.25  ? 79  C   A H6     1 
ATOM   685  P  P      . C   A 1 21 ? 4.237   5.215   5.048   1.00 9.50  ? 80  C   A P      1 
ATOM   686  O  OP1    . C   A 1 21 ? 5.595   5.267   5.639   1.00 11.52 ? 80  C   A OP1    1 
ATOM   687  O  OP2    . C   A 1 21 ? 3.684   3.883   4.739   1.00 8.00  ? 80  C   A OP2    1 
ATOM   688  O  "O5'"  . C   A 1 21 ? 3.240   6.081   5.936   1.00 9.29  ? 80  C   A "O5'"  1 
ATOM   689  C  "C5'"  . C   A 1 21 ? 3.602   7.390   6.341   1.00 8.00  ? 80  C   A "C5'"  1 
ATOM   690  C  "C4'"  . C   A 1 21 ? 2.404   8.196   6.774   1.00 7.92  ? 80  C   A "C4'"  1 
ATOM   691  O  "O4'"  . C   A 1 21 ? 1.471   8.360   5.679   1.00 9.18  ? 80  C   A "O4'"  1 
ATOM   692  C  "C3'"  . C   A 1 21 ? 1.562   7.592   7.880   1.00 7.77  ? 80  C   A "C3'"  1 
ATOM   693  O  "O3'"  . C   A 1 21 ? 2.140   7.799   9.148   1.00 9.39  ? 80  C   A "O3'"  1 
ATOM   694  C  "C2'"  . C   A 1 21 ? 0.236   8.296   7.696   1.00 8.71  ? 80  C   A "C2'"  1 
ATOM   695  O  "O2'"  . C   A 1 21 ? 0.293   9.617   8.217   1.00 10.55 ? 80  C   A "O2'"  1 
ATOM   696  C  "C1'"  . C   A 1 21 ? 0.151   8.358   6.177   1.00 9.19  ? 80  C   A "C1'"  1 
ATOM   697  N  N1     . C   A 1 21 ? -0.539  7.168   5.647   1.00 8.99  ? 80  C   A N1     1 
ATOM   698  C  C2     . C   A 1 21 ? -1.937  7.135   5.652   1.00 8.09  ? 80  C   A C2     1 
ATOM   699  O  O2     . C   A 1 21 ? -2.551  8.111   6.101   1.00 8.47  ? 80  C   A O2     1 
ATOM   700  N  N3     . C   A 1 21 ? -2.600  6.054   5.182   1.00 8.28  ? 80  C   A N3     1 
ATOM   701  C  C4     . C   A 1 21 ? -1.892  5.032   4.710   1.00 7.47  ? 80  C   A C4     1 
ATOM   702  N  N4     . C   A 1 21 ? -2.560  3.979   4.238   1.00 6.66  ? 80  C   A N4     1 
ATOM   703  C  C5     . C   A 1 21 ? -0.465  5.047   4.687   1.00 7.68  ? 80  C   A C5     1 
ATOM   704  C  C6     . C   A 1 21 ? 0.175   6.118   5.171   1.00 7.72  ? 80  C   A C6     1 
ATOM   705  H  "H5'"  . C   A 1 21 ? 4.034   7.842   5.600   1.00 9.60  ? 80  C   A "H5'"  1 
ATOM   706  H  "H5''" . C   A 1 21 ? 4.226   7.330   7.081   1.00 9.60  ? 80  C   A "H5''" 1 
ATOM   707  H  "H4'"  . C   A 1 21 ? 2.710   9.076   7.047   1.00 9.50  ? 80  C   A "H4'"  1 
ATOM   708  H  "H3'"  . C   A 1 21 ? 1.438   6.642   7.727   1.00 9.33  ? 80  C   A "H3'"  1 
ATOM   709  H  "H2'"  . C   A 1 21 ? -0.505  7.800   8.074   1.00 10.45 ? 80  C   A "H2'"  1 
ATOM   710  H  "HO2'" . C   A 1 21 ? 0.116   9.594   9.039   1.00 12.66 ? 80  C   A "HO2'" 1 
ATOM   711  H  "H1'"  . C   A 1 21 ? -0.302  9.168   5.895   1.00 11.03 ? 80  C   A "H1'"  1 
ATOM   712  H  H41    . C   A 1 21 ? -2.130  3.302   3.926   1.00 7.99  ? 80  C   A H41    1 
ATOM   713  H  H42    . C   A 1 21 ? -3.420  3.976   4.245   1.00 7.99  ? 80  C   A H42    1 
ATOM   714  H  H5     . C   A 1 21 ? 0.011   4.327   4.340   1.00 9.22  ? 80  C   A H5     1 
ATOM   715  H  H6     . C   A 1 21 ? 1.104   6.141   5.183   1.00 9.27  ? 80  C   A H6     1 
ATOM   716  P  P      . G   A 1 22 ? 2.206   6.601   10.203  1.00 9.91  ? 81  G   A P      1 
ATOM   717  O  OP1    . G   A 1 22 ? 2.650   7.207   11.488  1.00 11.41 ? 81  G   A OP1    1 
ATOM   718  O  OP2    . G   A 1 22 ? 2.929   5.452   9.622   1.00 11.54 ? 81  G   A OP2    1 
ATOM   719  O  "O5'"  . G   A 1 22 ? 0.686   6.171   10.371  1.00 7.54  ? 81  G   A "O5'"  1 
ATOM   720  C  "C5'"  . G   A 1 22 ? -0.251  7.046   10.974  1.00 7.83  ? 81  G   A "C5'"  1 
ATOM   721  C  "C4'"  . G   A 1 22 ? -1.649  6.496   10.899  1.00 7.29  ? 81  G   A "C4'"  1 
ATOM   722  O  "O4'"  . G   A 1 22 ? -2.104  6.420   9.513   1.00 6.55  ? 81  G   A "O4'"  1 
ATOM   723  C  "C3'"  . G   A 1 22 ? -1.835  5.076   11.408  1.00 8.05  ? 81  G   A "C3'"  1 
ATOM   724  O  "O3'"  . G   A 1 22 ? -1.861  4.974   12.821  1.00 9.20  ? 81  G   A "O3'"  1 
ATOM   725  C  "C2'"  . G   A 1 22 ? -3.136  4.680   10.727  1.00 7.74  ? 81  G   A "C2'"  1 
ATOM   726  O  "O2'"  . G   A 1 22 ? -4.234  5.362   11.306  1.00 10.72 ? 81  G   A "O2'"  1 
ATOM   727  C  "C1'"  . G   A 1 22 ? -2.903  5.265   9.344   1.00 6.07  ? 81  G   A "C1'"  1 
ATOM   728  N  N9     . G   A 1 22 ? -2.158  4.318   8.500   1.00 6.36  ? 81  G   A N9     1 
ATOM   729  C  C8     . G   A 1 22 ? -0.821  4.329   8.180   1.00 7.03  ? 81  G   A C8     1 
ATOM   730  N  N7     . G   A 1 22 ? -0.478  3.324   7.416   1.00 8.09  ? 81  G   A N7     1 
ATOM   731  C  C5     . G   A 1 22 ? -1.655  2.619   7.232   1.00 7.55  ? 81  G   A C5     1 
ATOM   732  C  C6     . G   A 1 22 ? -1.929  1.461   6.482   1.00 6.97  ? 81  G   A C6     1 
ATOM   733  O  O6     . G   A 1 22 ? -1.176  0.752   5.834   1.00 6.01  ? 81  G   A O6     1 
ATOM   734  N  N1     . G   A 1 22 ? -3.256  1.093   6.582   1.00 6.91  ? 81  G   A N1     1 
ATOM   735  C  C2     . G   A 1 22 ? -4.200  1.802   7.266   1.00 7.12  ? 81  G   A C2     1 
ATOM   736  N  N2     . G   A 1 22 ? -5.431  1.252   7.231   1.00 8.30  ? 81  G   A N2     1 
ATOM   737  N  N3     . G   A 1 22 ? -3.976  2.875   7.993   1.00 6.40  ? 81  G   A N3     1 
ATOM   738  C  C4     . G   A 1 22 ? -2.690  3.235   7.883   1.00 7.01  ? 81  G   A C4     1 
ATOM   739  H  "H5'"  . G   A 1 22 ? -0.224  7.902   10.520  1.00 9.40  ? 81  G   A "H5'"  1 
ATOM   740  H  "H5''" . G   A 1 22 ? -0.012  7.175   11.906  1.00 9.40  ? 81  G   A "H5''" 1 
ATOM   741  H  "H4'"  . G   A 1 22 ? -2.236  7.097   11.384  1.00 8.75  ? 81  G   A "H4'"  1 
ATOM   742  H  "H3'"  . G   A 1 22 ? -1.111  4.516   11.084  1.00 9.66  ? 81  G   A "H3'"  1 
ATOM   743  H  "H2'"  . G   A 1 22 ? -3.271  3.719   10.715  1.00 9.28  ? 81  G   A "H2'"  1 
ATOM   744  H  "HO2'" . G   A 1 22 ? -4.172  5.317   12.143  1.00 12.86 ? 81  G   A "HO2'" 1 
ATOM   745  H  "H1'"  . G   A 1 22 ? -3.746  5.504   8.927   1.00 7.29  ? 81  G   A "H1'"  1 
ATOM   746  H  H8     . G   A 1 22 ? -0.226  4.980   8.474   1.00 8.44  ? 81  G   A H8     1 
ATOM   747  H  H1     . G   A 1 22 ? -3.504  0.370   6.185   1.00 8.29  ? 81  G   A H1     1 
ATOM   748  H  H21    . G   A 1 22 ? -5.576  0.551   6.756   1.00 9.96  ? 81  G   A H21    1 
ATOM   749  H  H22    . G   A 1 22 ? -6.072  1.604   7.685   1.00 9.96  ? 81  G   A H22    1 
ATOM   750  P  P      . G   A 1 23 ? -1.250  3.690   13.567  1.00 10.00 ? 82  G   A P      1 
ATOM   751  O  OP1    . G   A 1 23 ? -1.304  4.055   15.008  1.00 12.78 ? 82  G   A OP1    1 
ATOM   752  O  OP2    . G   A 1 23 ? 0.075   3.355   12.963  1.00 9.09  ? 82  G   A OP2    1 
ATOM   753  O  "O5'"  . G   A 1 23 ? -2.273  2.518   13.248  1.00 9.32  ? 82  G   A "O5'"  1 
ATOM   754  C  "C5'"  . G   A 1 23 ? -3.657  2.694   13.477  1.00 8.52  ? 82  G   A "C5'"  1 
ATOM   755  C  "C4'"  . G   A 1 23 ? -4.467  1.650   12.760  1.00 7.99  ? 82  G   A "C4'"  1 
ATOM   756  O  "O4'"  . G   A 1 23 ? -4.244  1.735   11.333  1.00 6.96  ? 82  G   A "O4'"  1 
ATOM   757  C  "C3'"  . G   A 1 23 ? -4.134  0.207   13.080  1.00 8.45  ? 82  G   A "C3'"  1 
ATOM   758  O  "O3'"  . G   A 1 23 ? -4.684  -0.219  14.297  1.00 10.40 ? 82  G   A "O3'"  1 
ATOM   759  C  "C2'"  . G   A 1 23 ? -4.699  -0.521  11.882  1.00 6.48  ? 82  G   A "C2'"  1 
ATOM   760  O  "O2'"  . G   A 1 23 ? -6.116  -0.546  11.945  1.00 6.28  ? 82  G   A "O2'"  1 
ATOM   761  C  "C1'"  . G   A 1 23 ? -4.313  0.445   10.771  1.00 6.02  ? 82  G   A "C1'"  1 
ATOM   762  N  N9     . G   A 1 23 ? -3.015  0.162   10.153  1.00 5.97  ? 82  G   A N9     1 
ATOM   763  C  C8     . G   A 1 23 ? -1.854  0.901   10.169  1.00 5.21  ? 82  G   A C8     1 
ATOM   764  N  N7     . G   A 1 23 ? -0.897  0.369   9.448   1.00 5.46  ? 82  G   A N7     1 
ATOM   765  C  C5     . G   A 1 23 ? -1.499  -0.764  8.907   1.00 5.75  ? 82  G   A C5     1 
ATOM   766  C  C6     . G   A 1 23 ? -0.989  -1.771  8.055   1.00 6.05  ? 82  G   A C6     1 
ATOM   767  O  O6     . G   A 1 23 ? 0.139   -1.788  7.572   1.00 6.48  ? 82  G   A O6     1 
ATOM   768  N  N1     . G   A 1 23 ? -1.942  -2.747  7.760   1.00 6.11  ? 82  G   A N1     1 
ATOM   769  C  C2     . G   A 1 23 ? -3.221  -2.781  8.244   1.00 7.34  ? 82  G   A C2     1 
ATOM   770  N  N2     . G   A 1 23 ? -3.994  -3.797  7.849   1.00 7.38  ? 82  G   A N2     1 
ATOM   771  N  N3     . G   A 1 23 ? -3.715  -1.856  9.051   1.00 6.70  ? 82  G   A N3     1 
ATOM   772  C  C4     . G   A 1 23 ? -2.801  -0.900  9.341   1.00 5.51  ? 82  G   A C4     1 
ATOM   773  H  "H5'"  . G   A 1 23 ? -3.922  3.573   13.164  1.00 10.23 ? 82  G   A "H5'"  1 
ATOM   774  H  "H5''" . G   A 1 23 ? -3.832  2.633   14.430  1.00 10.23 ? 82  G   A "H5''" 1 
ATOM   775  H  "H4'"  . G   A 1 23 ? -5.405  1.812   12.946  1.00 9.59  ? 82  G   A "H4'"  1 
ATOM   776  H  "H3'"  . G   A 1 23 ? -3.170  0.097   13.107  1.00 10.14 ? 82  G   A "H3'"  1 
ATOM   777  H  "H2'"  . G   A 1 23 ? -4.318  -1.405  11.770  1.00 7.78  ? 82  G   A "H2'"  1 
ATOM   778  H  "HO2'" . G   A 1 23 ? -6.354  -0.525  12.751  1.00 7.54  ? 82  G   A "HO2'" 1 
ATOM   779  H  "H1'"  . G   A 1 23 ? -5.000  0.399   10.087  1.00 7.22  ? 82  G   A "H1'"  1 
ATOM   780  H  H8     . G   A 1 23 ? -1.759  1.695   10.641  1.00 6.26  ? 82  G   A H8     1 
ATOM   781  H  H1     . G   A 1 23 ? -1.705  -3.380  7.228   1.00 7.33  ? 82  G   A H1     1 
ATOM   782  H  H21    . G   A 1 23 ? -3.678  -4.400  7.324   1.00 8.86  ? 82  G   A H21    1 
ATOM   783  H  H22    . G   A 1 23 ? -4.810  -3.847  8.119   1.00 8.86  ? 82  G   A H22    1 
ATOM   784  P  P      . A   A 1 24 ? -3.785  -1.085  15.296  1.00 13.69 ? 83  A   A P      1 
ATOM   785  O  OP1    . A   A 1 24 ? -4.455  -1.040  16.624  1.00 14.82 ? 83  A   A OP1    1 
ATOM   786  O  OP2    . A   A 1 24 ? -2.375  -0.631  15.220  1.00 13.74 ? 83  A   A OP2    1 
ATOM   787  O  "O5'"  . A   A 1 24 ? -3.917  -2.562  14.728  1.00 11.96 ? 83  A   A "O5'"  1 
ATOM   788  C  "C5'"  . A   A 1 24 ? -5.181  -3.207  14.720  1.00 11.04 ? 83  A   A "C5'"  1 
ATOM   789  C  "C4'"  . A   A 1 24 ? -5.223  -4.403  13.803  1.00 10.90 ? 83  A   A "C4'"  1 
ATOM   790  O  "O4'"  . A   A 1 24 ? -4.973  -4.009  12.429  1.00 10.78 ? 83  A   A "O4'"  1 
ATOM   791  C  "C3'"  . A   A 1 24 ? -4.181  -5.475  14.059  1.00 11.37 ? 83  A   A "C3'"  1 
ATOM   792  O  "O3'"  . A   A 1 24 ? -4.466  -6.292  15.175  1.00 12.87 ? 83  A   A "O3'"  1 
ATOM   793  C  "C2'"  . A   A 1 24 ? -4.166  -6.217  12.733  1.00 11.10 ? 83  A   A "C2'"  1 
ATOM   794  O  "O2'"  . A   A 1 24 ? -5.312  -7.043  12.601  1.00 11.82 ? 83  A   A "O2'"  1 
ATOM   795  C  "C1'"  . A   A 1 24 ? -4.287  -5.050  11.755  1.00 11.02 ? 83  A   A "C1'"  1 
ATOM   796  N  N9     . A   A 1 24 ? -2.959  -4.556  11.326  1.00 8.93  ? 83  A   A N9     1 
ATOM   797  C  C8     . A   A 1 24 ? -2.304  -3.420  11.717  1.00 9.34  ? 83  A   A C8     1 
ATOM   798  N  N7     . A   A 1 24 ? -1.130  -3.262  11.158  1.00 9.15  ? 83  A   A N7     1 
ATOM   799  C  C5     . A   A 1 24 ? -0.976  -4.375  10.358  1.00 8.08  ? 83  A   A C5     1 
ATOM   800  C  C6     . A   A 1 24 ? 0.061   -4.783  9.509   1.00 8.87  ? 83  A   A C6     1 
ATOM   801  N  N6     . A   A 1 24 ? 1.177   -4.081  9.336   1.00 9.98  ? 83  A   A N6     1 
ATOM   802  N  N1     . A   A 1 24 ? -0.084  -5.949  8.841   1.00 8.27  ? 83  A   A N1     1 
ATOM   803  C  C2     . A   A 1 24 ? -1.224  -6.628  9.017   1.00 7.85  ? 83  A   A C2     1 
ATOM   804  N  N3     . A   A 1 24 ? -2.271  -6.334  9.791   1.00 7.91  ? 83  A   A N3     1 
ATOM   805  C  C4     . A   A 1 24 ? -2.096  -5.180  10.445  1.00 7.84  ? 83  A   A C4     1 
ATOM   806  H  "H5'"  . A   A 1 24 ? -5.854  -2.570  14.431  1.00 13.25 ? 83  A   A "H5'"  1 
ATOM   807  H  "H5''" . A   A 1 24 ? -5.389  -3.498  15.622  1.00 13.25 ? 83  A   A "H5''" 1 
ATOM   808  H  "H4'"  . A   A 1 24 ? -6.109  -4.793  13.858  1.00 13.08 ? 83  A   A "H4'"  1 
ATOM   809  H  "H3'"  . A   A 1 24 ? -3.319  -5.054  14.205  1.00 13.64 ? 83  A   A "H3'"  1 
ATOM   810  H  "H2'"  . A   A 1 24 ? -3.349  -6.722  12.602  1.00 13.32 ? 83  A   A "H2'"  1 
ATOM   811  H  "HO2'" . A   A 1 24 ? -5.887  -6.641  12.138  1.00 14.18 ? 83  A   A "HO2'" 1 
ATOM   812  H  "H1'"  . A   A 1 24 ? -4.796  -5.317  10.974  1.00 13.22 ? 83  A   A "H1'"  1 
ATOM   813  H  H8     . A   A 1 24 ? -2.660  -2.813  12.325  1.00 11.21 ? 83  A   A H8     1 
ATOM   814  H  H61    . A   A 1 24 ? 1.790   -4.373  8.808   1.00 11.98 ? 83  A   A H61    1 
ATOM   815  H  H62    . A   A 1 24 ? 1.286   -3.337  9.752   1.00 11.98 ? 83  A   A H62    1 
ATOM   816  H  H2     . A   A 1 24 ? -1.298  -7.416  8.528   1.00 9.42  ? 83  A   A H2     1 
ATOM   817  P  P      . G   A 1 25 ? -3.261  -6.966  15.996  1.00 15.49 ? 84  G   A P      1 
ATOM   818  O  OP1    . G   A 1 25 ? -3.895  -7.791  17.055  1.00 16.05 ? 84  G   A OP1    1 
ATOM   819  O  OP2    . G   A 1 25 ? -2.255  -5.939  16.361  1.00 15.86 ? 84  G   A OP2    1 
ATOM   820  O  "O5'"  . G   A 1 25 ? -2.592  -7.978  14.960  1.00 15.72 ? 84  G   A "O5'"  1 
ATOM   821  C  "C5'"  . G   A 1 25 ? -3.221  -9.214  14.658  1.00 15.98 ? 84  G   A "C5'"  1 
ATOM   822  C  "C4'"  . G   A 1 25 ? -2.586  -9.936  13.491  1.00 15.44 ? 84  G   A "C4'"  1 
ATOM   823  O  "O4'"  . G   A 1 25 ? -2.316  -9.028  12.395  1.00 15.84 ? 84  G   A "O4'"  1 
ATOM   824  C  "C3'"  . G   A 1 25 ? -1.245  -10.601 13.730  1.00 14.43 ? 84  G   A "C3'"  1 
ATOM   825  O  "O3'"  . G   A 1 25 ? -1.343  -11.798 14.466  1.00 13.89 ? 84  G   A "O3'"  1 
ATOM   826  C  "C2'"  . G   A 1 25 ? -0.739  -10.800 12.311  1.00 14.91 ? 84  G   A "C2'"  1 
ATOM   827  O  "O2'"  . G   A 1 25 ? -1.394  -11.891 11.681  1.00 14.93 ? 84  G   A "O2'"  1 
ATOM   828  C  "C1'"  . G   A 1 25 ? -1.208  -9.506  11.654  1.00 15.26 ? 84  G   A "C1'"  1 
ATOM   829  N  N9     . G   A 1 25 ? -0.156  -8.482  11.656  1.00 14.41 ? 84  G   A N9     1 
ATOM   830  C  C8     . G   A 1 25 ? -0.110  -7.329  12.393  1.00 14.03 ? 84  G   A C8     1 
ATOM   831  N  N7     . G   A 1 25 ? 0.948   -6.611  12.157  1.00 13.98 ? 84  G   A N7     1 
ATOM   832  C  C5     . G   A 1 25 ? 1.647   -7.339  11.200  1.00 14.03 ? 84  G   A C5     1 
ATOM   833  C  C6     . G   A 1 25 ? 2.881   -7.069  10.553  1.00 14.29 ? 84  G   A C6     1 
ATOM   834  O  O6     . G   A 1 25 ? 3.622   -6.090  10.716  1.00 15.64 ? 84  G   A O6     1 
ATOM   835  N  N1     . G   A 1 25 ? 3.215   -8.081  9.652   1.00 12.80 ? 84  G   A N1     1 
ATOM   836  C  C2     . G   A 1 25 ? 2.463   -9.205  9.406   1.00 12.29 ? 84  G   A C2     1 
ATOM   837  N  N2     . G   A 1 25 ? 2.944   -10.083 8.513   1.00 11.93 ? 84  G   A N2     1 
ATOM   838  N  N3     . G   A 1 25 ? 1.318   -9.471  10.014  1.00 13.30 ? 84  G   A N3     1 
ATOM   839  C  C4     . G   A 1 25 ? 0.976   -8.498  10.883  1.00 13.86 ? 84  G   A C4     1 
ATOM   840  H  "H5'"  . G   A 1 25 ? -4.152  -9.044  14.448  1.00 19.18 ? 84  G   A "H5'"  1 
ATOM   841  H  "H5''" . G   A 1 25 ? -3.172  -9.786  15.440  1.00 19.18 ? 84  G   A "H5''" 1 
ATOM   842  H  "H4'"  . G   A 1 25 ? -3.223  -10.605 13.195  1.00 18.52 ? 84  G   A "H4'"  1 
ATOM   843  H  "H3'"  . G   A 1 25 ? -0.660  -9.989  14.204  1.00 17.32 ? 84  G   A "H3'"  1 
ATOM   844  H  "H2'"  . G   A 1 25 ? 0.226   -10.898 12.278  1.00 17.89 ? 84  G   A "H2'"  1 
ATOM   845  H  "HO2'" . G   A 1 25 ? -1.143  -12.606 12.043  1.00 17.92 ? 84  G   A "HO2'" 1 
ATOM   846  H  "H1'"  . G   A 1 25 ? -1.485  -9.681  10.741  1.00 18.31 ? 84  G   A "H1'"  1 
ATOM   847  H  H8     . G   A 1 25 ? -0.770  -7.084  13.002  1.00 16.83 ? 84  G   A H8     1 
ATOM   848  H  H1     . G   A 1 25 ? 3.951   -7.995  9.216   1.00 15.37 ? 84  G   A H1     1 
ATOM   849  H  H21    . G   A 1 25 ? 3.686   -9.924  8.109   1.00 14.32 ? 84  G   A H21    1 
ATOM   850  H  H22    . G   A 1 25 ? 2.509   -10.806 8.343   1.00 14.32 ? 84  G   A H22    1 
ATOM   851  P  P      . U   A 1 26 ? -0.228  -12.159 15.558  1.00 13.35 ? 85  U   A P      1 
ATOM   852  O  OP1    . U   A 1 26 ? -0.719  -13.377 16.237  1.00 14.44 ? 85  U   A OP1    1 
ATOM   853  O  OP2    . U   A 1 26 ? 0.101   -10.934 16.319  1.00 13.39 ? 85  U   A OP2    1 
ATOM   854  O  "O5'"  . U   A 1 26 ? 1.082   -12.481 14.719  1.00 13.14 ? 85  U   A "O5'"  1 
ATOM   855  C  "C5'"  . U   A 1 26 ? 1.103   -13.537 13.778  1.00 13.74 ? 85  U   A "C5'"  1 
ATOM   856  C  "C4'"  . U   A 1 26 ? 2.316   -13.434 12.907  1.00 14.27 ? 85  U   A "C4'"  1 
ATOM   857  O  "O4'"  . U   A 1 26 ? 2.249   -12.224 12.117  1.00 13.21 ? 85  U   A "O4'"  1 
ATOM   858  C  "C3'"  . U   A 1 26 ? 3.628   -13.299 13.643  1.00 15.47 ? 85  U   A "C3'"  1 
ATOM   859  O  "O3'"  . U   A 1 26 ? 4.095   -14.521 14.173  1.00 16.12 ? 85  U   A "O3'"  1 
ATOM   860  C  "C2'"  . U   A 1 26 ? 4.527   -12.675 12.590  1.00 14.26 ? 85  U   A "C2'"  1 
ATOM   861  O  "O2'"  . U   A 1 26 ? 4.979   -13.635 11.650  1.00 13.94 ? 85  U   A "O2'"  1 
ATOM   862  C  "C1'"  . U   A 1 26 ? 3.552   -11.722 11.908  1.00 13.71 ? 85  U   A "C1'"  1 
ATOM   863  N  N1     . U   A 1 26 ? 3.644   -10.368 12.484  1.00 13.34 ? 85  U   A N1     1 
ATOM   864  C  C2     . U   A 1 26 ? 4.685   -9.583  12.048  1.00 14.19 ? 85  U   A C2     1 
ATOM   865  O  O2     . U   A 1 26 ? 5.501   -9.969  11.227  1.00 14.27 ? 85  U   A O2     1 
ATOM   866  N  N3     . U   A 1 26 ? 4.741   -8.341  12.619  1.00 13.96 ? 85  U   A N3     1 
ATOM   867  C  C4     . U   A 1 26 ? 3.873   -7.823  13.555  1.00 12.89 ? 85  U   A C4     1 
ATOM   868  O  O4     . U   A 1 26 ? 4.039   -6.679  13.968  1.00 13.15 ? 85  U   A O4     1 
ATOM   869  C  C5     . U   A 1 26 ? 2.812   -8.701  13.944  1.00 12.78 ? 85  U   A C5     1 
ATOM   870  C  C6     . U   A 1 26 ? 2.751   -9.923  13.422  1.00 12.85 ? 85  U   A C6     1 
ATOM   871  H  "H5'"  . U   A 1 26 ? 0.307   -13.493 13.227  1.00 16.48 ? 85  U   A "H5'"  1 
ATOM   872  H  "H5''" . U   A 1 26 ? 1.116   -14.385 14.248  1.00 16.48 ? 85  U   A "H5''" 1 
ATOM   873  H  "H4'"  . U   A 1 26 ? 2.351   -14.200 12.313  1.00 17.12 ? 85  U   A "H4'"  1 
ATOM   874  H  "H3'"  . U   A 1 26 ? 3.529   -12.670 14.374  1.00 18.57 ? 85  U   A "H3'"  1 
ATOM   875  H  "H2'"  . U   A 1 26 ? 5.277   -12.205 12.988  1.00 17.11 ? 85  U   A "H2'"  1 
ATOM   876  H  "HO2'" . U   A 1 26 ? 4.450   -13.648 10.997  1.00 16.72 ? 85  U   A "HO2'" 1 
ATOM   877  H  "H1'"  . U   A 1 26 ? 3.727   -11.685 10.955  1.00 16.45 ? 85  U   A "H1'"  1 
ATOM   878  H  H3     . U   A 1 26 ? 5.386   -7.831  12.367  1.00 16.75 ? 85  U   A H3     1 
ATOM   879  H  H5     . U   A 1 26 ? 2.173   -8.419  14.557  1.00 15.33 ? 85  U   A H5     1 
ATOM   880  H  H6     . U   A 1 26 ? 2.075   -10.497 13.704  1.00 15.42 ? 85  U   A H6     1 
ATOM   881  P  P      . G   A 1 27 ? 5.022   -14.518 15.478  1.00 15.24 ? 86  G   A P      1 
ATOM   882  O  OP1    . G   A 1 27 ? 5.237   -15.938 15.846  1.00 15.44 ? 86  G   A OP1    1 
ATOM   883  O  OP2    . G   A 1 27 ? 4.507   -13.561 16.486  1.00 15.61 ? 86  G   A OP2    1 
ATOM   884  O  "O5'"  . G   A 1 27 ? 6.402   -13.946 14.938  1.00 15.64 ? 86  G   A "O5'"  1 
ATOM   885  C  "C5'"  . G   A 1 27 ? 7.161   -14.689 14.002  1.00 15.53 ? 86  G   A "C5'"  1 
ATOM   886  C  "C4'"  . G   A 1 27 ? 8.356   -13.920 13.512  1.00 15.79 ? 86  G   A "C4'"  1 
ATOM   887  O  "O4'"  . G   A 1 27 ? 7.935   -12.717 12.823  1.00 15.55 ? 86  G   A "O4'"  1 
ATOM   888  C  "C3'"  . G   A 1 27 ? 9.306   -13.406 14.573  1.00 16.78 ? 86  G   A "C3'"  1 
ATOM   889  O  "O3'"  . G   A 1 27 ? 10.152  -14.410 15.097  1.00 17.61 ? 86  G   A "O3'"  1 
ATOM   890  C  "C2'"  . G   A 1 27 ? 10.051  -12.307 13.827  1.00 16.57 ? 86  G   A "C2'"  1 
ATOM   891  O  "O2'"  . G   A 1 27 ? 11.083  -12.847 13.018  1.00 16.87 ? 86  G   A "O2'"  1 
ATOM   892  C  "C1'"  . G   A 1 27 ? 8.946   -11.737 12.932  1.00 15.66 ? 86  G   A "C1'"  1 
ATOM   893  N  N9     . G   A 1 27 ? 8.376   -10.494 13.483  1.00 14.79 ? 86  G   A N9     1 
ATOM   894  C  C8     . G   A 1 27 ? 7.285   -10.327 14.298  1.00 14.88 ? 86  G   A C8     1 
ATOM   895  N  N7     . G   A 1 27 ? 7.065   -9.081  14.610  1.00 14.94 ? 86  G   A N7     1 
ATOM   896  C  C5     . G   A 1 27 ? 8.074   -8.388  13.966  1.00 14.80 ? 86  G   A C5     1 
ATOM   897  C  C6     . G   A 1 27 ? 8.361   -7.007  13.941  1.00 15.36 ? 86  G   A C6     1 
ATOM   898  O  O6     . G   A 1 27 ? 7.741   -6.102  14.502  1.00 16.09 ? 86  G   A O6     1 
ATOM   899  N  N1     . G   A 1 27 ? 9.490   -6.729  13.179  1.00 15.09 ? 86  G   A N1     1 
ATOM   900  C  C2     . G   A 1 27 ? 10.246  -7.663  12.518  1.00 15.47 ? 86  G   A C2     1 
ATOM   901  N  N2     . G   A 1 27 ? 11.294  -7.200  11.820  1.00 15.93 ? 86  G   A N2     1 
ATOM   902  N  N3     . G   A 1 27 ? 9.983   -8.957  12.530  1.00 15.60 ? 86  G   A N3     1 
ATOM   903  C  C4     . G   A 1 27 ? 8.898   -9.245  13.278  1.00 14.77 ? 86  G   A C4     1 
ATOM   904  H  "H5'"  . G   A 1 27 ? 6.596   -14.911 13.244  1.00 18.64 ? 86  G   A "H5'"  1 
ATOM   905  H  "H5''" . G   A 1 27 ? 7.464   -15.510 14.421  1.00 18.64 ? 86  G   A "H5''" 1 
ATOM   906  H  "H4'"  . G   A 1 27 ? 8.844   -14.484 12.892  1.00 18.95 ? 86  G   A "H4'"  1 
ATOM   907  H  "H3'"  . G   A 1 27 ? 8.795   -13.015 15.299  1.00 20.13 ? 86  G   A "H3'"  1 
ATOM   908  H  "HO3'" . G   A 1 27 ? 10.985  -14.346 15.012  1.00 21.14 ? 86  G   A "HO3'" 1 
ATOM   909  H  "H2'"  . G   A 1 27 ? 10.397  -11.632 14.432  1.00 19.88 ? 86  G   A "H2'"  1 
ATOM   910  H  "HO2'" . G   A 1 27 ? 10.875  -12.752 12.210  1.00 20.25 ? 86  G   A "HO2'" 1 
ATOM   911  H  "H1'"  . G   A 1 27 ? 9.297   -11.554 12.047  1.00 18.79 ? 86  G   A "H1'"  1 
ATOM   912  H  H8     . G   A 1 27 ? 6.755   -11.031 14.596  1.00 17.86 ? 86  G   A H8     1 
ATOM   913  H  H1     . G   A 1 27 ? 9.733   -5.906  13.117  1.00 18.11 ? 86  G   A H1     1 
ATOM   914  H  H21    . G   A 1 27 ? 11.465  -6.358  11.811  1.00 19.11 ? 86  G   A H21    1 
ATOM   915  H  H22    . G   A 1 27 ? 11.793  -7.747  11.382  1.00 19.11 ? 86  G   A H22    1 
HETATM 916  MG MG     . MG  B 2 .  ? 0.123   6.082   -22.327 1.00 12.73 ? 101 MG  A MG     1 
HETATM 917  O  O      . HOH C 3 .  ? 18.391  -0.253  11.036  1.00 20.63 ? 201 HOH A O      1 
HETATM 918  O  O      . HOH C 3 .  ? -1.897  10.106  8.809   1.00 16.50 ? 202 HOH A O      1 
HETATM 919  O  O      . HOH C 3 .  ? 3.993   1.707   3.564   1.00 14.89 ? 203 HOH A O      1 
HETATM 920  O  O      . HOH C 3 .  ? 4.703   8.425   11.665  1.00 9.02  ? 204 HOH A O      1 
HETATM 921  O  O      . HOH C 3 .  ? 2.667   -12.463 8.233   1.00 26.24 ? 205 HOH A O      1 
HETATM 922  O  O      . HOH C 3 .  ? -11.079 3.593   -10.476 1.00 18.32 ? 206 HOH A O      1 
HETATM 923  O  O      . HOH C 3 .  ? 7.371   -3.619  10.906  1.00 26.89 ? 207 HOH A O      1 
HETATM 924  O  O      . HOH C 3 .  ? 3.733   -11.270 16.688  1.00 22.62 ? 208 HOH A O      1 
HETATM 925  O  O      . HOH C 3 .  ? -2.423  -9.508  -2.166  1.00 20.31 ? 209 HOH A O      1 
HETATM 926  O  O      . HOH C 3 .  ? -11.813 0.084   -5.502  1.00 12.61 ? 210 HOH A O      1 
HETATM 927  O  O      . HOH C 3 .  ? 12.337  0.568   17.382  1.00 20.13 ? 211 HOH A O      1 
HETATM 928  O  O      . HOH C 3 .  ? -6.359  11.711  -10.255 1.00 20.78 ? 212 HOH A O      1 
HETATM 929  O  O      . HOH C 3 .  ? 1.244   10.065  -9.184  1.00 10.07 ? 213 HOH A O      1 
HETATM 930  O  O      . HOH C 3 .  ? -3.053  10.375  -23.391 1.00 10.99 ? 214 HOH A O      1 
HETATM 931  O  O      . HOH C 3 .  ? 5.081   -12.340 5.334   1.00 28.78 ? 215 HOH A O      1 
HETATM 932  O  O      . HOH C 3 .  ? -7.765  5.346   -9.258  1.00 15.89 ? 216 HOH A O      1 
HETATM 933  O  O      . HOH C 3 .  ? 12.380  -8.667  1.094   1.00 28.89 ? 217 HOH A O      1 
HETATM 934  O  O      . HOH C 3 .  ? -8.474  9.155   -9.092  1.00 7.34  ? 218 HOH A O      1 
HETATM 935  O  O      . HOH C 3 .  ? 2.674   8.535   -23.977 1.00 7.43  ? 219 HOH A O      1 
HETATM 936  O  O      . HOH C 3 .  ? 12.146  -10.839 11.840  1.00 19.92 ? 220 HOH A O      1 
HETATM 937  O  O      . HOH C 3 .  ? 5.132   10.047  -16.208 1.00 15.14 ? 221 HOH A O      1 
HETATM 938  O  O      . HOH C 3 .  ? -2.420  -3.150  -0.663  1.00 17.53 ? 222 HOH A O      1 
HETATM 939  O  O      . HOH C 3 .  ? 2.344   3.106   11.644  1.00 27.23 ? 223 HOH A O      1 
HETATM 940  O  O      . HOH C 3 .  ? -3.782  0.732   -14.150 1.00 19.66 ? 224 HOH A O      1 
HETATM 941  O  O      . HOH C 3 .  ? -4.101  -8.147  9.188   1.00 13.37 ? 225 HOH A O      1 
HETATM 942  O  O      . HOH C 3 .  ? 4.590   10.395  -22.692 1.00 17.72 ? 226 HOH A O      1 
HETATM 943  O  O      . HOH C 3 .  ? -6.346  -1.744  9.438   1.00 7.18  ? 227 HOH A O      1 
HETATM 944  O  O      . HOH C 3 .  ? -5.299  3.812   -15.549 1.00 7.55  ? 228 HOH A O      1 
HETATM 945  O  O      . HOH C 3 .  ? 0.150   -11.992 9.507   1.00 22.70 ? 229 HOH A O      1 
HETATM 946  O  O      . HOH C 3 .  ? -1.100  -12.160 5.179   1.00 11.99 ? 230 HOH A O      1 
HETATM 947  O  O      . HOH C 3 .  ? -3.540  -3.047  -11.804 1.00 26.04 ? 231 HOH A O      1 
HETATM 948  O  O      . HOH C 3 .  ? -8.435  -5.957  -0.934  1.00 15.01 ? 232 HOH A O      1 
HETATM 949  O  O      . HOH C 3 .  ? 6.828   -12.739 9.906   1.00 16.12 ? 233 HOH A O      1 
HETATM 950  O  O      . HOH C 3 .  ? -5.728  -7.367  7.159   1.00 12.29 ? 234 HOH A O      1 
HETATM 951  O  O      . HOH C 3 .  ? -1.142  1.829   2.934   1.00 6.48  ? 235 HOH A O      1 
HETATM 952  O  O      . HOH C 3 .  ? -4.093  8.516   8.296   1.00 23.02 ? 236 HOH A O      1 
HETATM 953  O  O      . HOH C 3 .  ? 5.648   -6.059  16.236  1.00 22.75 ? 237 HOH A O      1 
HETATM 954  O  O      . HOH C 3 .  ? -6.330  -4.594  8.988   1.00 7.20  ? 238 HOH A O      1 
HETATM 955  O  O      . HOH C 3 .  ? 7.491   -16.406 17.304  1.00 30.69 ? 239 HOH A O      1 
HETATM 956  O  O      . HOH C 3 .  ? -8.170  5.690   0.205   1.00 27.31 ? 240 HOH A O      1 
HETATM 957  O  O      . HOH C 3 .  ? -9.448  13.963  -5.062  1.00 25.56 ? 241 HOH A O      1 
HETATM 958  O  O      . HOH C 3 .  ? -5.684  2.892   -12.883 1.00 9.89  ? 242 HOH A O      1 
HETATM 959  O  O      . HOH C 3 .  ? 5.878   8.154   -19.036 1.00 12.02 ? 243 HOH A O      1 
HETATM 960  O  O      . HOH C 3 .  ? -5.552  9.108   -0.325  1.00 10.98 ? 244 HOH A O      1 
HETATM 961  O  O      . HOH C 3 .  ? 2.343   -3.973  -13.259 1.00 30.57 ? 245 HOH A O      1 
HETATM 962  O  O      . HOH C 3 .  ? -5.377  13.013  -13.263 1.00 10.09 ? 246 HOH A O      1 
HETATM 963  O  O      . HOH C 3 .  ? -2.989  10.596  -0.620  1.00 20.05 ? 247 HOH A O      1 
HETATM 964  O  O      . HOH C 3 .  ? 5.281   8.538   -13.668 1.00 10.54 ? 248 HOH A O      1 
HETATM 965  O  O      . HOH C 3 .  ? -8.421  6.675   -11.897 1.00 30.66 ? 249 HOH A O      1 
HETATM 966  O  O      . HOH C 3 .  ? 2.359   10.647  9.735   1.00 18.81 ? 250 HOH A O      1 
HETATM 967  O  O      . HOH C 3 .  ? 2.201   2.636   6.713   1.00 8.84  ? 251 HOH A O      1 
HETATM 968  O  O      . HOH C 3 .  ? -1.777  -1.907  -14.819 1.00 16.55 ? 252 HOH A O      1 
HETATM 969  O  O      . HOH C 3 .  ? 1.963   6.444   -5.981  1.00 17.08 ? 253 HOH A O      1 
HETATM 970  O  O      . HOH C 3 .  ? -4.142  4.099   1.562   1.00 9.37  ? 254 HOH A O      1 
HETATM 971  O  O      . HOH C 3 .  ? -4.848  -2.213  -4.340  1.00 8.92  ? 255 HOH A O      1 
HETATM 972  O  O      . HOH C 3 .  ? -12.792 -4.109  3.421   1.00 17.21 ? 256 HOH A O      1 
HETATM 973  O  O      . HOH C 3 .  ? -10.985 5.755   -9.661  1.00 26.17 ? 257 HOH A O      1 
HETATM 974  O  O      . HOH C 3 .  ? -2.569  -1.672  -18.192 1.00 24.30 ? 258 HOH A O      1 
HETATM 975  O  O      . HOH C 3 .  ? 3.491   6.202   13.958  1.00 18.77 ? 259 HOH A O      1 
HETATM 976  O  O      . HOH C 3 .  ? -1.462  -10.272 7.145   1.00 14.18 ? 260 HOH A O      1 
HETATM 977  O  O      . HOH C 3 .  ? 5.508   -9.094  16.940  1.00 16.10 ? 261 HOH A O      1 
HETATM 978  O  O      . HOH C 3 .  ? -7.438  -8.133  14.085  1.00 28.10 ? 262 HOH A O      1 
HETATM 979  O  O      . HOH C 3 .  ? -3.806  17.693  -10.567 1.00 26.44 ? 263 HOH A O      1 
HETATM 980  O  O      . HOH C 3 .  ? -0.886  -3.931  14.920  1.00 12.57 ? 264 HOH A O      1 
HETATM 981  O  O      . HOH C 3 .  ? 3.749   -2.029  6.859   1.00 9.06  ? 265 HOH A O      1 
HETATM 982  O  O      . HOH C 3 .  ? 15.199  0.725   6.416   1.00 26.00 ? 266 HOH A O      1 
HETATM 983  O  O      . HOH C 3 .  ? 1.945   0.756   9.435   1.00 16.43 ? 267 HOH A O      1 
HETATM 984  O  O      . HOH C 3 .  ? -0.001  -0.625  0.190   1.00 13.90 ? 268 HOH A O      1 
HETATM 985  O  O      . HOH C 3 .  ? -11.913 -6.023  0.047   1.00 33.40 ? 269 HOH A O      1 
HETATM 986  O  O      . HOH C 3 .  ? -5.090  6.802   6.479   1.00 26.13 ? 270 HOH A O      1 
HETATM 987  O  O      . HOH C 3 .  ? -7.220  9.375   -11.532 1.00 19.57 ? 271 HOH A O      1 
HETATM 988  O  O      . HOH C 3 .  ? 17.554  0.605   8.018   1.00 29.28 ? 272 HOH A O      1 
HETATM 989  O  O      . HOH C 3 .  ? 1.861   -4.329  13.761  1.00 28.40 ? 273 HOH A O      1 
HETATM 990  O  O      . HOH C 3 .  ? -6.195  16.014  -7.666  1.00 11.06 ? 274 HOH A O      1 
HETATM 991  O  O      . HOH C 3 .  ? 1.857   0.175   6.195   1.00 17.79 ? 275 HOH A O      1 
HETATM 992  O  O      . HOH C 3 .  ? -10.661 -5.753  5.647   1.00 7.48  ? 276 HOH A O      1 
HETATM 993  O  O      . HOH C 3 .  ? -1.085  -1.924  -12.455 1.00 19.47 ? 277 HOH A O      1 
HETATM 994  O  O      . HOH C 3 .  ? 2.757   7.619   -2.800  1.00 19.75 ? 278 HOH A O      1 
HETATM 995  O  O      . HOH C 3 .  ? 17.183  -2.122  17.843  1.00 18.93 ? 279 HOH A O      1 
HETATM 996  O  O      . HOH C 3 .  ? 1.307   -15.392 17.114  1.00 33.46 ? 280 HOH A O      1 
HETATM 997  O  O      . HOH C 3 .  ? -0.883  -3.040  -4.665  1.00 23.29 ? 281 HOH A O      1 
HETATM 998  O  O      . HOH C 3 .  ? -6.307  -4.370  -3.304  1.00 20.69 ? 282 HOH A O      1 
HETATM 999  O  O      . HOH C 3 .  ? 13.596  -5.512  10.626  1.00 14.39 ? 283 HOH A O      1 
HETATM 1000 O  O      . HOH C 3 .  ? 5.815   -1.330  -8.038  1.00 34.85 ? 284 HOH A O      1 
HETATM 1001 O  O      . HOH C 3 .  ? 1.663   12.399  -16.282 1.00 9.30  ? 285 HOH A O      1 
HETATM 1002 O  O      . HOH C 3 .  ? 1.269   14.364  -14.008 1.00 15.49 ? 286 HOH A O      1 
HETATM 1003 O  O      . HOH C 3 .  ? 0.096   -2.352  1.853   1.00 22.19 ? 287 HOH A O      1 
HETATM 1004 O  O      . HOH C 3 .  ? 11.114  -14.441 10.372  1.00 33.11 ? 288 HOH A O      1 
HETATM 1005 O  O      . HOH C 3 .  ? -10.490 11.730  -6.484  1.00 28.35 ? 289 HOH A O      1 
HETATM 1006 O  O      . HOH C 3 .  ? 1.383   -0.339  3.451   1.00 9.82  ? 290 HOH A O      1 
HETATM 1007 O  O      . HOH C 3 .  ? 0.375   -7.620  16.281  1.00 23.34 ? 291 HOH A O      1 
HETATM 1008 O  O      . HOH C 3 .  ? 5.717   -4.161  12.843  1.00 33.92 ? 292 HOH A O      1 
HETATM 1009 O  O      . HOH C 3 .  ? -6.259  10.530  -14.048 1.00 24.34 ? 293 HOH A O      1 
HETATM 1010 O  O      . HOH C 3 .  ? 3.399   11.283  -13.812 1.00 24.21 ? 294 HOH A O      1 
HETATM 1011 O  O      . HOH C 3 .  ? -5.415  9.451   2.880   1.00 22.19 ? 295 HOH A O      1 
HETATM 1012 O  O      . HOH C 3 .  ? -2.910  -4.064  -5.246  1.00 17.01 ? 296 HOH A O      1 
HETATM 1013 O  O      . HOH C 3 .  ? 3.741   -3.130  3.135   1.00 26.65 ? 297 HOH A O      1 
HETATM 1014 O  O      . HOH C 3 .  ? 4.213   -3.214  14.947  1.00 33.09 ? 298 HOH A O      1 
HETATM 1015 O  O      . HOH C 3 .  ? 5.365   4.962   12.642  1.00 31.83 ? 299 HOH A O      1 
HETATM 1016 O  O      . HOH C 3 .  ? -8.139  11.467  -15.498 1.00 17.63 ? 300 HOH A O      1 
HETATM 1017 O  O      . HOH C 3 .  ? -4.935  -5.069  -5.593  1.00 23.62 ? 301 HOH A O      1 
HETATM 1018 O  O      . HOH C 3 .  ? 6.034   -10.417 19.013  1.00 12.04 ? 302 HOH A O      1 
HETATM 1019 O  O      . HOH C 3 .  ? 7.751   3.340   -0.180  1.00 22.99 ? 303 HOH A O      1 
# 
loop_
_atom_site_anisotrop.id 
_atom_site_anisotrop.type_symbol 
_atom_site_anisotrop.pdbx_label_atom_id 
_atom_site_anisotrop.pdbx_label_alt_id 
_atom_site_anisotrop.pdbx_label_comp_id 
_atom_site_anisotrop.pdbx_label_asym_id 
_atom_site_anisotrop.pdbx_label_seq_id 
_atom_site_anisotrop.pdbx_PDB_ins_code 
_atom_site_anisotrop.U[1][1] 
_atom_site_anisotrop.U[2][2] 
_atom_site_anisotrop.U[3][3] 
_atom_site_anisotrop.U[1][2] 
_atom_site_anisotrop.U[1][3] 
_atom_site_anisotrop.U[2][3] 
_atom_site_anisotrop.pdbx_auth_seq_id 
_atom_site_anisotrop.pdbx_auth_comp_id 
_atom_site_anisotrop.pdbx_auth_asym_id 
_atom_site_anisotrop.pdbx_auth_atom_id 
1   O  "O5'" . U   A 1  ? 0.2369 0.2768 0.3395 -0.0028 -0.0236 0.0139  47  U   A "O5'" 
2   C  "C5'" . U   A 1  ? 0.2353 0.2654 0.3200 0.0031  -0.0252 0.0308  47  U   A "C5'" 
3   C  "C4'" . U   A 1  ? 0.2290 0.2529 0.2976 0.0084  -0.0258 0.0488  47  U   A "C4'" 
4   O  "O4'" . U   A 1  ? 0.2260 0.2335 0.2738 0.0121  -0.0382 0.0709  47  U   A "O4'" 
5   C  "C3'" . U   A 1  ? 0.2358 0.2560 0.2998 0.0071  -0.0156 0.0510  47  U   A "C3'" 
6   O  "O3'" . U   A 1  ? 0.2425 0.2731 0.3013 0.0092  -0.0091 0.0436  47  U   A "O3'" 
7   C  "C2'" . U   A 1  ? 0.2336 0.2387 0.2933 0.0044  -0.0217 0.0672  47  U   A "C2'" 
8   O  "O2'" . U   A 1  ? 0.2418 0.2372 0.2837 0.0004  -0.0208 0.0781  47  U   A "O2'" 
9   C  "C1'" . U   A 1  ? 0.2309 0.2202 0.2771 0.0086  -0.0329 0.0798  47  U   A "C1'" 
10  N  N1    . U   A 1  ? 0.2529 0.1881 0.2617 0.0017  -0.0292 0.1038  47  U   A N1    
11  C  C2    . U   A 1  ? 0.2551 0.1730 0.2507 -0.0017 -0.0271 0.1117  47  U   A C2    
12  O  O2    . U   A 1  ? 0.2642 0.1759 0.2343 -0.0040 -0.0290 0.1097  47  U   A O2    
13  N  N3    . U   A 1  ? 0.2554 0.1628 0.2395 0.0023  -0.0222 0.1054  47  U   A N3    
14  C  C4    . U   A 1  ? 0.2512 0.1609 0.2692 0.0039  -0.0206 0.1082  47  U   A C4    
15  O  O4    . U   A 1  ? 0.2432 0.1633 0.3044 0.0067  -0.0002 0.0929  47  U   A O4    
16  C  C5    . U   A 1  ? 0.2580 0.1658 0.2694 0.0061  -0.0309 0.1087  47  U   A C5    
17  C  C6    . U   A 1  ? 0.2632 0.1721 0.2689 0.0067  -0.0321 0.1086  47  U   A C6    
29  P  P     . G   A 2  ? 0.2266 0.2870 0.2941 0.0126  -0.0055 0.0413  48  G   A P     
30  O  OP1   . G   A 2  ? 0.2214 0.3019 0.3246 0.0084  0.0137  0.0252  48  G   A OP1   
31  O  OP2   . G   A 2  ? 0.2085 0.2833 0.3081 0.0236  -0.0195 0.0502  48  G   A OP2   
32  O  "O5'" . G   A 2  ? 0.2007 0.2926 0.2584 0.0055  0.0004  0.0277  48  G   A "O5'" 
33  C  "C5'" . G   A 2  ? 0.1790 0.2976 0.2025 -0.0038 -0.0121 0.0177  48  G   A "C5'" 
34  C  "C4'" . G   A 2  ? 0.1411 0.3058 0.1739 -0.0163 -0.0300 -0.0022 48  G   A "C4'" 
35  O  "O4'" . G   A 2  ? 0.1352 0.3069 0.1536 -0.0122 -0.0572 -0.0075 48  G   A "O4'" 
36  C  "C3'" . G   A 2  ? 0.1191 0.3127 0.1740 -0.0349 -0.0327 -0.0179 48  G   A "C3'" 
37  O  "O3'" . G   A 2  ? 0.1190 0.3065 0.1649 -0.0531 -0.0259 -0.0190 48  G   A "O3'" 
38  C  "C2'" . G   A 2  ? 0.1196 0.3157 0.1907 -0.0362 -0.0454 -0.0238 48  G   A "C2'" 
39  O  "O2'" . G   A 2  ? 0.1121 0.3197 0.2257 -0.0448 -0.0310 -0.0341 48  G   A "O2'" 
40  C  "C1'" . G   A 2  ? 0.1407 0.3016 0.1625 -0.0203 -0.0642 -0.0106 48  G   A "C1'" 
41  N  N9    . G   A 2  ? 0.1482 0.2707 0.1504 -0.0116 -0.0725 -0.0049 48  G   A N9    
42  C  C8    . G   A 2  ? 0.1516 0.2587 0.1504 -0.0068 -0.0778 -0.0015 48  G   A C8    
43  N  N7    . G   A 2  ? 0.1584 0.2558 0.1571 -0.0003 -0.0855 0.0027  48  G   A N7    
44  C  C5    . G   A 2  ? 0.1508 0.2501 0.1482 -0.0007 -0.0787 0.0015  48  G   A C5    
45  C  C6    . G   A 2  ? 0.1501 0.2343 0.1418 0.0105  -0.0771 0.0124  48  G   A C6    
46  O  O6    . G   A 2  ? 0.1616 0.2292 0.1358 0.0198  -0.0741 0.0253  48  G   A O6    
47  N  N1    . G   A 2  ? 0.1304 0.2408 0.1401 0.0111  -0.0653 0.0085  48  G   A N1    
48  C  C2    . G   A 2  ? 0.1190 0.2412 0.1191 0.0093  -0.0493 0.0092  48  G   A C2    
49  N  N2    . G   A 2  ? 0.1445 0.2249 0.1149 0.0085  -0.0596 0.0204  48  G   A N2    
50  N  N3    . G   A 2  ? 0.1129 0.2614 0.1206 0.0033  -0.0430 -0.0020 48  G   A N3    
51  C  C4    . G   A 2  ? 0.1344 0.2662 0.1367 -0.0051 -0.0605 -0.0043 48  G   A C4    
63  P  P     A C   A 3  ? 0.1076 0.2870 0.1731 -0.0547 -0.0268 -0.0058 49  C   A P     
64  P  P     B C   A 3  ? 0.1482 0.2830 0.1213 -0.0487 -0.0434 -0.0070 49  C   A P     
65  O  OP1   A C   A 3  ? 0.1050 0.2852 0.1959 -0.0546 -0.0261 -0.0063 49  C   A OP1   
66  O  OP1   B C   A 3  ? 0.1506 0.2433 0.1201 -0.0246 -0.0606 -0.0053 49  C   A OP1   
67  O  OP2   A C   A 3  ? 0.1310 0.2798 0.1344 -0.0623 -0.0409 0.0187  49  C   A OP2   
68  O  OP2   B C   A 3  ? 0.1594 0.2629 0.1148 -0.0393 -0.0527 0.0044  49  C   A OP2   
69  O  "O5'" A C   A 3  ? 0.1159 0.2752 0.1749 -0.0521 -0.0216 -0.0107 49  C   A "O5'" 
70  O  "O5'" B C   A 3  ? 0.1487 0.2637 0.1327 -0.0423 -0.0097 -0.0175 49  C   A "O5'" 
71  C  "C5'" A C   A 3  ? 0.1306 0.2520 0.1759 -0.0396 -0.0127 -0.0155 49  C   A "C5'" 
72  C  "C5'" B C   A 3  ? 0.1506 0.2421 0.1333 -0.0361 -0.0041 -0.0187 49  C   A "C5'" 
73  C  "C4'" A C   A 3  ? 0.1487 0.2318 0.1675 -0.0334 -0.0109 -0.0162 49  C   A "C4'" 
74  C  "C4'" B C   A 3  ? 0.1430 0.2162 0.1256 -0.0253 -0.0055 -0.0132 49  C   A "C4'" 
75  O  "O4'" A C   A 3  ? 0.1555 0.2262 0.1500 -0.0318 -0.0232 -0.0094 49  C   A "O4'" 
76  O  "O4'" B C   A 3  ? 0.1368 0.2085 0.1226 -0.0151 -0.0156 -0.0066 49  C   A "O4'" 
77  C  "C3'" A C   A 3  ? 0.1596 0.2178 0.1657 -0.0300 -0.0055 -0.0192 49  C   A "C3'" 
78  C  "C3'" B C   A 3  ? 0.1380 0.2009 0.1061 -0.0264 0.0010  -0.0127 49  C   A "C3'" 
79  O  "O3'" A C   A 3  ? 0.1712 0.2070 0.1505 -0.0328 0.0057  -0.0308 49  C   A "O3'" 
80  O  "O3'" B C   A 3  ? 0.1344 0.1830 0.0673 -0.0340 -0.0064 -0.0034 49  C   A "O3'" 
81  C  "C2'" A C   A 3  ? 0.1597 0.2151 0.1641 -0.0242 -0.0174 -0.0103 49  C   A "C2'" 
82  C  "C2'" B C   A 3  ? 0.1348 0.2052 0.1215 -0.0226 -0.0054 -0.0127 49  C   A "C2'" 
83  O  "O2'" A C   A 3  ? 0.1566 0.2103 0.1776 -0.0230 -0.0149 -0.0056 49  C   A "O2'" 
84  O  "O2'" B C   A 3  ? 0.1244 0.2073 0.1363 -0.0262 -0.0068 -0.0127 49  C   A "O2'" 
85  C  "C1'" A C   A 3  ? 0.1619 0.2177 0.1406 -0.0239 -0.0351 -0.0035 49  C   A "C1'" 
86  C  "C1'" B C   A 3  ? 0.1398 0.2088 0.1128 -0.0139 -0.0181 -0.0130 49  C   A "C1'" 
87  N  N1    A C   A 3  ? 0.1648 0.2120 0.1123 -0.0156 -0.0683 0.0075  49  C   A N1    
88  N  N1    B C   A 3  ? 0.1300 0.2112 0.0779 -0.0026 -0.0263 -0.0152 49  C   A N1    
89  C  C2    A C   A 3  ? 0.1548 0.1938 0.0982 0.0020  -0.0624 0.0079  49  C   A C2    
90  C  C2    B C   A 3  ? 0.1351 0.1859 0.0635 0.0021  -0.0255 -0.0086 49  C   A C2    
91  O  O2    A C   A 3  ? 0.1661 0.1852 0.0889 -0.0035 -0.0523 0.0242  49  C   A O2    
92  O  O2    B C   A 3  ? 0.1366 0.1670 0.0579 0.0050  -0.0257 0.0016  49  C   A O2    
93  N  N3    A C   A 3  ? 0.1500 0.1955 0.1020 0.0057  -0.0637 0.0049  49  C   A N3    
94  N  N3    B C   A 3  ? 0.1175 0.1865 0.0672 0.0030  -0.0237 -0.0187 49  C   A N3    
95  C  C4    A C   A 3  ? 0.1557 0.2059 0.1082 0.0008  -0.0682 -0.0009 49  C   A C4    
96  C  C4    B C   A 3  ? 0.1151 0.1888 0.0681 0.0002  -0.0220 -0.0214 49  C   A C4    
97  N  N4    A C   A 3  ? 0.1632 0.2094 0.1038 -0.0001 -0.0664 -0.0035 49  C   A N4    
98  N  N4    B C   A 3  ? 0.1038 0.1908 0.0674 -0.0003 -0.0158 -0.0254 49  C   A N4    
99  C  C5    A C   A 3  ? 0.1580 0.2092 0.1153 -0.0051 -0.0717 -0.0019 49  C   A C5    
100 C  C5    B C   A 3  ? 0.1205 0.1926 0.0684 0.0002  -0.0230 -0.0197 49  C   A C5    
101 C  C6    A C   A 3  ? 0.1653 0.2114 0.1143 -0.0106 -0.0711 0.0030  49  C   A C6    
102 C  C6    B C   A 3  ? 0.1256 0.1965 0.0713 -0.0016 -0.0276 -0.0167 49  C   A C6    
125 P  P     A U   A 4  ? 0.1638 0.1949 0.1466 -0.0250 0.0129  -0.0468 50  U   A P     
126 P  P     B U   A 4  ? 0.1552 0.1735 0.1086 -0.0464 -0.0272 -0.0025 50  U   A P     
127 O  OP1   A U   A 4  ? 0.1598 0.2034 0.1479 -0.0292 0.0138  -0.0502 50  U   A OP1   
128 O  OP1   B U   A 4  ? 0.1783 0.1812 0.1288 -0.0525 -0.0319 -0.0060 50  U   A OP1   
129 O  OP2   A U   A 4  ? 0.1504 0.1959 0.1544 -0.0228 0.0210  -0.0520 50  U   A OP2   
130 O  OP2   B U   A 4  ? 0.1631 0.1654 0.1016 -0.0437 -0.0576 0.0114  50  U   A OP2   
131 O  "O5'" A U   A 4  ? 0.1554 0.1745 0.1272 -0.0150 -0.0061 -0.0411 50  U   A "O5'" 
132 O  "O5'" B U   A 4  ? 0.1282 0.1558 0.0811 -0.0237 -0.0306 -0.0108 50  U   A "O5'" 
133 C  "C5'" A U   A 4  ? 0.1426 0.1477 0.1119 -0.0062 -0.0171 -0.0297 50  U   A "C5'" 
134 C  "C5'" B U   A 4  ? 0.1169 0.1370 0.0768 -0.0090 -0.0305 -0.0133 50  U   A "C5'" 
135 C  "C4'" A U   A 4  ? 0.1280 0.1230 0.1115 -0.0053 -0.0186 -0.0195 50  U   A "C4'" 
136 C  "C4'" B U   A 4  ? 0.1210 0.1196 0.0977 -0.0069 -0.0232 -0.0140 50  U   A "C4'" 
137 O  "O4'" . U   A 4  ? 0.1234 0.1050 0.1314 -0.0012 -0.0329 -0.0019 50  U   A "O4'" 
138 C  "C3'" . U   A 4  ? 0.1110 0.1204 0.1173 -0.0087 0.0046  -0.0340 50  U   A "C3'" 
139 O  "O3'" . U   A 4  ? 0.1265 0.1441 0.1335 -0.0400 0.0285  -0.0636 50  U   A "O3'" 
140 C  "C2'" . U   A 4  ? 0.0752 0.1105 0.1648 -0.0045 0.0105  -0.0386 50  U   A "C2'" 
141 O  "O2'" . U   A 4  ? 0.0573 0.1164 0.1791 -0.0080 0.0086  -0.0291 50  U   A "O2'" 
142 C  "C1'" . U   A 4  ? 0.1098 0.0904 0.1385 -0.0009 -0.0206 0.0036  50  U   A "C1'" 
143 N  N1    . U   A 4  ? 0.0871 0.0715 0.1011 0.0079  -0.0322 0.0274  50  U   A N1    
144 C  C2    . U   A 4  ? 0.0662 0.0628 0.1046 0.0214  -0.0138 0.0169  50  U   A C2    
145 O  O2    . U   A 4  ? 0.0602 0.0688 0.1583 0.0125  -0.0152 0.0087  50  U   A O2    
146 N  N3    . U   A 4  ? 0.0632 0.0623 0.0833 0.0170  -0.0172 0.0197  50  U   A N3    
147 C  C4    . U   A 4  ? 0.0793 0.0774 0.0922 0.0053  -0.0380 0.0187  50  U   A C4    
148 O  O4    . U   A 4  ? 0.0939 0.0892 0.1660 0.0031  -0.0611 0.0026  50  U   A O4    
149 C  C5    . U   A 4  ? 0.1021 0.0779 0.1095 -0.0032 -0.0468 0.0278  50  U   A C5    
150 C  C6    . U   A 4  ? 0.1121 0.0793 0.0986 -0.0026 -0.0434 0.0287  50  U   A C6    
165 P  P     . C   A 5  ? 0.1710 0.1508 0.1086 -0.0449 0.0293  -0.0587 51  C   A P     
166 O  OP1   . C   A 5  ? 0.1904 0.1602 0.1011 -0.0475 0.0393  -0.0505 51  C   A OP1   
167 O  OP2   . C   A 5  ? 0.1512 0.1559 0.0922 -0.0380 0.0227  -0.0529 51  C   A OP2   
168 O  "O5'" . C   A 5  ? 0.1660 0.1194 0.0624 -0.0104 -0.0208 -0.0210 51  C   A "O5'" 
169 C  "C5'" . C   A 5  ? 0.1326 0.0930 0.0466 -0.0020 -0.0190 -0.0026 51  C   A "C5'" 
170 C  "C4'" . C   A 5  ? 0.1220 0.0676 0.0578 0.0027  -0.0091 -0.0072 51  C   A "C4'" 
171 O  "O4'" . C   A 5  ? 0.1272 0.0486 0.0876 0.0076  -0.0178 -0.0101 51  C   A "O4'" 
172 C  "C3'" . C   A 5  ? 0.1182 0.0727 0.0747 0.0085  -0.0057 -0.0282 51  C   A "C3'" 
173 O  "O3'" . C   A 5  ? 0.1288 0.0848 0.0939 0.0154  0.0102  -0.0432 51  C   A "O3'" 
174 C  "C2'" . C   A 5  ? 0.0964 0.0618 0.0693 0.0112  -0.0330 -0.0088 51  C   A "C2'" 
175 O  "O2'" . C   A 5  ? 0.0925 0.0720 0.0947 0.0175  -0.0460 -0.0039 51  C   A "O2'" 
176 C  "C1'" . C   A 5  ? 0.1100 0.0587 0.0803 0.0081  -0.0210 -0.0186 51  C   A "C1'" 
177 N  N1    . C   A 5  ? 0.1049 0.0682 0.0754 0.0070  -0.0281 -0.0212 51  C   A N1    
178 C  C2    . C   A 5  ? 0.0793 0.0668 0.0367 0.0107  -0.0114 -0.0030 51  C   A C2    
179 O  O2    . C   A 5  ? 0.0905 0.0702 0.0327 -0.0039 -0.0079 -0.0030 51  C   A O2    
180 N  N3    . C   A 5  ? 0.0663 0.0756 0.0367 0.0111  -0.0085 0.0000  51  C   A N3    
181 C  C4    . C   A 5  ? 0.0606 0.0724 0.0659 0.0173  -0.0213 0.0152  51  C   A C4    
182 N  N4    . C   A 5  ? 0.0399 0.0922 0.1084 0.0077  -0.0141 0.0030  51  C   A N4    
183 C  C5    . C   A 5  ? 0.0888 0.0771 0.0922 0.0179  -0.0412 0.0050  51  C   A C5    
184 C  C6    . C   A 5  ? 0.1260 0.0704 0.1023 0.0200  -0.0525 -0.0189 51  C   A C6    
196 P  P     . C   A 6  ? 0.1433 0.0846 0.0996 -0.0043 0.0256  -0.0353 52  C   A P     
197 O  OP1   . C   A 6  ? 0.1492 0.0581 0.0617 -0.0030 0.0283  -0.0088 52  C   A OP1   
198 O  OP2   . C   A 6  ? 0.1378 0.1110 0.0707 -0.0007 -0.0039 -0.0431 52  C   A OP2   
199 O  "O5'" . C   A 6  ? 0.1026 0.0788 0.0541 -0.0172 0.0198  0.0156  52  C   A "O5'" 
200 C  "C5'" . C   A 6  ? 0.0745 0.0796 0.0649 -0.0172 0.0262  0.0142  52  C   A "C5'" 
201 C  "C4'" . C   A 6  ? 0.0792 0.0649 0.0649 -0.0260 0.0223  0.0042  52  C   A "C4'" 
202 O  "O4'" . C   A 6  ? 0.0662 0.0456 0.0701 -0.0240 0.0075  -0.0006 52  C   A "O4'" 
203 C  "C3'" . C   A 6  ? 0.1053 0.0721 0.0508 -0.0399 0.0209  -0.0114 52  C   A "C3'" 
204 O  "O3'" . C   A 6  ? 0.0940 0.0843 0.0509 -0.0455 0.0171  -0.0150 52  C   A "O3'" 
205 C  "C2'" . C   A 6  ? 0.0805 0.0474 0.0668 -0.0221 0.0247  -0.0063 52  C   A "C2'" 
206 O  "O2'" . C   A 6  ? 0.0517 0.0443 0.0816 -0.0115 0.0280  -0.0197 52  C   A "O2'" 
207 C  "C1'" . C   A 6  ? 0.0819 0.0424 0.0424 -0.0187 -0.0118 0.0099  52  C   A "C1'" 
208 N  N1    . C   A 6  ? 0.0517 0.0444 0.0304 -0.0106 0.0000  0.0110  52  C   A N1    
209 C  C2    . C   A 6  ? 0.0818 0.0562 0.0966 -0.0297 0.0075  0.0119  52  C   A C2    
210 O  O2    . C   A 6  ? 0.0865 0.0607 0.1115 -0.0341 0.0049  0.0057  52  C   A O2    
211 N  N3    . C   A 6  ? 0.0843 0.0602 0.0757 -0.0238 0.0058  0.0226  52  C   A N3    
212 C  C4    . C   A 6  ? 0.0474 0.0510 0.0677 -0.0020 0.0242  0.0082  52  C   A C4    
213 N  N4    . C   A 6  ? 0.0935 0.0529 0.0836 -0.0100 0.0446  -0.0030 52  C   A N4    
214 C  C5    . C   A 6  ? 0.0431 0.0558 0.0482 0.0006  0.0142  0.0173  52  C   A C5    
215 C  C6    . C   A 6  ? 0.0536 0.0602 0.0285 -0.0017 0.0122  0.0024  52  C   A C6    
227 P  P     . U   A 7  ? 0.1203 0.0969 0.0498 -0.0551 0.0046  -0.0037 53  U   A P     
228 O  OP1   . U   A 7  ? 0.1284 0.0945 0.0503 -0.0461 0.0060  0.0020  53  U   A OP1   
229 O  OP2   . U   A 7  ? 0.1470 0.1004 0.0619 -0.0630 -0.0126 0.0074  53  U   A OP2   
230 O  "O5'" . U   A 7  ? 0.0973 0.0833 0.0433 -0.0368 -0.0109 0.0098  53  U   A "O5'" 
231 C  "C5'" . U   A 7  ? 0.0643 0.0584 0.0411 -0.0272 -0.0163 0.0148  53  U   A "C5'" 
232 C  "C4'" . U   A 7  ? 0.0844 0.0684 0.0418 -0.0378 0.0052  -0.0060 53  U   A "C4'" 
233 O  "O4'" . U   A 7  ? 0.1013 0.0720 0.0528 -0.0411 -0.0130 0.0044  53  U   A "O4'" 
234 C  "C3'" . U   A 7  ? 0.0847 0.0743 0.0793 -0.0351 0.0046  -0.0220 53  U   A "C3'" 
235 O  "O3'" . U   A 7  ? 0.0906 0.0589 0.1077 -0.0320 0.0056  -0.0116 53  U   A "O3'" 
236 C  "C2'" . U   A 7  ? 0.0942 0.0612 0.0467 -0.0346 0.0113  -0.0106 53  U   A "C2'" 
237 O  "O2'" . U   A 7  ? 0.1126 0.0566 0.0623 -0.0300 0.0280  -0.0147 53  U   A "O2'" 
238 C  "C1'" . U   A 7  ? 0.0863 0.0758 0.0696 -0.0383 -0.0161 0.0007  53  U   A "C1'" 
239 N  N1    . U   A 7  ? 0.0741 0.0855 0.1057 -0.0382 -0.0137 0.0126  53  U   A N1    
240 C  C2    . U   A 7  ? 0.0916 0.0962 0.0991 -0.0484 -0.0120 0.0130  53  U   A C2    
241 O  O2    . U   A 7  ? 0.1153 0.0891 0.0822 -0.0446 -0.0423 0.0321  53  U   A O2    
242 N  N3    . U   A 7  ? 0.0854 0.1002 0.0979 -0.0484 0.0040  -0.0004 53  U   A N3    
243 C  C4    . U   A 7  ? 0.1006 0.0984 0.0828 -0.0530 -0.0006 0.0041  53  U   A C4    
244 O  O4    . U   A 7  ? 0.1162 0.1018 0.1105 -0.0558 -0.0040 -0.0146 53  U   A O4    
245 C  C5    . U   A 7  ? 0.0884 0.0843 0.0572 -0.0435 -0.0182 0.0183  53  U   A C5    
246 C  C6    . U   A 7  ? 0.0772 0.0896 0.1071 -0.0402 -0.0158 0.0129  53  U   A C6    
257 P  P     . A   A 8  ? 0.1173 0.0658 0.1194 -0.0346 -0.0140 -0.0171 54  A   A P     
258 O  OP1   . A   A 8  ? 0.1470 0.0608 0.0882 -0.0236 -0.0163 -0.0139 54  A   A OP1   
259 O  OP2   . A   A 8  ? 0.1375 0.0881 0.1494 -0.0455 -0.0204 -0.0266 54  A   A OP2   
260 O  "O5'" . A   A 8  ? 0.1211 0.0905 0.0942 -0.0420 -0.0150 0.0012  54  A   A "O5'" 
261 C  "C5'" . A   A 8  ? 0.1366 0.1193 0.0758 -0.0482 -0.0035 -0.0035 54  A   A "C5'" 
262 C  "C4'" . A   A 8  ? 0.1171 0.1375 0.0505 -0.0386 -0.0037 0.0053  54  A   A "C4'" 
263 O  "O4'" . A   A 8  ? 0.1128 0.1075 0.0482 -0.0154 -0.0131 0.0198  54  A   A "O4'" 
264 C  "C3'" . A   A 8  ? 0.1179 0.1306 0.0476 -0.0190 -0.0044 0.0152  54  A   A "C3'" 
265 O  "O3'" . A   A 8  ? 0.1086 0.1428 0.0523 -0.0309 -0.0047 0.0171  54  A   A "O3'" 
266 C  "C2'" . A   A 8  ? 0.1325 0.1143 0.0569 -0.0105 -0.0121 0.0288  54  A   A "C2'" 
267 O  "O2'" . A   A 8  ? 0.1541 0.1167 0.0725 -0.0190 0.0051  0.0377  54  A   A "O2'" 
268 C  "C1'" . A   A 8  ? 0.0991 0.1061 0.0622 -0.0160 -0.0067 0.0360  54  A   A "C1'" 
269 N  N9    . A   A 8  ? 0.0657 0.0762 0.0917 -0.0013 -0.0158 0.0397  54  A   A N9    
270 C  C8    . A   A 8  ? 0.0661 0.0676 0.1037 0.0000  -0.0215 0.0347  54  A   A C8    
271 N  N7    . A   A 8  ? 0.0731 0.0657 0.0948 0.0097  -0.0214 0.0281  54  A   A N7    
272 C  C5    . A   A 8  ? 0.0824 0.0679 0.0857 0.0208  -0.0180 0.0254  54  A   A C5    
273 C  C6    . A   A 8  ? 0.0594 0.0711 0.0833 0.0206  -0.0161 0.0186  54  A   A C6    
274 N  N6    . A   A 8  ? 0.0460 0.0921 0.0898 0.0042  -0.0170 0.0242  54  A   A N6    
275 N  N1    . A   A 8  ? 0.0474 0.0780 0.0890 0.0131  -0.0066 0.0280  54  A   A N1    
276 C  C2    . A   A 8  ? 0.0722 0.0688 0.0624 0.0080  -0.0072 0.0304  54  A   A C2    
277 N  N3    . A   A 8  ? 0.0894 0.0688 0.0662 0.0073  -0.0096 0.0318  54  A   A N3    
278 C  C4    . A   A 8  ? 0.0793 0.0679 0.0846 0.0158  -0.0179 0.0278  54  A   A C4    
290 P  P     . G   A 9  ? 0.1435 0.1931 0.0758 -0.0629 -0.0003 0.0188  55  G   A P     
291 O  OP1   . G   A 9  ? 0.1396 0.2136 0.1277 -0.0804 0.0096  -0.0249 55  G   A OP1   
292 O  OP2   . G   A 9  ? 0.1207 0.2014 0.1314 -0.0628 -0.0004 0.0082  55  G   A OP2   
293 O  "O5'" . G   A 9  ? 0.1722 0.1855 0.0795 -0.0665 0.0130  0.0161  55  G   A "O5'" 
294 C  "C5'" . G   A 9  ? 0.1465 0.1716 0.0956 -0.0425 0.0476  0.0043  55  G   A "C5'" 
295 C  "C4'" . G   A 9  ? 0.1643 0.1801 0.0973 -0.0535 0.0494  -0.0080 55  G   A "C4'" 
296 O  "O4'" . G   A 9  ? 0.1709 0.1687 0.0888 -0.0498 0.0399  0.0098  55  G   A "O4'" 
297 C  "C3'" . G   A 9  ? 0.1699 0.1846 0.0807 -0.0580 0.0334  -0.0085 55  G   A "C3'" 
298 O  "O3'" . G   A 9  ? 0.1368 0.1685 0.0659 -0.0527 0.0174  -0.0012 55  G   A "O3'" 
299 C  "C2'" . G   A 9  ? 0.1696 0.1637 0.0706 -0.0432 0.0267  0.0049  55  G   A "C2'" 
300 O  "O2'" . G   A 9  ? 0.1973 0.1722 0.0920 -0.0609 0.0363  0.0105  55  G   A "O2'" 
301 C  "C1'" . G   A 9  ? 0.1561 0.1494 0.0645 -0.0302 0.0192  0.0188  55  G   A "C1'" 
302 N  N9    . G   A 9  ? 0.1543 0.1324 0.0567 -0.0135 0.0044  0.0251  55  G   A N9    
303 C  C8    . G   A 9  ? 0.1626 0.1274 0.0594 -0.0109 0.0082  0.0257  55  G   A C8    
304 N  N7    . G   A 9  ? 0.1536 0.1232 0.0580 -0.0091 0.0155  0.0236  55  G   A N7    
305 C  C5    . G   A 9  ? 0.1717 0.1211 0.0609 -0.0126 0.0121  0.0216  55  G   A C5    
306 C  C6    . G   A 9  ? 0.2086 0.1165 0.0830 -0.0256 0.0210  0.0258  55  G   A C6    
307 O  O6    . G   A 9  ? 0.2584 0.1187 0.1346 -0.0329 0.0045  0.0239  55  G   A O6    
308 N  N1    . G   A 9  ? 0.1737 0.1242 0.0682 -0.0207 0.0222  0.0223  55  G   A N1    
309 C  C2    . G   A 9  ? 0.1343 0.1149 0.0591 -0.0150 0.0168  0.0260  55  G   A C2    
310 N  N2    . G   A 9  ? 0.1253 0.1084 0.0813 -0.0208 0.0304  0.0318  55  G   A N2    
311 N  N3    . G   A 9  ? 0.1366 0.1167 0.0572 -0.0082 0.0133  0.0286  55  G   A N3    
312 C  C4    . G   A 9  ? 0.1449 0.1215 0.0544 -0.0067 0.0089  0.0253  55  G   A C4    
324 P  P     . U   A 10 ? 0.1303 0.1703 0.0634 -0.0473 0.0164  -0.0031 56  U   A P     
325 O  OP1   . U   A 10 ? 0.1518 0.1650 0.0702 -0.0351 0.0331  -0.0105 56  U   A OP1   
326 O  OP2   . U   A 10 ? 0.1825 0.1650 0.0811 -0.0620 -0.0135 0.0106  56  U   A OP2   
327 O  "O5'" . U   A 10 ? 0.0732 0.1518 0.0511 -0.0313 0.0067  -0.0047 56  U   A "O5'" 
328 C  "C5'" . U   A 10 ? 0.0737 0.1410 0.0561 -0.0126 0.0186  -0.0077 56  U   A "C5'" 
329 C  "C4'" . U   A 10 ? 0.0570 0.1288 0.0562 -0.0058 0.0158  0.0024  56  U   A "C4'" 
330 O  "O4'" . U   A 10 ? 0.0644 0.1240 0.0443 -0.0022 0.0082  0.0124  56  U   A "O4'" 
331 C  "C3'" . U   A 10 ? 0.0623 0.1227 0.0852 0.0007  0.0330  0.0001  56  U   A "C3'" 
332 O  "O3'" . U   A 10 ? 0.0741 0.1563 0.1285 0.0062  0.0251  -0.0108 56  U   A "O3'" 
333 C  "C2'" . U   A 10 ? 0.0863 0.1131 0.0714 -0.0086 0.0388  0.0038  56  U   A "C2'" 
334 O  "O2'" . U   A 10 ? 0.1041 0.1207 0.0683 -0.0054 0.0362  0.0193  56  U   A "O2'" 
335 C  "C1'" . U   A 10 ? 0.1109 0.1164 0.0505 -0.0067 0.0231  0.0170  56  U   A "C1'" 
336 N  N1    . U   A 10 ? 0.1322 0.1201 0.0447 -0.0100 -0.0045 0.0112  56  U   A N1    
337 C  C2    . U   A 10 ? 0.1073 0.1104 0.0457 -0.0162 -0.0108 0.0172  56  U   A C2    
338 O  O2    . U   A 10 ? 0.0946 0.1021 0.0410 -0.0093 -0.0057 0.0171  56  U   A O2    
339 N  N3    . U   A 10 ? 0.1134 0.1186 0.0472 -0.0244 -0.0083 0.0149  56  U   A N3    
340 C  C4    . U   A 10 ? 0.1131 0.1305 0.0475 -0.0320 0.0000  0.0060  56  U   A C4    
341 O  O4    . U   A 10 ? 0.1239 0.1300 0.0540 -0.0372 0.0118  0.0075  56  U   A O4    
342 C  C5    . U   A 10 ? 0.1136 0.1311 0.0454 -0.0244 -0.0030 0.0024  56  U   A C5    
343 C  C6    . U   A 10 ? 0.1343 0.1298 0.0489 -0.0258 -0.0053 0.0084  56  U   A C6    
354 P  P     . A   A 11 ? 0.1058 0.1564 0.1389 0.0123  0.0099  0.0072  57  A   A P     
355 O  OP1   . A   A 11 ? 0.1161 0.1762 0.1030 -0.0019 -0.0137 0.0057  57  A   A OP1   
356 O  OP2   . A   A 11 ? 0.1242 0.1323 0.1161 0.0359  -0.0346 0.0401  57  A   A OP2   
357 O  "O5'" . A   A 11 ? 0.0810 0.1330 0.0874 0.0262  0.0346  0.0284  57  A   A "O5'" 
358 C  "C5'" . A   A 11 ? 0.0561 0.1141 0.0724 0.0274  0.0172  0.0202  57  A   A "C5'" 
359 C  "C4'" . A   A 11 ? 0.0682 0.1154 0.0469 0.0412  0.0088  0.0146  57  A   A "C4'" 
360 O  "O4'" . A   A 11 ? 0.0988 0.1181 0.0510 0.0454  -0.0016 0.0097  57  A   A "O4'" 
361 C  "C3'" . A   A 11 ? 0.0775 0.1143 0.0824 0.0463  0.0003  0.0121  57  A   A "C3'" 
362 O  "O3'" . A   A 11 ? 0.0951 0.1321 0.1231 0.0275  0.0071  0.0123  57  A   A "O3'" 
363 C  "C2'" . A   A 11 ? 0.0602 0.0985 0.1160 0.0347  -0.0101 0.0061  57  A   A "C2'" 
364 O  "O2'" . A   A 11 ? 0.0634 0.1278 0.1468 0.0297  -0.0231 0.0036  57  A   A "O2'" 
365 C  "C1'" . A   A 11 ? 0.0800 0.1025 0.0809 0.0465  -0.0043 0.0008  57  A   A "C1'" 
366 N  N9    . A   A 11 ? 0.0604 0.0860 0.0382 0.0351  0.0034  0.0050  57  A   A N9    
367 C  C8    . A   A 11 ? 0.0608 0.0850 0.0394 0.0279  0.0089  0.0025  57  A   A C8    
368 N  N7    . A   A 11 ? 0.0692 0.0807 0.0428 0.0175  0.0135  0.0188  57  A   A N7    
369 C  C5    . A   A 11 ? 0.0469 0.0672 0.0603 0.0234  0.0096  0.0160  57  A   A C5    
370 C  C6    . A   A 11 ? 0.0469 0.0680 0.0558 0.0223  0.0148  0.0149  57  A   A C6    
371 N  N6    . A   A 11 ? 0.0640 0.0735 0.0624 0.0265  0.0246  0.0164  57  A   A N6    
372 N  N1    . A   A 11 ? 0.0481 0.0734 0.0709 0.0260  0.0059  0.0094  57  A   A N1    
373 C  C2    . A   A 11 ? 0.0642 0.0694 0.0532 0.0278  -0.0047 0.0124  57  A   A C2    
374 N  N3    . A   A 11 ? 0.0799 0.0695 0.0524 0.0370  -0.0065 -0.0002 57  A   A N3    
375 C  C4    . A   A 11 ? 0.0539 0.0716 0.0563 0.0294  0.0040  0.0073  57  A   A C4    
387 P  P     . C   A 12 ? 0.1434 0.1337 0.1551 0.0094  0.0163  0.0298  58  C   A P     
388 O  OP1   . C   A 12 ? 0.1895 0.1509 0.1571 -0.0188 0.0284  0.0249  58  C   A OP1   
389 O  OP2   . C   A 12 ? 0.1157 0.1311 0.1578 0.0148  -0.0040 0.0525  58  C   A OP2   
390 O  "O5'" . C   A 12 ? 0.1385 0.1026 0.1380 0.0373  0.0000  0.0128  58  C   A "O5'" 
391 C  "C5'" . C   A 12 ? 0.0977 0.0847 0.1241 0.0408  0.0205  -0.0144 58  C   A "C5'" 
392 C  "C4'" . C   A 12 ? 0.0750 0.0699 0.0910 0.0280  0.0195  -0.0140 58  C   A "C4'" 
393 O  "O4'" . C   A 12 ? 0.1149 0.0474 0.0640 0.0135  0.0390  0.0070  58  C   A "O4'" 
394 C  "C3'" . C   A 12 ? 0.0727 0.0685 0.0491 0.0112  0.0187  -0.0163 58  C   A "C3'" 
395 O  "O3'" . C   A 12 ? 0.0988 0.0765 0.0583 0.0132  0.0113  -0.0270 58  C   A "O3'" 
396 C  "C2'" . C   A 12 ? 0.1024 0.0597 0.0639 0.0044  0.0385  0.0050  58  C   A "C2'" 
397 O  "O2'" . C   A 12 ? 0.0693 0.0495 0.0682 0.0207  0.0314  0.0191  58  C   A "O2'" 
398 C  "C1'" . C   A 12 ? 0.1150 0.0588 0.0679 0.0038  0.0387  -0.0069 58  C   A "C1'" 
399 N  N1    . C   A 12 ? 0.0825 0.0387 0.0641 0.0182  0.0122  0.0005  58  C   A N1    
400 C  C2    . C   A 12 ? 0.0737 0.0414 0.0833 0.0209  -0.0040 0.0087  58  C   A C2    
401 O  O2    . C   A 12 ? 0.0963 0.0544 0.1134 0.0200  -0.0281 0.0067  58  C   A O2    
402 N  N3    . C   A 12 ? 0.0712 0.0466 0.0575 0.0225  -0.0023 -0.0122 58  C   A N3    
403 C  C4    . C   A 12 ? 0.0672 0.0458 0.0723 0.0217  -0.0168 -0.0098 58  C   A C4    
404 N  N4    . C   A 12 ? 0.0980 0.0656 0.1242 0.0242  -0.0167 -0.0324 58  C   A N4    
405 C  C5    . C   A 12 ? 0.0664 0.0366 0.0583 0.0138  -0.0076 0.0102  58  C   A C5    
406 C  C6    . C   A 12 ? 0.0889 0.0376 0.0971 0.0151  0.0028  0.0057  58  C   A C6    
418 P  P     . G   A 13 ? 0.1328 0.0803 0.0542 -0.0268 0.0002  -0.0087 59  G   A P     
419 O  OP1   . G   A 13 ? 0.0704 0.0558 0.1173 0.0052  -0.0356 -0.0095 59  G   A OP1   
420 O  OP2   . G   A 13 ? 0.1287 0.0597 0.0466 -0.0035 -0.0055 -0.0102 59  G   A OP2   
421 O  "O5'" . G   A 13 ? 0.1167 0.0951 0.0481 -0.0181 0.0162  -0.0165 59  G   A "O5'" 
422 C  "C5'" . G   A 13 ? 0.1038 0.1105 0.0612 -0.0204 0.0246  -0.0283 59  G   A "C5'" 
423 C  "C4'" . G   A 13 ? 0.1055 0.1090 0.0557 -0.0138 0.0200  -0.0263 59  G   A "C4'" 
424 O  "O4'" . G   A 13 ? 0.0976 0.0994 0.0376 -0.0056 0.0046  -0.0129 59  G   A "O4'" 
425 C  "C3'" . G   A 13 ? 0.1143 0.1079 0.0822 -0.0204 0.0408  -0.0322 59  G   A "C3'" 
426 O  "O3'" . G   A 13 ? 0.1296 0.0984 0.0724 -0.0242 0.0420  -0.0187 59  G   A "O3'" 
427 C  "C2'" . G   A 13 ? 0.1158 0.0979 0.0728 -0.0155 0.0382  -0.0252 59  G   A "C2'" 
428 O  "O2'" . G   A 13 ? 0.1220 0.0642 0.0841 -0.0132 0.0501  -0.0026 59  G   A "O2'" 
429 C  "C1'" . G   A 13 ? 0.0939 0.1020 0.0603 -0.0084 0.0269  -0.0247 59  G   A "C1'" 
430 N  N9    . G   A 13 ? 0.1007 0.0870 0.0368 -0.0013 0.0111  -0.0076 59  G   A N9    
431 C  C8    . G   A 13 ? 0.0799 0.0718 0.0437 -0.0062 0.0226  0.0066  59  G   A C8    
432 N  N7    . G   A 13 ? 0.0680 0.0553 0.0439 0.0006  0.0233  0.0058  59  G   A N7    
433 C  C5    . G   A 13 ? 0.1043 0.0554 0.0406 -0.0014 0.0153  0.0062  59  G   A C5    
434 C  C6    . G   A 13 ? 0.1510 0.0548 0.0545 -0.0191 0.0249  -0.0042 59  G   A C6    
435 O  O6    . G   A 13 ? 0.1687 0.0629 0.0661 -0.0301 0.0338  -0.0088 59  G   A O6    
436 N  N1    . G   A 13 ? 0.1390 0.0525 0.0486 -0.0103 0.0188  0.0003  59  G   A N1    
437 C  C2    . G   A 13 ? 0.1338 0.0597 0.0522 0.0012  0.0275  -0.0001 59  G   A C2    
438 N  N2    . G   A 13 ? 0.1311 0.0621 0.0542 -0.0012 0.0304  -0.0017 59  G   A N2    
439 N  N3    . G   A 13 ? 0.1302 0.0695 0.0422 0.0046  -0.0061 0.0045  59  G   A N3    
440 C  C4    . G   A 13 ? 0.1175 0.0646 0.0388 0.0038  0.0029  0.0052  59  G   A C4    
452 P  P     . DA  A 14 ? 0.1835 0.1254 0.0690 -0.0239 0.0320  -0.0174 60  DA  A P     
453 O  OP1   . DA  A 14 ? 0.1733 0.1388 0.0731 -0.0087 0.0305  -0.0309 60  DA  A OP1   
454 O  OP2   . DA  A 14 ? 0.1998 0.1261 0.0693 -0.0464 0.0202  0.0028  60  DA  A OP2   
455 O  "O5'" . DA  A 14 ? 0.1784 0.1030 0.0633 -0.0076 0.0320  -0.0025 60  DA  A "O5'" 
456 C  "C5'" . DA  A 14 ? 0.1524 0.1028 0.0664 -0.0086 0.0354  0.0128  60  DA  A "C5'" 
457 C  "C4'" . DA  A 14 ? 0.1255 0.1110 0.0558 -0.0040 0.0322  0.0047  60  DA  A "C4'" 
458 O  "O4'" . DA  A 14 ? 0.1279 0.1146 0.0405 -0.0021 0.0020  0.0035  60  DA  A "O4'" 
459 C  "C3'" . DA  A 14 ? 0.1269 0.1269 0.0778 -0.0073 0.0466  -0.0154 60  DA  A "C3'" 
460 O  "O3'" . DA  A 14 ? 0.1127 0.1458 0.0880 -0.0199 0.0448  -0.0266 60  DA  A "O3'" 
461 C  "C2'" . DA  A 14 ? 0.1277 0.1179 0.0629 0.0049  0.0319  -0.0214 60  DA  A "C2'" 
462 C  "C1'" . DA  A 14 ? 0.1445 0.1146 0.0510 -0.0004 0.0103  -0.0193 60  DA  A "C1'" 
463 N  N9    . DA  A 14 ? 0.1740 0.0855 0.0563 -0.0021 0.0096  -0.0112 60  DA  A N9    
464 C  C8    . DA  A 14 ? 0.1710 0.0739 0.0524 -0.0046 0.0082  -0.0044 60  DA  A C8    
465 N  N7    . DA  A 14 ? 0.1843 0.0640 0.0544 -0.0060 -0.0014 -0.0002 60  DA  A N7    
466 C  C5    . DA  A 14 ? 0.1866 0.0557 0.0600 -0.0058 -0.0126 -0.0004 60  DA  A C5    
467 C  C6    . DA  A 14 ? 0.1935 0.0577 0.0704 -0.0025 -0.0146 0.0032  60  DA  A C6    
468 N  N6    . DA  A 14 ? 0.1896 0.0566 0.1221 -0.0028 -0.0131 0.0048  60  DA  A N6    
469 N  N1    . DA  A 14 ? 0.2050 0.0608 0.0652 -0.0039 -0.0259 0.0006  60  DA  A N1    
470 C  C2    . DA  A 14 ? 0.1989 0.0622 0.0630 -0.0082 0.0152  -0.0039 60  DA  A C2    
471 N  N3    . DA  A 14 ? 0.1997 0.0780 0.0651 -0.0059 0.0134  -0.0106 60  DA  A N3    
472 C  C4    . DA  A 14 ? 0.1951 0.0571 0.0591 -0.0026 -0.0043 0.0001  60  DA  A C4    
483 C  "C1'" . VC7 A 15 ? 0.0912 0.0601 0.0449 -0.0295 0.0201  -0.0109 74  VC7 A "C1'" 
484 C  C2    . VC7 A 15 ? 0.1150 0.0444 0.0453 -0.0178 0.0164  -0.0019 74  VC7 A C2    
485 C  "C2'" . VC7 A 15 ? 0.0843 0.0692 0.0381 -0.0225 0.0134  -0.0085 74  VC7 A "C2'" 
486 C  "C3'" . VC7 A 15 ? 0.1049 0.0914 0.0390 -0.0179 -0.0085 -0.0020 74  VC7 A "C3'" 
487 C  C4    . VC7 A 15 ? 0.1226 0.0476 0.0495 -0.0203 0.0216  -0.0040 74  VC7 A C4    
488 C  "C4'" . VC7 A 15 ? 0.1166 0.1052 0.0531 -0.0263 -0.0136 -0.0157 74  VC7 A "C4'" 
489 C  C5    . VC7 A 15 ? 0.1518 0.0553 0.0562 -0.0251 0.0187  -0.0028 74  VC7 A C5    
490 C  "C5'" . VC7 A 15 ? 0.0512 0.1242 0.0983 -0.0269 0.0072  -0.0057 74  VC7 A "C5'" 
491 C  C6    . VC7 A 15 ? 0.1736 0.0610 0.0593 -0.0283 0.0059  0.0010  74  VC7 A C6    
492 C  C8    . VC7 A 15 ? 0.1017 0.0617 0.0593 -0.0329 0.0315  -0.0178 74  VC7 A C8    
493 C  CP2   . VC7 A 15 ? 0.1609 0.1235 0.0605 -0.0046 0.0002  0.0211  74  VC7 A CP2   
494 N  N1    . VC7 A 15 ? 0.1388 0.0475 0.0443 -0.0182 0.0013  0.0001  74  VC7 A N1    
495 N  N2    . VC7 A 15 ? 0.1539 0.0546 0.0524 -0.0243 0.0190  -0.0043 74  VC7 A N2    
496 N  N3    . VC7 A 15 ? 0.1070 0.0457 0.0388 -0.0148 0.0125  -0.0013 74  VC7 A N3    
497 N  N7    . VC7 A 15 ? 0.1321 0.0619 0.0663 -0.0305 0.0350  -0.0159 74  VC7 A N7    
498 N  N9    . VC7 A 15 ? 0.0731 0.0446 0.0467 -0.0223 0.0216  -0.0117 74  VC7 A N9    
499 O  "O2'" . VC7 A 15 ? 0.0861 0.0865 0.0731 -0.0328 0.0331  -0.0313 74  VC7 A "O2'" 
500 O  "O3'" . VC7 A 15 ? 0.1038 0.0981 0.0441 -0.0093 -0.0170 -0.0128 74  VC7 A "O3'" 
501 O  "O4'" . VC7 A 15 ? 0.1210 0.0918 0.0640 -0.0287 0.0188  -0.0289 74  VC7 A "O4'" 
502 O  "O5'" . VC7 A 15 ? 0.0632 0.1280 0.0731 -0.0222 0.0190  0.0098  74  VC7 A "O5'" 
503 O  O6    . VC7 A 15 ? 0.1929 0.0773 0.0669 -0.0452 0.0157  -0.0033 74  VC7 A O6    
504 O  OP1   . VC7 A 15 ? 0.1989 0.1566 0.0772 -0.0208 0.0273  -0.0085 74  VC7 A OP1   
505 P  P     . VC7 A 15 ? 0.1354 0.1356 0.0484 -0.0079 0.0149  0.0119  74  VC7 A P     
520 P  P     . A   A 16 ? 0.0941 0.1005 0.0943 -0.0165 -0.0170 -0.0280 75  A   A P     
521 O  OP1   . A   A 16 ? 0.0942 0.0832 0.0456 -0.0042 -0.0055 -0.0250 75  A   A OP1   
522 O  OP2   . A   A 16 ? 0.0755 0.0994 0.1235 -0.0214 -0.0383 -0.0095 75  A   A OP2   
523 O  "O5'" . A   A 16 ? 0.1450 0.0807 0.0681 -0.0005 -0.0335 -0.0170 75  A   A "O5'" 
524 C  "C5'" . A   A 16 ? 0.1154 0.0745 0.0687 0.0156  -0.0208 -0.0292 75  A   A "C5'" 
525 C  "C4'" . A   A 16 ? 0.0796 0.0697 0.0706 0.0141  -0.0052 -0.0335 75  A   A "C4'" 
526 O  "O4'" . A   A 16 ? 0.0535 0.0605 0.1166 0.0131  -0.0227 -0.0330 75  A   A "O4'" 
527 C  "C3'" . A   A 16 ? 0.0983 0.0789 0.0723 -0.0023 0.0157  -0.0357 75  A   A "C3'" 
528 O  "O3'" . A   A 16 ? 0.1047 0.1005 0.0742 -0.0205 0.0272  -0.0370 75  A   A "O3'" 
529 C  "C2'" . A   A 16 ? 0.0970 0.0718 0.0375 -0.0187 0.0106  -0.0060 75  A   A "C2'" 
530 O  "O2'" . A   A 16 ? 0.1394 0.0904 0.0481 -0.0368 0.0019  -0.0017 75  A   A "O2'" 
531 C  "C1'" . A   A 16 ? 0.0571 0.0483 0.0882 0.0069  -0.0150 -0.0111 75  A   A "C1'" 
532 N  N9    . A   A 16 ? 0.0854 0.0303 0.0571 -0.0006 -0.0025 -0.0043 75  A   A N9    
533 C  C8    . A   A 16 ? 0.0907 0.0371 0.0341 -0.0150 0.0035  -0.0025 75  A   A C8    
534 N  N7    . A   A 16 ? 0.1211 0.0481 0.0395 -0.0136 -0.0007 0.0019  75  A   A N7    
535 C  C5    . A   A 16 ? 0.1210 0.0417 0.0439 -0.0145 0.0003  0.0004  75  A   A C5    
536 C  C6    . A   A 16 ? 0.1472 0.0529 0.0502 -0.0252 0.0003  0.0004  75  A   A C6    
537 N  N6    . A   A 16 ? 0.1965 0.0845 0.0637 -0.0474 0.0129  -0.0061 75  A   A N6    
538 N  N1    . A   A 16 ? 0.1508 0.0533 0.0487 -0.0150 -0.0056 -0.0022 75  A   A N1    
539 C  C2    . A   A 16 ? 0.1232 0.0402 0.0477 -0.0057 -0.0143 0.0003  75  A   A C2    
540 N  N3    . A   A 16 ? 0.0890 0.0324 0.0399 0.0062  -0.0146 -0.0019 75  A   A N3    
541 C  C4    . A   A 16 ? 0.0900 0.0309 0.0347 -0.0020 -0.0056 0.0000  75  A   A C4    
553 P  P     . G   A 17 ? 0.1640 0.1065 0.0862 -0.0244 0.0359  -0.0360 76  G   A P     
554 O  OP1   . G   A 17 ? 0.1719 0.1027 0.0841 -0.0483 0.0453  -0.0106 76  G   A OP1   
555 O  OP2   . G   A 17 ? 0.1828 0.0753 0.0625 -0.0344 0.0245  -0.0057 76  G   A OP2   
556 O  "O5'" . G   A 17 ? 0.1603 0.0846 0.0963 0.0029  0.0468  -0.0237 76  G   A "O5'" 
557 C  "C5'" . G   A 17 ? 0.1442 0.0894 0.1322 0.0181  0.0470  -0.0308 76  G   A "C5'" 
558 C  "C4'" . G   A 17 ? 0.1365 0.0691 0.1032 0.0338  0.0324  -0.0044 76  G   A "C4'" 
559 O  "O4'" . G   A 17 ? 0.1112 0.0641 0.0746 0.0373  0.0121  0.0135  76  G   A "O4'" 
560 C  "C3'" . G   A 17 ? 0.1524 0.0780 0.0756 0.0243  0.0449  0.0040  76  G   A "C3'" 
561 O  "O3'" . G   A 17 ? 0.1320 0.1068 0.0631 0.0081  0.0383  -0.0016 76  G   A "O3'" 
562 C  "C2'" . G   A 17 ? 0.1510 0.0616 0.1079 0.0236  0.0345  0.0200  76  G   A "C2'" 
563 O  "O2'" . G   A 17 ? 0.1499 0.0664 0.1209 0.0152  0.0303  0.0308  76  G   A "O2'" 
564 C  "C1'" . G   A 17 ? 0.1217 0.0585 0.0796 0.0294  0.0178  0.0176  76  G   A "C1'" 
565 N  N9    . G   A 17 ? 0.1091 0.0565 0.0637 0.0277  0.0024  0.0140  76  G   A N9    
566 C  C8    . G   A 17 ? 0.1139 0.0556 0.0646 0.0282  0.0024  0.0123  76  G   A C8    
567 N  N7    . G   A 17 ? 0.1020 0.0647 0.0439 0.0195  -0.0065 0.0113  76  G   A N7    
568 C  C5    . G   A 17 ? 0.0733 0.0559 0.0321 0.0244  0.0027  0.0049  76  G   A C5    
569 C  C6    . G   A 17 ? 0.0891 0.0652 0.0345 0.0225  0.0029  0.0044  76  G   A C6    
570 O  O6    . G   A 17 ? 0.0908 0.0753 0.0397 0.0254  0.0136  0.0070  76  G   A O6    
571 N  N1    . G   A 17 ? 0.1156 0.0840 0.0379 0.0084  0.0013  -0.0034 76  G   A N1    
572 C  C2    . G   A 17 ? 0.1161 0.1088 0.0477 0.0034  0.0097  -0.0247 76  G   A C2    
573 N  N2    . G   A 17 ? 0.0979 0.0949 0.0644 0.0156  0.0254  -0.0245 76  G   A N2    
574 N  N3    . G   A 17 ? 0.1271 0.0894 0.0447 0.0160  -0.0029 -0.0122 76  G   A N3    
575 C  C4    . G   A 17 ? 0.0958 0.0495 0.0366 0.0288  0.0029  0.0012  76  G   A C4    
587 P  P     . G   A 18 ? 0.1401 0.1299 0.0667 -0.0059 0.0343  0.0224  77  G   A P     
588 O  OP1   . G   A 18 ? 0.1474 0.1289 0.0886 -0.0175 0.0181  0.0493  77  G   A OP1   
589 O  OP2   . G   A 18 ? 0.1651 0.1451 0.0822 -0.0116 0.0460  0.0227  77  G   A OP2   
590 O  "O5'" . G   A 18 ? 0.1411 0.1353 0.0564 -0.0061 0.0197  0.0254  77  G   A "O5'" 
591 C  "C5'" . G   A 18 ? 0.1286 0.1289 0.0492 0.0009  0.0243  0.0038  77  G   A "C5'" 
592 C  "C4'" . G   A 18 ? 0.1010 0.1018 0.0447 0.0167  0.0145  -0.0110 77  G   A "C4'" 
593 O  "O4'" . G   A 18 ? 0.0981 0.0964 0.0387 -0.0015 0.0095  -0.0146 77  G   A "O4'" 
594 C  "C3'" . G   A 18 ? 0.1003 0.0819 0.0687 0.0355  -0.0027 0.0023  77  G   A "C3'" 
595 O  "O3'" . G   A 18 ? 0.0681 0.0802 0.0884 0.0260  0.0284  0.0016  77  G   A "O3'" 
596 C  "C2'" . G   A 18 ? 0.0972 0.0843 0.0470 0.0265  -0.0015 0.0007  77  G   A "C2'" 
597 O  "O2'" . G   A 18 ? 0.0777 0.0766 0.0623 0.0300  0.0227  0.0008  77  G   A "O2'" 
598 C  "C1'" . G   A 18 ? 0.0884 0.0872 0.0314 -0.0006 0.0016  -0.0070 77  G   A "C1'" 
599 N  N9    . G   A 18 ? 0.0649 0.0826 0.0310 -0.0012 0.0045  -0.0082 77  G   A N9    
600 C  C8    . G   A 18 ? 0.0782 0.0774 0.0281 -0.0017 0.0003  -0.0012 77  G   A C8    
601 N  N7    . G   A 18 ? 0.0948 0.0859 0.0372 -0.0173 0.0029  -0.0093 77  G   A N7    
602 C  C5    . G   A 18 ? 0.0662 0.0789 0.0349 -0.0308 0.0028  -0.0051 77  G   A C5    
603 C  C6    . G   A 18 ? 0.0752 0.0776 0.0380 -0.0385 0.0001  0.0013  77  G   A C6    
604 O  O6    . G   A 18 ? 0.1058 0.0901 0.0927 -0.0515 -0.0032 -0.0004 77  G   A O6    
605 N  N1    . G   A 18 ? 0.0657 0.0713 0.0375 -0.0333 -0.0058 0.0085  77  G   A N1    
606 C  C2    . G   A 18 ? 0.0823 0.0770 0.0482 -0.0402 -0.0140 0.0128  77  G   A C2    
607 N  N2    . G   A 18 ? 0.0932 0.1012 0.0479 -0.0511 -0.0001 0.0019  77  G   A N2    
608 N  N3    . G   A 18 ? 0.0823 0.0798 0.0460 -0.0410 -0.0148 0.0147  77  G   A N3    
609 C  C4    . G   A 18 ? 0.0541 0.0816 0.0444 -0.0259 -0.0089 -0.0015 77  G   A C4    
621 P  P     . A   A 19 ? 0.0753 0.0886 0.0592 0.0010  0.0312  0.0104  78  A   A P     
622 O  OP1   . A   A 19 ? 0.0661 0.0813 0.0477 -0.0104 0.0216  0.0092  78  A   A OP1   
623 O  OP2   . A   A 19 ? 0.1081 0.0886 0.0507 -0.0020 0.0290  0.0038  78  A   A OP2   
624 O  "O5'" . A   A 19 ? 0.0904 0.0935 0.0366 -0.0052 0.0048  0.0137  78  A   A "O5'" 
625 C  "C5'" . A   A 19 ? 0.0705 0.1105 0.0562 0.0006  -0.0023 -0.0008 78  A   A "C5'" 
626 C  "C4'" . A   A 19 ? 0.0535 0.1083 0.0927 0.0159  -0.0071 -0.0235 78  A   A "C4'" 
627 O  "O4'" . A   A 19 ? 0.0505 0.1195 0.1274 0.0158  -0.0085 -0.0284 78  A   A "O4'" 
628 C  "C3'" . A   A 19 ? 0.0689 0.1102 0.0980 0.0051  -0.0226 -0.0327 78  A   A "C3'" 
629 O  "O3'" . A   A 19 ? 0.0835 0.0944 0.0821 -0.0246 -0.0228 -0.0140 78  A   A "O3'" 
630 C  "C2'" . A   A 19 ? 0.0578 0.1022 0.0907 0.0237  -0.0240 -0.0252 78  A   A "C2'" 
631 O  "O2'" . A   A 19 ? 0.0926 0.0909 0.0935 0.0325  -0.0298 -0.0319 78  A   A "O2'" 
632 C  "C1'" . A   A 19 ? 0.0595 0.1099 0.0783 0.0129  -0.0051 -0.0099 78  A   A "C1'" 
633 N  N9    . A   A 19 ? 0.0488 0.1100 0.0685 0.0008  -0.0013 0.0099  78  A   A N9    
634 C  C8    . A   A 19 ? 0.0430 0.0991 0.0750 -0.0030 -0.0188 0.0104  78  A   A C8    
635 N  N7    . A   A 19 ? 0.0577 0.0909 0.0508 -0.0013 -0.0189 0.0158  78  A   A N7    
636 C  C5    . A   A 19 ? 0.0692 0.0970 0.0571 -0.0018 -0.0226 0.0211  78  A   A C5    
637 C  C6    . A   A 19 ? 0.0997 0.1067 0.0792 0.0069  -0.0402 0.0203  78  A   A C6    
638 N  N6    . A   A 19 ? 0.0890 0.1044 0.0701 0.0145  -0.0344 0.0157  78  A   A N6    
639 N  N1    . A   A 19 ? 0.1338 0.1088 0.0667 -0.0038 -0.0360 0.0200  78  A   A N1    
640 C  C2    . A   A 19 ? 0.1093 0.1114 0.0524 -0.0162 -0.0227 0.0180  78  A   A C2    
641 N  N3    . A   A 19 ? 0.0830 0.1183 0.0541 -0.0229 0.0120  0.0136  78  A   A N3    
642 C  C4    . A   A 19 ? 0.0552 0.1043 0.0426 -0.0041 -0.0082 0.0172  78  A   A C4    
654 P  P     . C   A 20 ? 0.1100 0.0817 0.0966 -0.0306 -0.0419 0.0007  79  C   A P     
655 O  OP1   . C   A 20 ? 0.1312 0.0738 0.1411 -0.0117 -0.0691 -0.0023 79  C   A OP1   
656 O  OP2   . C   A 20 ? 0.1508 0.0825 0.0917 -0.0264 -0.0537 0.0037  79  C   A OP2   
657 O  "O5'" . C   A 20 ? 0.1096 0.0863 0.0728 -0.0384 -0.0142 0.0147  79  C   A "O5'" 
658 C  "C5'" . C   A 20 ? 0.1056 0.0832 0.0724 -0.0268 0.0049  -0.0081 79  C   A "C5'" 
659 C  "C4'" . C   A 20 ? 0.0984 0.0712 0.0646 -0.0099 0.0151  0.0032  79  C   A "C4'" 
660 O  "O4'" . C   A 20 ? 0.1190 0.0620 0.0573 -0.0064 0.0215  0.0142  79  C   A "O4'" 
661 C  "C3'" . C   A 20 ? 0.0540 0.1003 0.0802 -0.0043 0.0230  -0.0264 79  C   A "C3'" 
662 O  "O3'" . C   A 20 ? 0.0522 0.1409 0.0698 -0.0179 0.0045  -0.0359 79  C   A "O3'" 
663 C  "C2'" . C   A 20 ? 0.0903 0.0896 0.0667 -0.0193 0.0049  -0.0188 79  C   A "C2'" 
664 O  "O2'" . C   A 20 ? 0.1389 0.0884 0.1050 -0.0268 -0.0375 -0.0052 79  C   A "O2'" 
665 C  "C1'" . C   A 20 ? 0.0987 0.0769 0.0452 -0.0121 0.0226  0.0028  79  C   A "C1'" 
666 N  N1    . C   A 20 ? 0.1034 0.0894 0.0460 -0.0189 0.0193  0.0050  79  C   A N1    
667 C  C2    . C   A 20 ? 0.0768 0.0768 0.0406 -0.0099 -0.0112 0.0184  79  C   A C2    
668 O  O2    . C   A 20 ? 0.0835 0.1025 0.0566 -0.0407 0.0048  0.0057  79  C   A O2    
669 N  N3    . C   A 20 ? 0.0710 0.0884 0.0417 -0.0041 -0.0147 0.0160  79  C   A N3    
670 C  C4    . C   A 20 ? 0.0847 0.0970 0.0376 -0.0067 -0.0024 0.0090  79  C   A C4    
671 N  N4    . C   A 20 ? 0.0591 0.1188 0.0436 -0.0263 0.0001  -0.0102 79  C   A N4    
672 C  C5    . C   A 20 ? 0.0914 0.0863 0.0341 -0.0020 0.0041  0.0120  79  C   A C5    
673 C  C6    . C   A 20 ? 0.1071 0.0855 0.0368 -0.0054 0.0025  0.0084  79  C   A C6    
685 P  P     . C   A 21 ? 0.1032 0.1738 0.0841 -0.0361 0.0014  -0.0334 80  C   A P     
686 O  OP1   . C   A 21 ? 0.1424 0.1838 0.1116 -0.0469 0.0241  -0.0573 80  C   A OP1   
687 O  OP2   . C   A 21 ? 0.0873 0.1549 0.0615 -0.0371 0.0179  -0.0114 80  C   A OP2   
688 O  "O5'" . C   A 21 ? 0.1099 0.1573 0.0856 -0.0318 -0.0365 -0.0114 80  C   A "O5'" 
689 C  "C5'" . C   A 21 ? 0.0803 0.1401 0.0837 -0.0183 -0.0340 -0.0068 80  C   A "C5'" 
690 C  "C4'" . C   A 21 ? 0.0597 0.1367 0.1044 -0.0197 -0.0226 -0.0141 80  C   A "C4'" 
691 O  "O4'" . C   A 21 ? 0.0912 0.1506 0.1070 -0.0384 -0.0219 -0.0298 80  C   A "O4'" 
692 C  "C3'" . C   A 21 ? 0.0592 0.1294 0.1067 -0.0150 -0.0256 -0.0177 80  C   A "C3'" 
693 O  "O3'" . C   A 21 ? 0.0947 0.1289 0.1331 -0.0120 -0.0271 -0.0434 80  C   A "O3'" 
694 C  "C2'" . C   A 21 ? 0.0967 0.1464 0.0877 -0.0319 -0.0239 -0.0282 80  C   A "C2'" 
695 O  "O2'" . C   A 21 ? 0.1325 0.1642 0.1043 -0.0439 -0.0257 -0.0397 80  C   A "O2'" 
696 C  "C1'" . C   A 21 ? 0.1133 0.1473 0.0887 -0.0376 -0.0240 -0.0301 80  C   A "C1'" 
697 N  N1    . C   A 21 ? 0.1213 0.1366 0.0836 -0.0340 -0.0290 -0.0267 80  C   A N1    
698 C  C2    . C   A 21 ? 0.1178 0.1242 0.0652 -0.0298 -0.0252 -0.0155 80  C   A C2    
699 O  O2    . C   A 21 ? 0.1081 0.1326 0.0811 -0.0480 -0.0085 -0.0268 80  C   A O2    
700 N  N3    . C   A 21 ? 0.1311 0.1235 0.0600 -0.0347 -0.0246 -0.0034 80  C   A N3    
701 C  C4    . C   A 21 ? 0.1058 0.1152 0.0629 -0.0225 -0.0337 0.0075  80  C   A C4    
702 N  N4    . C   A 21 ? 0.0869 0.1058 0.0603 -0.0236 -0.0293 0.0072  80  C   A N4    
703 C  C5    . C   A 21 ? 0.0805 0.1272 0.0841 -0.0270 -0.0318 -0.0060 80  C   A C5    
704 C  C6    . C   A 21 ? 0.0805 0.1203 0.0927 -0.0187 -0.0391 -0.0142 80  C   A C6    
716 P  P     . G   A 22 ? 0.0972 0.1307 0.1484 -0.0168 -0.0207 -0.0434 81  G   A P     
717 O  OP1   . G   A 22 ? 0.1396 0.1173 0.1765 -0.0033 -0.0307 -0.0290 81  G   A OP1   
718 O  OP2   . G   A 22 ? 0.1492 0.1370 0.1523 -0.0512 -0.0249 -0.0506 81  G   A OP2   
719 O  "O5'" . G   A 22 ? 0.0671 0.1059 0.1134 0.0050  -0.0355 -0.0297 81  G   A "O5'" 
720 C  "C5'" . G   A 22 ? 0.0660 0.1187 0.1128 -0.0053 -0.0326 -0.0268 81  G   A "C5'" 
721 C  "C4'" . G   A 22 ? 0.0591 0.1104 0.1074 -0.0102 -0.0266 -0.0235 81  G   A "C4'" 
722 O  "O4'" . G   A 22 ? 0.0423 0.1020 0.1047 -0.0020 -0.0071 -0.0276 81  G   A "O4'" 
723 C  "C3'" . G   A 22 ? 0.0574 0.1131 0.1354 0.0033  -0.0152 -0.0527 81  G   A "C3'" 
724 O  "O3'" . G   A 22 ? 0.0859 0.1119 0.1516 0.0104  -0.0244 -0.0596 81  G   A "O3'" 
725 C  "C2'" . G   A 22 ? 0.0561 0.1123 0.1255 -0.0052 -0.0259 -0.0238 81  G   A "C2'" 
726 O  "O2'" . G   A 22 ? 0.0839 0.1533 0.1700 -0.0176 -0.0478 -0.0188 81  G   A "O2'" 
727 C  "C1'" . G   A 22 ? 0.0367 0.0976 0.0965 -0.0083 -0.0066 -0.0084 81  G   A "C1'" 
728 N  N9    . G   A 22 ? 0.0756 0.0899 0.0763 -0.0289 0.0191  0.0173  81  G   A N9    
729 C  C8    . G   A 22 ? 0.0919 0.0975 0.0777 -0.0328 0.0204  0.0200  81  G   A C8    
730 N  N7    . G   A 22 ? 0.1078 0.1011 0.0985 -0.0297 0.0280  0.0327  81  G   A N7    
731 C  C5    . G   A 22 ? 0.1008 0.0955 0.0907 -0.0264 0.0244  0.0321  81  G   A C5    
732 C  C6    . G   A 22 ? 0.0929 0.0885 0.0833 -0.0222 0.0241  0.0295  81  G   A C6    
733 O  O6    . G   A 22 ? 0.0654 0.0901 0.0728 -0.0150 0.0202  0.0242  81  G   A O6    
734 N  N1    . G   A 22 ? 0.0911 0.0850 0.0864 -0.0213 0.0234  0.0299  81  G   A N1    
735 C  C2    . G   A 22 ? 0.0995 0.0813 0.0895 -0.0246 0.0179  0.0321  81  G   A C2    
736 N  N2    . G   A 22 ? 0.1152 0.0998 0.1004 -0.0358 0.0234  0.0308  81  G   A N2    
737 N  N3    . G   A 22 ? 0.0746 0.0862 0.0826 -0.0218 -0.0077 0.0399  81  G   A N3    
738 C  C4    . G   A 22 ? 0.0844 0.0960 0.0861 -0.0286 0.0141  0.0305  81  G   A C4    
750 P  P     . G   A 23 ? 0.1491 0.0949 0.1361 0.0099  -0.0217 -0.0387 82  G   A P     
751 O  OP1   . G   A 23 ? 0.1630 0.1125 0.2101 0.0108  0.0107  -0.0736 82  G   A OP1   
752 O  OP2   . G   A 23 ? 0.1350 0.0839 0.1266 0.0118  -0.0391 -0.0262 82  G   A OP2   
753 O  "O5'" . G   A 23 ? 0.1689 0.0683 0.1168 0.0169  0.0068  -0.0301 82  G   A "O5'" 
754 C  "C5'" . G   A 23 ? 0.1695 0.0598 0.0945 0.0058  0.0161  -0.0174 82  G   A "C5'" 
755 C  "C4'" . G   A 23 ? 0.1511 0.0498 0.1027 -0.0046 0.0086  -0.0135 82  G   A "C4'" 
756 O  "O4'" . G   A 23 ? 0.1189 0.0410 0.1044 -0.0061 0.0153  0.0009  82  G   A "O4'" 
757 C  "C3'" . G   A 23 ? 0.1559 0.0670 0.0983 -0.0257 -0.0019 -0.0046 82  G   A "C3'" 
758 O  "O3'" . G   A 23 ? 0.2000 0.1055 0.0897 -0.0580 -0.0223 0.0225  82  G   A "O3'" 
759 C  "C2'" . G   A 23 ? 0.1184 0.0538 0.0741 -0.0208 0.0032  -0.0026 82  G   A "C2'" 
760 O  "O2'" . G   A 23 ? 0.1364 0.0564 0.0458 -0.0318 -0.0066 0.0023  82  G   A "O2'" 
761 C  "C1'" . G   A 23 ? 0.0950 0.0347 0.0990 -0.0047 0.0054  0.0052  82  G   A "C1'" 
762 N  N9    . G   A 23 ? 0.1031 0.0497 0.0740 -0.0077 0.0063  0.0229  82  G   A N9    
763 C  C8    . G   A 23 ? 0.0955 0.0381 0.0645 -0.0106 0.0065  0.0094  82  G   A C8    
764 N  N7    . G   A 23 ? 0.1140 0.0409 0.0527 -0.0047 -0.0054 -0.0073 82  G   A N7    
765 C  C5    . G   A 23 ? 0.1202 0.0394 0.0587 0.0067  0.0080  -0.0013 82  G   A C5    
766 C  C6    . G   A 23 ? 0.1149 0.0427 0.0724 0.0179  0.0040  -0.0034 82  G   A C6    
767 O  O6    . G   A 23 ? 0.1194 0.0397 0.0870 0.0032  0.0155  0.0006  82  G   A O6    
768 N  N1    . G   A 23 ? 0.1184 0.0538 0.0598 0.0287  -0.0120 -0.0101 82  G   A N1    
769 C  C2    . G   A 23 ? 0.1080 0.0515 0.1195 0.0274  0.0054  -0.0108 82  G   A C2    
770 N  N2    . G   A 23 ? 0.1067 0.0536 0.1201 0.0244  0.0086  -0.0174 82  G   A N2    
771 N  N3    . G   A 23 ? 0.1197 0.0468 0.0881 0.0202  0.0189  0.0044  82  G   A N3    
772 C  C4    . G   A 23 ? 0.1245 0.0411 0.0438 0.0079  0.0138  0.0020  82  G   A C4    
784 P  P     . A   A 24 ? 0.2460 0.1451 0.1292 -0.0839 -0.0475 0.0447  83  A   A P     
785 O  OP1   . A   A 24 ? 0.2646 0.1590 0.1395 -0.0978 -0.0780 0.0494  83  A   A OP1   
786 O  OP2   . A   A 24 ? 0.2502 0.1502 0.1217 -0.0786 -0.0467 0.0461  83  A   A OP2   
787 O  "O5'" . A   A 24 ? 0.1767 0.1458 0.1320 -0.0580 -0.0350 0.0478  83  A   A "O5'" 
788 C  "C5'" . A   A 24 ? 0.1669 0.1297 0.1229 -0.0357 -0.0328 0.0614  83  A   A "C5'" 
789 C  "C4'" . A   A 24 ? 0.1460 0.1253 0.1427 -0.0251 -0.0202 0.0702  83  A   A "C4'" 
790 O  "O4'" . A   A 24 ? 0.1506 0.1185 0.1406 -0.0005 -0.0290 0.0653  83  A   A "O4'" 
791 C  "C3'" . A   A 24 ? 0.1491 0.1352 0.1476 -0.0206 0.0020  0.0682  83  A   A "C3'" 
792 O  "O3'" . A   A 24 ? 0.1608 0.1497 0.1785 -0.0187 0.0182  0.0647  83  A   A "O3'" 
793 C  "C2'" . A   A 24 ? 0.1527 0.1224 0.1468 -0.0066 -0.0193 0.0623  83  A   A "C2'" 
794 O  "O2'" . A   A 24 ? 0.1601 0.1151 0.1738 -0.0093 -0.0142 0.0640  83  A   A "O2'" 
795 C  "C1'" . A   A 24 ? 0.1554 0.1225 0.1407 0.0006  -0.0268 0.0555  83  A   A "C1'" 
796 N  N9    . A   A 24 ? 0.1348 0.1104 0.0941 0.0220  -0.0256 0.0436  83  A   A N9    
797 C  C8    . A   A 24 ? 0.1364 0.1101 0.1084 0.0270  -0.0299 0.0440  83  A   A C8    
798 N  N7    . A   A 24 ? 0.1313 0.1084 0.1080 0.0303  -0.0341 0.0364  83  A   A N7    
799 C  C5    . A   A 24 ? 0.1173 0.1039 0.0857 0.0184  -0.0260 0.0384  83  A   A C5    
800 C  C6    . A   A 24 ? 0.1343 0.0952 0.1077 0.0317  -0.0205 0.0389  83  A   A C6    
801 N  N6    . A   A 24 ? 0.1487 0.1043 0.1263 0.0394  -0.0310 0.0358  83  A   A N6    
802 N  N1    . A   A 24 ? 0.1254 0.0881 0.1006 0.0322  -0.0005 0.0390  83  A   A N1    
803 C  C2    . A   A 24 ? 0.1132 0.0965 0.0886 0.0370  0.0094  0.0385  83  A   A C2    
804 N  N3    . A   A 24 ? 0.1137 0.1078 0.0789 0.0365  0.0009  0.0363  83  A   A N3    
805 C  C4    . A   A 24 ? 0.1204 0.0999 0.0775 0.0160  -0.0197 0.0385  83  A   A C4    
817 P  P     . G   A 25 ? 0.2256 0.1797 0.1833 -0.0113 -0.0290 0.0572  84  G   A P     
818 O  OP1   . G   A 25 ? 0.2632 0.1938 0.1529 -0.0144 -0.0573 0.0524  84  G   A OP1   
819 O  OP2   . G   A 25 ? 0.2322 0.1851 0.1854 -0.0078 -0.0345 0.0445  84  G   A OP2   
820 O  "O5'" . G   A 25 ? 0.2379 0.1896 0.1699 -0.0091 -0.0608 0.0823  84  G   A "O5'" 
821 C  "C5'" . G   A 25 ? 0.2292 0.2008 0.1773 0.0031  -0.0623 0.0819  84  G   A "C5'" 
822 C  "C4'" . G   A 25 ? 0.1957 0.2103 0.1805 0.0113  -0.0178 0.0729  84  G   A "C4'" 
823 O  "O4'" . G   A 25 ? 0.2101 0.2122 0.1797 0.0095  -0.0161 0.0822  84  G   A "O4'" 
824 C  "C3'" . G   A 25 ? 0.1611 0.2203 0.1669 0.0235  0.0184  0.0474  84  G   A "C3'" 
825 O  "O3'" . G   A 25 ? 0.1570 0.2265 0.1443 0.0312  0.0325  0.0288  84  G   A "O3'" 
826 C  "C2'" . G   A 25 ? 0.1728 0.2252 0.1685 0.0206  0.0068  0.0534  84  G   A "C2'" 
827 O  "O2'" . G   A 25 ? 0.1817 0.2280 0.1576 0.0179  0.0134  0.0563  84  G   A "O2'" 
828 C  "C1'" . G   A 25 ? 0.1942 0.2197 0.1658 0.0230  -0.0215 0.0696  84  G   A "C1'" 
829 N  N9    . G   A 25 ? 0.1989 0.2085 0.1401 0.0292  -0.0489 0.0697  84  G   A N9    
830 C  C8    . G   A 25 ? 0.2016 0.1958 0.1356 0.0358  -0.0569 0.0576  84  G   A C8    
831 N  N7    . G   A 25 ? 0.2005 0.1968 0.1337 0.0367  -0.0575 0.0546  84  G   A N7    
832 C  C5    . G   A 25 ? 0.2028 0.2044 0.1260 0.0267  -0.0555 0.0580  84  G   A C5    
833 C  C6    . G   A 25 ? 0.2002 0.2151 0.1278 0.0134  -0.0553 0.0623  84  G   A C6    
834 O  O6    . G   A 25 ? 0.2367 0.2205 0.1370 0.0159  -0.0560 0.0711  84  G   A O6    
835 N  N1    . G   A 25 ? 0.1544 0.2137 0.1184 0.0059  -0.0423 0.0604  84  G   A N1    
836 C  C2    . G   A 25 ? 0.1454 0.2079 0.1136 -0.0028 -0.0340 0.0648  84  G   A C2    
837 N  N2    . G   A 25 ? 0.1020 0.2284 0.1230 -0.0097 -0.0197 0.0767  84  G   A N2    
838 N  N3    . G   A 25 ? 0.1816 0.2126 0.1111 -0.0049 -0.0341 0.0662  84  G   A N3    
839 C  C4    . G   A 25 ? 0.2003 0.2037 0.1226 0.0166  -0.0462 0.0650  84  G   A C4    
851 P  P     . U   A 26 ? 0.1669 0.2373 0.1031 0.0346  -0.0038 0.0344  85  U   A P     
852 O  OP1   . U   A 26 ? 0.1771 0.2383 0.1331 0.0417  -0.0096 0.0252  85  U   A OP1   
853 O  OP2   . U   A 26 ? 0.1677 0.2358 0.1051 0.0299  0.0138  0.0369  85  U   A OP2   
854 O  "O5'" . U   A 26 ? 0.1767 0.2184 0.1041 0.0308  -0.0470 0.0357  85  U   A "O5'" 
855 C  "C5'" . U   A 26 ? 0.1738 0.2299 0.1183 0.0397  -0.0581 0.0231  85  U   A "C5'" 
856 C  "C4'" . U   A 26 ? 0.1749 0.2370 0.1302 0.0420  -0.0513 0.0024  85  U   A "C4'" 
857 O  "O4'" . U   A 26 ? 0.1558 0.2341 0.1118 0.0501  -0.0461 -0.0037 85  U   A "O4'" 
858 C  "C3'" . U   A 26 ? 0.2056 0.2389 0.1435 0.0329  -0.0601 -0.0051 85  U   A "C3'" 
859 O  "O3'" . U   A 26 ? 0.2199 0.2215 0.1709 0.0540  -0.0629 -0.0084 85  U   A "O3'" 
860 C  "C2'" . U   A 26 ? 0.1792 0.2407 0.1218 0.0157  -0.0741 0.0012  85  U   A "C2'" 
861 O  "O2'" . U   A 26 ? 0.1748 0.2288 0.1259 0.0025  -0.0796 0.0070  85  U   A "O2'" 
862 C  "C1'" . U   A 26 ? 0.1622 0.2374 0.1213 0.0263  -0.0664 -0.0007 85  U   A "C1'" 
863 N  N1    . U   A 26 ? 0.1657 0.2114 0.1299 0.0072  -0.0786 0.0145  85  U   A N1    
864 C  C2    . U   A 26 ? 0.1817 0.2310 0.1264 0.0266  -0.0746 0.0130  85  U   A C2    
865 O  O2    . U   A 26 ? 0.1765 0.2274 0.1382 0.0141  -0.0841 0.0083  85  U   A O2    
866 N  N3    . U   A 26 ? 0.1715 0.2279 0.1311 0.0154  -0.0790 0.0162  85  U   A N3    
867 C  C4    . U   A 26 ? 0.1475 0.2223 0.1200 0.0045  -0.0623 0.0279  85  U   A C4    
868 O  O4    . U   A 26 ? 0.1399 0.2468 0.1131 -0.0084 -0.0444 0.0447  85  U   A O4    
869 C  C5    . U   A 26 ? 0.1326 0.2225 0.1304 0.0072  -0.0629 0.0237  85  U   A C5    
870 C  C6    . U   A 26 ? 0.1437 0.2153 0.1292 0.0116  -0.0710 0.0157  85  U   A C6    
881 P  P     . G   A 27 ? 0.2115 0.2030 0.1646 0.0759  -0.0800 -0.0042 86  G   A P     
882 O  OP1   . G   A 27 ? 0.2361 0.2025 0.1481 0.0682  -0.0772 0.0088  86  G   A OP1   
883 O  OP2   . G   A 27 ? 0.2168 0.2061 0.1702 0.0720  -0.0861 -0.0033 86  G   A OP2   
884 O  "O5'" . G   A 27 ? 0.2442 0.2042 0.1458 0.0568  -0.0873 -0.0017 86  G   A "O5'" 
885 C  "C5'" . G   A 27 ? 0.2471 0.2121 0.1310 0.0389  -0.0841 -0.0006 86  G   A "C5'" 
886 C  "C4'" . G   A 27 ? 0.2465 0.2281 0.1255 0.0262  -0.0828 -0.0145 86  G   A "C4'" 
887 O  "O4'" . G   A 27 ? 0.2316 0.2380 0.1213 0.0137  -0.0811 -0.0092 86  G   A "O4'" 
888 C  "C3'" . G   A 27 ? 0.2607 0.2342 0.1426 0.0127  -0.0894 -0.0200 86  G   A "C3'" 
889 O  "O3'" . G   A 27 ? 0.2641 0.2390 0.1660 -0.0001 -0.0917 -0.0215 86  G   A "O3'" 
890 C  "C2'" . G   A 27 ? 0.2517 0.2363 0.1414 0.0138  -0.0911 -0.0140 86  G   A "C2'" 
891 O  "O2'" . G   A 27 ? 0.2408 0.2323 0.1681 0.0128  -0.0775 -0.0196 86  G   A "O2'" 
892 C  "C1'" . G   A 27 ? 0.2347 0.2357 0.1244 0.0142  -0.0837 0.0012  86  G   A "C1'" 
893 N  N9    . G   A 27 ? 0.2072 0.2289 0.1258 0.0185  -0.0804 0.0160  86  G   A N9    
894 C  C8    . G   A 27 ? 0.2039 0.2265 0.1350 0.0228  -0.0838 0.0182  86  G   A C8    
895 N  N7    . G   A 27 ? 0.2038 0.2240 0.1397 0.0260  -0.0848 0.0205  86  G   A N7    
896 C  C5    . G   A 27 ? 0.2040 0.2233 0.1352 0.0265  -0.0833 0.0153  86  G   A C5    
897 C  C6    . G   A 27 ? 0.2272 0.2220 0.1345 0.0321  -0.0848 0.0100  86  G   A C6    
898 O  O6    . G   A 27 ? 0.2347 0.2340 0.1425 0.0386  -0.0910 -0.0153 86  G   A O6    
899 N  N1    . G   A 27 ? 0.2303 0.2144 0.1287 0.0318  -0.0794 0.0178  86  G   A N1    
900 C  C2    . G   A 27 ? 0.2348 0.2217 0.1312 0.0280  -0.0825 0.0184  86  G   A C2    
901 N  N2    . G   A 27 ? 0.2442 0.2212 0.1398 0.0367  -0.0877 0.0118  86  G   A N2    
902 N  N3    . G   A 27 ? 0.2356 0.2305 0.1266 0.0211  -0.0828 0.0128  86  G   A N3    
903 C  C4    . G   A 27 ? 0.2093 0.2296 0.1222 0.0183  -0.0791 0.0119  86  G   A C4    
916 MG MG    . MG  B .  ? 0.1638 0.1776 0.1421 0.0374  0.0513  -0.0547 101 MG  A MG    
# 
loop_
_pdbx_poly_seq_scheme.asym_id 
_pdbx_poly_seq_scheme.entity_id 
_pdbx_poly_seq_scheme.seq_id 
_pdbx_poly_seq_scheme.mon_id 
_pdbx_poly_seq_scheme.ndb_seq_num 
_pdbx_poly_seq_scheme.pdb_seq_num 
_pdbx_poly_seq_scheme.auth_seq_num 
_pdbx_poly_seq_scheme.pdb_mon_id 
_pdbx_poly_seq_scheme.auth_mon_id 
_pdbx_poly_seq_scheme.pdb_strand_id 
_pdbx_poly_seq_scheme.pdb_ins_code 
_pdbx_poly_seq_scheme.hetero 
A 1 1  U   1  47 47 U   U   A . n 
A 1 2  G   2  48 48 G   G   A . n 
A 1 3  C   3  49 49 C   C   A . n 
A 1 4  U   4  50 50 U   U   A . n 
A 1 5  C   5  51 51 C   C   A . n 
A 1 6  C   6  52 52 C   C   A . n 
A 1 7  U   7  53 53 U   U   A . n 
A 1 8  A   8  54 54 A   A   A . n 
A 1 9  G   9  55 55 G   G   A . n 
A 1 10 U   10 56 56 U   U   A . n 
A 1 11 A   11 57 57 A   A   A . n 
A 1 12 C   12 58 58 C   C   A . n 
A 1 13 G   13 59 59 G   G   A . n 
A 1 14 DA  14 60 60 DA  DA  A . n 
A 1 15 VC7 15 74 74 VC7 VC7 A . n 
A 1 16 A   16 75 75 A   A   A . n 
A 1 17 G   17 76 76 G   G   A . n 
A 1 18 G   18 77 77 G   G   A . n 
A 1 19 A   19 78 78 A   A   A . n 
A 1 20 C   20 79 79 C   C   A . n 
A 1 21 C   21 80 80 C   C   A . n 
A 1 22 G   22 81 81 G   G   A . n 
A 1 23 G   23 82 82 G   G   A . n 
A 1 24 A   24 83 83 A   A   A . n 
A 1 25 G   25 84 84 G   G   A . n 
A 1 26 U   26 85 85 U   U   A . n 
A 1 27 G   27 86 86 G   G   A . n 
# 
loop_
_pdbx_nonpoly_scheme.asym_id 
_pdbx_nonpoly_scheme.entity_id 
_pdbx_nonpoly_scheme.mon_id 
_pdbx_nonpoly_scheme.ndb_seq_num 
_pdbx_nonpoly_scheme.pdb_seq_num 
_pdbx_nonpoly_scheme.auth_seq_num 
_pdbx_nonpoly_scheme.pdb_mon_id 
_pdbx_nonpoly_scheme.auth_mon_id 
_pdbx_nonpoly_scheme.pdb_strand_id 
_pdbx_nonpoly_scheme.pdb_ins_code 
B 2 MG  1   101 101 MG  MG  A . 
C 3 HOH 1   201 201 HOH HOH A . 
C 3 HOH 2   202 202 HOH HOH A . 
C 3 HOH 3   203 203 HOH HOH A . 
C 3 HOH 4   204 204 HOH HOH A . 
C 3 HOH 5   205 205 HOH HOH A . 
C 3 HOH 6   206 206 HOH HOH A . 
C 3 HOH 7   207 207 HOH HOH A . 
C 3 HOH 8   208 208 HOH HOH A . 
C 3 HOH 9   209 209 HOH HOH A . 
C 3 HOH 10  210 210 HOH HOH A . 
C 3 HOH 11  211 211 HOH HOH A . 
C 3 HOH 12  212 212 HOH HOH A . 
C 3 HOH 13  213 213 HOH HOH A . 
C 3 HOH 14  214 214 HOH HOH A . 
C 3 HOH 15  215 215 HOH HOH A . 
C 3 HOH 16  216 216 HOH HOH A . 
C 3 HOH 17  217 217 HOH HOH A . 
C 3 HOH 18  218 218 HOH HOH A . 
C 3 HOH 19  219 219 HOH HOH A . 
C 3 HOH 20  220 220 HOH HOH A . 
C 3 HOH 21  221 221 HOH HOH A . 
C 3 HOH 22  222 222 HOH HOH A . 
C 3 HOH 23  223 223 HOH HOH A . 
C 3 HOH 24  224 224 HOH HOH A . 
C 3 HOH 25  225 225 HOH HOH A . 
C 3 HOH 26  226 226 HOH HOH A . 
C 3 HOH 27  227 227 HOH HOH A . 
C 3 HOH 28  228 228 HOH HOH A . 
C 3 HOH 29  229 229 HOH HOH A . 
C 3 HOH 30  230 230 HOH HOH A . 
C 3 HOH 31  231 231 HOH HOH A . 
C 3 HOH 32  232 232 HOH HOH A . 
C 3 HOH 33  233 233 HOH HOH A . 
C 3 HOH 34  234 234 HOH HOH A . 
C 3 HOH 35  235 235 HOH HOH A . 
C 3 HOH 36  236 236 HOH HOH A . 
C 3 HOH 37  237 237 HOH HOH A . 
C 3 HOH 38  238 238 HOH HOH A . 
C 3 HOH 39  239 239 HOH HOH A . 
C 3 HOH 40  240 240 HOH HOH A . 
C 3 HOH 41  241 241 HOH HOH A . 
C 3 HOH 42  242 242 HOH HOH A . 
C 3 HOH 43  243 243 HOH HOH A . 
C 3 HOH 44  244 244 HOH HOH A . 
C 3 HOH 45  245 245 HOH HOH A . 
C 3 HOH 46  246 246 HOH HOH A . 
C 3 HOH 47  247 247 HOH HOH A . 
C 3 HOH 48  248 248 HOH HOH A . 
C 3 HOH 49  249 249 HOH HOH A . 
C 3 HOH 50  250 250 HOH HOH A . 
C 3 HOH 51  251 251 HOH HOH A . 
C 3 HOH 52  252 252 HOH HOH A . 
C 3 HOH 53  253 253 HOH HOH A . 
C 3 HOH 54  254 254 HOH HOH A . 
C 3 HOH 55  255 255 HOH HOH A . 
C 3 HOH 56  256 256 HOH HOH A . 
C 3 HOH 57  257 257 HOH HOH A . 
C 3 HOH 58  258 258 HOH HOH A . 
C 3 HOH 59  259 259 HOH HOH A . 
C 3 HOH 60  260 260 HOH HOH A . 
C 3 HOH 61  261 261 HOH HOH A . 
C 3 HOH 62  262 262 HOH HOH A . 
C 3 HOH 63  263 263 HOH HOH A . 
C 3 HOH 64  264 264 HOH HOH A . 
C 3 HOH 65  265 265 HOH HOH A . 
C 3 HOH 66  266 266 HOH HOH A . 
C 3 HOH 67  267 267 HOH HOH A . 
C 3 HOH 68  268 268 HOH HOH A . 
C 3 HOH 69  269 269 HOH HOH A . 
C 3 HOH 70  270 270 HOH HOH A . 
C 3 HOH 71  271 271 HOH HOH A . 
C 3 HOH 72  272 272 HOH HOH A . 
C 3 HOH 73  273 273 HOH HOH A . 
C 3 HOH 74  274 274 HOH HOH A . 
C 3 HOH 75  275 275 HOH HOH A . 
C 3 HOH 76  276 276 HOH HOH A . 
C 3 HOH 77  277 277 HOH HOH A . 
C 3 HOH 78  278 278 HOH HOH A . 
C 3 HOH 79  279 279 HOH HOH A . 
C 3 HOH 80  280 280 HOH HOH A . 
C 3 HOH 81  281 281 HOH HOH A . 
C 3 HOH 82  282 282 HOH HOH A . 
C 3 HOH 83  283 283 HOH HOH A . 
C 3 HOH 84  284 284 HOH HOH A . 
C 3 HOH 85  285 285 HOH HOH A . 
C 3 HOH 86  286 286 HOH HOH A . 
C 3 HOH 87  287 287 HOH HOH A . 
C 3 HOH 88  288 288 HOH HOH A . 
C 3 HOH 89  289 289 HOH HOH A . 
C 3 HOH 90  290 290 HOH HOH A . 
C 3 HOH 91  291 291 HOH HOH A . 
C 3 HOH 92  292 292 HOH HOH A . 
C 3 HOH 93  293 293 HOH HOH A . 
C 3 HOH 94  294 294 HOH HOH A . 
C 3 HOH 95  295 295 HOH HOH A . 
C 3 HOH 96  296 296 HOH HOH A . 
C 3 HOH 97  297 297 HOH HOH A . 
C 3 HOH 98  298 298 HOH HOH A . 
C 3 HOH 99  299 299 HOH HOH A . 
C 3 HOH 100 300 300 HOH HOH A . 
C 3 HOH 101 301 301 HOH HOH A . 
C 3 HOH 102 302 302 HOH HOH A . 
C 3 HOH 103 303 303 HOH HOH A . 
# 
_pdbx_struct_assembly.id                   1 
_pdbx_struct_assembly.details              author_and_software_defined_assembly 
_pdbx_struct_assembly.method_details       PISA 
_pdbx_struct_assembly.oligomeric_details   monomeric 
_pdbx_struct_assembly.oligomeric_count     1 
# 
_pdbx_struct_assembly_gen.assembly_id       1 
_pdbx_struct_assembly_gen.oper_expression   1 
_pdbx_struct_assembly_gen.asym_id_list      A,B,C 
# 
_pdbx_struct_oper_list.id                   1 
_pdbx_struct_oper_list.type                 'identity operation' 
_pdbx_struct_oper_list.name                 1_555 
_pdbx_struct_oper_list.symmetry_operation   x,y,z 
_pdbx_struct_oper_list.matrix[1][1]         1.0000000000 
_pdbx_struct_oper_list.matrix[1][2]         0.0000000000 
_pdbx_struct_oper_list.matrix[1][3]         0.0000000000 
_pdbx_struct_oper_list.vector[1]            0.0000000000 
_pdbx_struct_oper_list.matrix[2][1]         0.0000000000 
_pdbx_struct_oper_list.matrix[2][2]         1.0000000000 
_pdbx_struct_oper_list.matrix[2][3]         0.0000000000 
_pdbx_struct_oper_list.vector[2]            0.0000000000 
_pdbx_struct_oper_list.matrix[3][1]         0.0000000000 
_pdbx_struct_oper_list.matrix[3][2]         0.0000000000 
_pdbx_struct_oper_list.matrix[3][3]         1.0000000000 
_pdbx_struct_oper_list.vector[3]            0.0000000000 
# 
loop_
_pdbx_audit_revision_history.ordinal 
_pdbx_audit_revision_history.data_content_type 
_pdbx_audit_revision_history.major_revision 
_pdbx_audit_revision_history.minor_revision 
_pdbx_audit_revision_history.revision_date 
1 'Structure model' 1 0 2020-12-23 
2 'Structure model' 1 1 2023-10-18 
# 
_pdbx_audit_revision_details.ordinal             1 
_pdbx_audit_revision_details.revision_ordinal    1 
_pdbx_audit_revision_details.data_content_type   'Structure model' 
_pdbx_audit_revision_details.provider            repository 
_pdbx_audit_revision_details.type                'Initial release' 
_pdbx_audit_revision_details.description         ? 
_pdbx_audit_revision_details.details             ? 
# 
loop_
_pdbx_audit_revision_group.ordinal 
_pdbx_audit_revision_group.revision_ordinal 
_pdbx_audit_revision_group.data_content_type 
_pdbx_audit_revision_group.group 
1 2 'Structure model' 'Data collection'        
2 2 'Structure model' 'Database references'    
3 2 'Structure model' 'Refinement description' 
# 
loop_
_pdbx_audit_revision_category.ordinal 
_pdbx_audit_revision_category.revision_ordinal 
_pdbx_audit_revision_category.data_content_type 
_pdbx_audit_revision_category.category 
1 2 'Structure model' chem_comp_atom                
2 2 'Structure model' chem_comp_bond                
3 2 'Structure model' database_2                    
4 2 'Structure model' pdbx_initial_refinement_model 
# 
loop_
_pdbx_audit_revision_item.ordinal 
_pdbx_audit_revision_item.revision_ordinal 
_pdbx_audit_revision_item.data_content_type 
_pdbx_audit_revision_item.item 
1 2 'Structure model' '_database_2.pdbx_DOI'                
2 2 'Structure model' '_database_2.pdbx_database_accession' 
# 
loop_
_space_group_symop.id 
_space_group_symop.operation_xyz 
1 x,y,z       
2 -y,x,z+3/4  
3 y,-x,z+1/4  
4 -x,-y,z+1/2 
# 
loop_
_software.citation_id 
_software.classification 
_software.compiler_name 
_software.compiler_version 
_software.contact_author 
_software.contact_author_email 
_software.date 
_software.description 
_software.dependencies 
_software.hardware 
_software.language 
_software.location 
_software.mods 
_software.name 
_software.os 
_software.os_version 
_software.type 
_software.version 
_software.pdbx_ordinal 
? refinement       ? ? ? ? ? ? ? ? ? ? ? PHENIX         ? ? ? 1.18.2_3874 1 
? 'data reduction' ? ? ? ? ? ? ? ? ? ? ? 'PROTEUM PLUS' ? ? ? .           2 
? 'data scaling'   ? ? ? ? ? ? ? ? ? ? ? 'PROTEUM PLUS' ? ? ? .           3 
? phasing          ? ? ? ? ? ? ? ? ? ? ? PHASER         ? ? ? .           4 
# 
_pdbx_entry_details.entry_id                 7JJF 
_pdbx_entry_details.has_ligand_of_interest   Y 
_pdbx_entry_details.compound_details         ? 
_pdbx_entry_details.source_details           ? 
_pdbx_entry_details.nonpolymer_details       ? 
_pdbx_entry_details.sequence_details         ? 
# 
loop_
_pdbx_validate_rmsd_angle.id 
_pdbx_validate_rmsd_angle.PDB_model_num 
_pdbx_validate_rmsd_angle.auth_atom_id_1 
_pdbx_validate_rmsd_angle.auth_asym_id_1 
_pdbx_validate_rmsd_angle.auth_comp_id_1 
_pdbx_validate_rmsd_angle.auth_seq_id_1 
_pdbx_validate_rmsd_angle.PDB_ins_code_1 
_pdbx_validate_rmsd_angle.label_alt_id_1 
_pdbx_validate_rmsd_angle.auth_atom_id_2 
_pdbx_validate_rmsd_angle.auth_asym_id_2 
_pdbx_validate_rmsd_angle.auth_comp_id_2 
_pdbx_validate_rmsd_angle.auth_seq_id_2 
_pdbx_validate_rmsd_angle.PDB_ins_code_2 
_pdbx_validate_rmsd_angle.label_alt_id_2 
_pdbx_validate_rmsd_angle.auth_atom_id_3 
_pdbx_validate_rmsd_angle.auth_asym_id_3 
_pdbx_validate_rmsd_angle.auth_comp_id_3 
_pdbx_validate_rmsd_angle.auth_seq_id_3 
_pdbx_validate_rmsd_angle.PDB_ins_code_3 
_pdbx_validate_rmsd_angle.label_alt_id_3 
_pdbx_validate_rmsd_angle.angle_value 
_pdbx_validate_rmsd_angle.angle_target_value 
_pdbx_validate_rmsd_angle.angle_deviation 
_pdbx_validate_rmsd_angle.angle_standard_deviation 
_pdbx_validate_rmsd_angle.linker_flag 
1 1 C6    A C   52 ? ? N1    A C   52 ? ? C2  A C   52 ? ? 122.79 120.30 2.49  0.40 N 
2 1 C4    A G   59 ? ? C5    A G   59 ? ? N7  A G   59 ? ? 107.53 110.80 -3.27 0.40 N 
3 1 C5    A G   59 ? ? N7    A G   59 ? ? C8  A G   59 ? ? 107.61 104.30 3.31  0.50 N 
4 1 "C3'" A DA  60 ? ? "O3'" A DA  60 ? ? P   A VC7 74 ? ? 127.93 119.70 8.23  1.20 Y 
5 1 "O3'" A DA  60 ? ? P     A VC7 74 ? ? OP1 A VC7 74 ? ? 124.29 110.50 13.79 1.10 Y 
6 1 "O3'" A VC7 74 ? ? P     A A   75 ? ? OP1 A A   75 ? ? 118.98 110.50 8.48  1.10 Y 
# 
loop_
_chem_comp_atom.comp_id 
_chem_comp_atom.atom_id 
_chem_comp_atom.type_symbol 
_chem_comp_atom.pdbx_aromatic_flag 
_chem_comp_atom.pdbx_stereo_config 
_chem_comp_atom.pdbx_ordinal 
A   OP3    O  N N 1   
A   P      P  N N 2   
A   OP1    O  N N 3   
A   OP2    O  N N 4   
A   "O5'"  O  N N 5   
A   "C5'"  C  N N 6   
A   "C4'"  C  N R 7   
A   "O4'"  O  N N 8   
A   "C3'"  C  N S 9   
A   "O3'"  O  N N 10  
A   "C2'"  C  N R 11  
A   "O2'"  O  N N 12  
A   "C1'"  C  N R 13  
A   N9     N  Y N 14  
A   C8     C  Y N 15  
A   N7     N  Y N 16  
A   C5     C  Y N 17  
A   C6     C  Y N 18  
A   N6     N  N N 19  
A   N1     N  Y N 20  
A   C2     C  Y N 21  
A   N3     N  Y N 22  
A   C4     C  Y N 23  
A   HOP3   H  N N 24  
A   HOP2   H  N N 25  
A   "H5'"  H  N N 26  
A   "H5''" H  N N 27  
A   "H4'"  H  N N 28  
A   "H3'"  H  N N 29  
A   "HO3'" H  N N 30  
A   "H2'"  H  N N 31  
A   "HO2'" H  N N 32  
A   "H1'"  H  N N 33  
A   H8     H  N N 34  
A   H61    H  N N 35  
A   H62    H  N N 36  
A   H2     H  N N 37  
C   OP3    O  N N 38  
C   P      P  N N 39  
C   OP1    O  N N 40  
C   OP2    O  N N 41  
C   "O5'"  O  N N 42  
C   "C5'"  C  N N 43  
C   "C4'"  C  N R 44  
C   "O4'"  O  N N 45  
C   "C3'"  C  N S 46  
C   "O3'"  O  N N 47  
C   "C2'"  C  N R 48  
C   "O2'"  O  N N 49  
C   "C1'"  C  N R 50  
C   N1     N  N N 51  
C   C2     C  N N 52  
C   O2     O  N N 53  
C   N3     N  N N 54  
C   C4     C  N N 55  
C   N4     N  N N 56  
C   C5     C  N N 57  
C   C6     C  N N 58  
C   HOP3   H  N N 59  
C   HOP2   H  N N 60  
C   "H5'"  H  N N 61  
C   "H5''" H  N N 62  
C   "H4'"  H  N N 63  
C   "H3'"  H  N N 64  
C   "HO3'" H  N N 65  
C   "H2'"  H  N N 66  
C   "HO2'" H  N N 67  
C   "H1'"  H  N N 68  
C   H41    H  N N 69  
C   H42    H  N N 70  
C   H5     H  N N 71  
C   H6     H  N N 72  
DA  OP3    O  N N 73  
DA  P      P  N N 74  
DA  OP1    O  N N 75  
DA  OP2    O  N N 76  
DA  "O5'"  O  N N 77  
DA  "C5'"  C  N N 78  
DA  "C4'"  C  N R 79  
DA  "O4'"  O  N N 80  
DA  "C3'"  C  N S 81  
DA  "O3'"  O  N N 82  
DA  "C2'"  C  N N 83  
DA  "C1'"  C  N R 84  
DA  N9     N  Y N 85  
DA  C8     C  Y N 86  
DA  N7     N  Y N 87  
DA  C5     C  Y N 88  
DA  C6     C  Y N 89  
DA  N6     N  N N 90  
DA  N1     N  Y N 91  
DA  C2     C  Y N 92  
DA  N3     N  Y N 93  
DA  C4     C  Y N 94  
DA  HOP3   H  N N 95  
DA  HOP2   H  N N 96  
DA  "H5'"  H  N N 97  
DA  "H5''" H  N N 98  
DA  "H4'"  H  N N 99  
DA  "H3'"  H  N N 100 
DA  "HO3'" H  N N 101 
DA  "H2'"  H  N N 102 
DA  "H2''" H  N N 103 
DA  "H1'"  H  N N 104 
DA  H8     H  N N 105 
DA  H61    H  N N 106 
DA  H62    H  N N 107 
DA  H2     H  N N 108 
G   OP3    O  N N 109 
G   P      P  N N 110 
G   OP1    O  N N 111 
G   OP2    O  N N 112 
G   "O5'"  O  N N 113 
G   "C5'"  C  N N 114 
G   "C4'"  C  N R 115 
G   "O4'"  O  N N 116 
G   "C3'"  C  N S 117 
G   "O3'"  O  N N 118 
G   "C2'"  C  N R 119 
G   "O2'"  O  N N 120 
G   "C1'"  C  N R 121 
G   N9     N  Y N 122 
G   C8     C  Y N 123 
G   N7     N  Y N 124 
G   C5     C  Y N 125 
G   C6     C  N N 126 
G   O6     O  N N 127 
G   N1     N  N N 128 
G   C2     C  N N 129 
G   N2     N  N N 130 
G   N3     N  N N 131 
G   C4     C  Y N 132 
G   HOP3   H  N N 133 
G   HOP2   H  N N 134 
G   "H5'"  H  N N 135 
G   "H5''" H  N N 136 
G   "H4'"  H  N N 137 
G   "H3'"  H  N N 138 
G   "HO3'" H  N N 139 
G   "H2'"  H  N N 140 
G   "HO2'" H  N N 141 
G   "H1'"  H  N N 142 
G   H8     H  N N 143 
G   H1     H  N N 144 
G   H21    H  N N 145 
G   H22    H  N N 146 
HOH O      O  N N 147 
HOH H1     H  N N 148 
HOH H2     H  N N 149 
MG  MG     MG N N 150 
U   OP3    O  N N 151 
U   P      P  N N 152 
U   OP1    O  N N 153 
U   OP2    O  N N 154 
U   "O5'"  O  N N 155 
U   "C5'"  C  N N 156 
U   "C4'"  C  N R 157 
U   "O4'"  O  N N 158 
U   "C3'"  C  N S 159 
U   "O3'"  O  N N 160 
U   "C2'"  C  N R 161 
U   "O2'"  O  N N 162 
U   "C1'"  C  N R 163 
U   N1     N  N N 164 
U   C2     C  N N 165 
U   O2     O  N N 166 
U   N3     N  N N 167 
U   C4     C  N N 168 
U   O4     O  N N 169 
U   C5     C  N N 170 
U   C6     C  N N 171 
U   HOP3   H  N N 172 
U   HOP2   H  N N 173 
U   "H5'"  H  N N 174 
U   "H5''" H  N N 175 
U   "H4'"  H  N N 176 
U   "H3'"  H  N N 177 
U   "HO3'" H  N N 178 
U   "H2'"  H  N N 179 
U   "HO2'" H  N N 180 
U   "H1'"  H  N N 181 
U   H3     H  N N 182 
U   H5     H  N N 183 
U   H6     H  N N 184 
VC7 "C1'"  C  N R 185 
VC7 C2     C  N N 186 
VC7 "C2'"  C  N R 187 
VC7 "C3'"  C  N S 188 
VC7 C4     C  Y N 189 
VC7 "C4'"  C  N R 190 
VC7 C5     C  Y N 191 
VC7 "C5'"  C  N N 192 
VC7 C6     C  N N 193 
VC7 C8     C  Y N 194 
VC7 CP2    C  N N 195 
VC7 N1     N  N N 196 
VC7 N2     N  N N 197 
VC7 N3     N  N N 198 
VC7 N7     N  Y N 199 
VC7 N9     N  Y N 200 
VC7 "O2'"  O  N N 201 
VC7 "O3'"  O  N N 202 
VC7 "O4'"  O  N N 203 
VC7 "O5'"  O  N N 204 
VC7 O6     O  N N 205 
VC7 OP1    O  N N 206 
VC7 P      P  N N 207 
VC7 "H1'"  H  N N 208 
VC7 "H2'"  H  N N 209 
VC7 "H3'"  H  N N 210 
VC7 "H4'"  H  N N 211 
VC7 "H5'"  H  N N 212 
VC7 "H5''" H  N N 213 
VC7 H8     H  N N 214 
VC7 HCP2   H  N N 215 
VC7 HCP3   H  N N 216 
VC7 HCP1   H  N N 217 
VC7 H1     H  N N 218 
VC7 H21    H  N N 219 
VC7 H22    H  N N 220 
VC7 "HO2'" H  N N 221 
VC7 "HO3'" H  N N 222 
VC7 OP3    O  N N 223 
VC7 HOP3   H  N N 224 
# 
loop_
_chem_comp_bond.comp_id 
_chem_comp_bond.atom_id_1 
_chem_comp_bond.atom_id_2 
_chem_comp_bond.value_order 
_chem_comp_bond.pdbx_aromatic_flag 
_chem_comp_bond.pdbx_stereo_config 
_chem_comp_bond.pdbx_ordinal 
A   OP3   P      sing N N 1   
A   OP3   HOP3   sing N N 2   
A   P     OP1    doub N N 3   
A   P     OP2    sing N N 4   
A   P     "O5'"  sing N N 5   
A   OP2   HOP2   sing N N 6   
A   "O5'" "C5'"  sing N N 7   
A   "C5'" "C4'"  sing N N 8   
A   "C5'" "H5'"  sing N N 9   
A   "C5'" "H5''" sing N N 10  
A   "C4'" "O4'"  sing N N 11  
A   "C4'" "C3'"  sing N N 12  
A   "C4'" "H4'"  sing N N 13  
A   "O4'" "C1'"  sing N N 14  
A   "C3'" "O3'"  sing N N 15  
A   "C3'" "C2'"  sing N N 16  
A   "C3'" "H3'"  sing N N 17  
A   "O3'" "HO3'" sing N N 18  
A   "C2'" "O2'"  sing N N 19  
A   "C2'" "C1'"  sing N N 20  
A   "C2'" "H2'"  sing N N 21  
A   "O2'" "HO2'" sing N N 22  
A   "C1'" N9     sing N N 23  
A   "C1'" "H1'"  sing N N 24  
A   N9    C8     sing Y N 25  
A   N9    C4     sing Y N 26  
A   C8    N7     doub Y N 27  
A   C8    H8     sing N N 28  
A   N7    C5     sing Y N 29  
A   C5    C6     sing Y N 30  
A   C5    C4     doub Y N 31  
A   C6    N6     sing N N 32  
A   C6    N1     doub Y N 33  
A   N6    H61    sing N N 34  
A   N6    H62    sing N N 35  
A   N1    C2     sing Y N 36  
A   C2    N3     doub Y N 37  
A   C2    H2     sing N N 38  
A   N3    C4     sing Y N 39  
C   OP3   P      sing N N 40  
C   OP3   HOP3   sing N N 41  
C   P     OP1    doub N N 42  
C   P     OP2    sing N N 43  
C   P     "O5'"  sing N N 44  
C   OP2   HOP2   sing N N 45  
C   "O5'" "C5'"  sing N N 46  
C   "C5'" "C4'"  sing N N 47  
C   "C5'" "H5'"  sing N N 48  
C   "C5'" "H5''" sing N N 49  
C   "C4'" "O4'"  sing N N 50  
C   "C4'" "C3'"  sing N N 51  
C   "C4'" "H4'"  sing N N 52  
C   "O4'" "C1'"  sing N N 53  
C   "C3'" "O3'"  sing N N 54  
C   "C3'" "C2'"  sing N N 55  
C   "C3'" "H3'"  sing N N 56  
C   "O3'" "HO3'" sing N N 57  
C   "C2'" "O2'"  sing N N 58  
C   "C2'" "C1'"  sing N N 59  
C   "C2'" "H2'"  sing N N 60  
C   "O2'" "HO2'" sing N N 61  
C   "C1'" N1     sing N N 62  
C   "C1'" "H1'"  sing N N 63  
C   N1    C2     sing N N 64  
C   N1    C6     sing N N 65  
C   C2    O2     doub N N 66  
C   C2    N3     sing N N 67  
C   N3    C4     doub N N 68  
C   C4    N4     sing N N 69  
C   C4    C5     sing N N 70  
C   N4    H41    sing N N 71  
C   N4    H42    sing N N 72  
C   C5    C6     doub N N 73  
C   C5    H5     sing N N 74  
C   C6    H6     sing N N 75  
DA  OP3   P      sing N N 76  
DA  OP3   HOP3   sing N N 77  
DA  P     OP1    doub N N 78  
DA  P     OP2    sing N N 79  
DA  P     "O5'"  sing N N 80  
DA  OP2   HOP2   sing N N 81  
DA  "O5'" "C5'"  sing N N 82  
DA  "C5'" "C4'"  sing N N 83  
DA  "C5'" "H5'"  sing N N 84  
DA  "C5'" "H5''" sing N N 85  
DA  "C4'" "O4'"  sing N N 86  
DA  "C4'" "C3'"  sing N N 87  
DA  "C4'" "H4'"  sing N N 88  
DA  "O4'" "C1'"  sing N N 89  
DA  "C3'" "O3'"  sing N N 90  
DA  "C3'" "C2'"  sing N N 91  
DA  "C3'" "H3'"  sing N N 92  
DA  "O3'" "HO3'" sing N N 93  
DA  "C2'" "C1'"  sing N N 94  
DA  "C2'" "H2'"  sing N N 95  
DA  "C2'" "H2''" sing N N 96  
DA  "C1'" N9     sing N N 97  
DA  "C1'" "H1'"  sing N N 98  
DA  N9    C8     sing Y N 99  
DA  N9    C4     sing Y N 100 
DA  C8    N7     doub Y N 101 
DA  C8    H8     sing N N 102 
DA  N7    C5     sing Y N 103 
DA  C5    C6     sing Y N 104 
DA  C5    C4     doub Y N 105 
DA  C6    N6     sing N N 106 
DA  C6    N1     doub Y N 107 
DA  N6    H61    sing N N 108 
DA  N6    H62    sing N N 109 
DA  N1    C2     sing Y N 110 
DA  C2    N3     doub Y N 111 
DA  C2    H2     sing N N 112 
DA  N3    C4     sing Y N 113 
G   OP3   P      sing N N 114 
G   OP3   HOP3   sing N N 115 
G   P     OP1    doub N N 116 
G   P     OP2    sing N N 117 
G   P     "O5'"  sing N N 118 
G   OP2   HOP2   sing N N 119 
G   "O5'" "C5'"  sing N N 120 
G   "C5'" "C4'"  sing N N 121 
G   "C5'" "H5'"  sing N N 122 
G   "C5'" "H5''" sing N N 123 
G   "C4'" "O4'"  sing N N 124 
G   "C4'" "C3'"  sing N N 125 
G   "C4'" "H4'"  sing N N 126 
G   "O4'" "C1'"  sing N N 127 
G   "C3'" "O3'"  sing N N 128 
G   "C3'" "C2'"  sing N N 129 
G   "C3'" "H3'"  sing N N 130 
G   "O3'" "HO3'" sing N N 131 
G   "C2'" "O2'"  sing N N 132 
G   "C2'" "C1'"  sing N N 133 
G   "C2'" "H2'"  sing N N 134 
G   "O2'" "HO2'" sing N N 135 
G   "C1'" N9     sing N N 136 
G   "C1'" "H1'"  sing N N 137 
G   N9    C8     sing Y N 138 
G   N9    C4     sing Y N 139 
G   C8    N7     doub Y N 140 
G   C8    H8     sing N N 141 
G   N7    C5     sing Y N 142 
G   C5    C6     sing N N 143 
G   C5    C4     doub Y N 144 
G   C6    O6     doub N N 145 
G   C6    N1     sing N N 146 
G   N1    C2     sing N N 147 
G   N1    H1     sing N N 148 
G   C2    N2     sing N N 149 
G   C2    N3     doub N N 150 
G   N2    H21    sing N N 151 
G   N2    H22    sing N N 152 
G   N3    C4     sing N N 153 
HOH O     H1     sing N N 154 
HOH O     H2     sing N N 155 
U   OP3   P      sing N N 156 
U   OP3   HOP3   sing N N 157 
U   P     OP1    doub N N 158 
U   P     OP2    sing N N 159 
U   P     "O5'"  sing N N 160 
U   OP2   HOP2   sing N N 161 
U   "O5'" "C5'"  sing N N 162 
U   "C5'" "C4'"  sing N N 163 
U   "C5'" "H5'"  sing N N 164 
U   "C5'" "H5''" sing N N 165 
U   "C4'" "O4'"  sing N N 166 
U   "C4'" "C3'"  sing N N 167 
U   "C4'" "H4'"  sing N N 168 
U   "O4'" "C1'"  sing N N 169 
U   "C3'" "O3'"  sing N N 170 
U   "C3'" "C2'"  sing N N 171 
U   "C3'" "H3'"  sing N N 172 
U   "O3'" "HO3'" sing N N 173 
U   "C2'" "O2'"  sing N N 174 
U   "C2'" "C1'"  sing N N 175 
U   "C2'" "H2'"  sing N N 176 
U   "O2'" "HO2'" sing N N 177 
U   "C1'" N1     sing N N 178 
U   "C1'" "H1'"  sing N N 179 
U   N1    C2     sing N N 180 
U   N1    C6     sing N N 181 
U   C2    O2     doub N N 182 
U   C2    N3     sing N N 183 
U   N3    C4     sing N N 184 
U   N3    H3     sing N N 185 
U   C4    O4     doub N N 186 
U   C4    C5     sing N N 187 
U   C5    C6     doub N N 188 
U   C5    H5     sing N N 189 
U   C6    H6     sing N N 190 
VC7 O6    C6     doub N N 191 
VC7 C6    N1     sing N N 192 
VC7 C6    C5     sing N N 193 
VC7 N1    C2     sing N N 194 
VC7 N7    C5     sing Y N 195 
VC7 N7    C8     doub Y N 196 
VC7 C5    C4     doub Y N 197 
VC7 CP2   P      sing N N 198 
VC7 C8    N9     sing Y N 199 
VC7 C2    N2     sing N N 200 
VC7 C2    N3     doub N N 201 
VC7 C4    N3     sing N N 202 
VC7 C4    N9     sing Y N 203 
VC7 N9    "C1'"  sing N N 204 
VC7 P     OP1    doub N N 205 
VC7 P     "O5'"  sing N N 206 
VC7 "O4'" "C1'"  sing N N 207 
VC7 "O4'" "C4'"  sing N N 208 
VC7 "O5'" "C5'"  sing N N 209 
VC7 "C1'" "C2'"  sing N N 210 
VC7 "C5'" "C4'"  sing N N 211 
VC7 "C4'" "C3'"  sing N N 212 
VC7 "C2'" "C3'"  sing N N 213 
VC7 "C2'" "O2'"  sing N N 214 
VC7 "C3'" "O3'"  sing N N 215 
VC7 "C1'" "H1'"  sing N N 216 
VC7 "C2'" "H2'"  sing N N 217 
VC7 "C3'" "H3'"  sing N N 218 
VC7 "C4'" "H4'"  sing N N 219 
VC7 "C5'" "H5'"  sing N N 220 
VC7 "C5'" "H5''" sing N N 221 
VC7 C8    H8     sing N N 222 
VC7 CP2   HCP2   sing N N 223 
VC7 CP2   HCP3   sing N N 224 
VC7 CP2   HCP1   sing N N 225 
VC7 N1    H1     sing N N 226 
VC7 N2    H21    sing N N 227 
VC7 N2    H22    sing N N 228 
VC7 "O2'" "HO2'" sing N N 229 
VC7 "O3'" "HO3'" sing N N 230 
VC7 P     OP3    sing N N 231 
VC7 OP3   HOP3   sing N N 232 
# 
loop_
_ndb_struct_conf_na.entry_id 
_ndb_struct_conf_na.feature 
7JJF 'double helix'         
7JJF 'a-form double helix'  
7JJF 'hairpin loop'         
7JJF 'mismatched base pair' 
7JJF 'internal loop'        
# 
loop_
_ndb_struct_na_base_pair.model_number 
_ndb_struct_na_base_pair.i_label_asym_id 
_ndb_struct_na_base_pair.i_label_comp_id 
_ndb_struct_na_base_pair.i_label_seq_id 
_ndb_struct_na_base_pair.i_symmetry 
_ndb_struct_na_base_pair.j_label_asym_id 
_ndb_struct_na_base_pair.j_label_comp_id 
_ndb_struct_na_base_pair.j_label_seq_id 
_ndb_struct_na_base_pair.j_symmetry 
_ndb_struct_na_base_pair.shear 
_ndb_struct_na_base_pair.stretch 
_ndb_struct_na_base_pair.stagger 
_ndb_struct_na_base_pair.buckle 
_ndb_struct_na_base_pair.propeller 
_ndb_struct_na_base_pair.opening 
_ndb_struct_na_base_pair.pair_number 
_ndb_struct_na_base_pair.pair_name 
_ndb_struct_na_base_pair.i_auth_asym_id 
_ndb_struct_na_base_pair.i_auth_seq_id 
_ndb_struct_na_base_pair.i_PDB_ins_code 
_ndb_struct_na_base_pair.j_auth_asym_id 
_ndb_struct_na_base_pair.j_auth_seq_id 
_ndb_struct_na_base_pair.j_PDB_ins_code 
_ndb_struct_na_base_pair.hbond_type_28 
_ndb_struct_na_base_pair.hbond_type_12 
1 A G 2  1_555 A U 26 1_555 -2.426 -0.571 0.340  4.773  -8.981  0.004    1  A_G48:U85_A A 48 ? A 85 ? 28 1  
1 A C 3  1_555 A G 25 1_555 0.868  -0.206 -0.007 12.607 -17.538 -3.369   2  A_C49:G84_A A 49 ? A 84 ? 19 1  
1 A U 4  1_555 A A 24 1_555 -0.086 -0.070 -0.053 9.544  -10.428 -5.498   3  A_U50:A83_A A 50 ? A 83 ? 20 1  
1 A C 5  1_555 A G 23 1_555 0.494  -0.276 0.182  2.545  -15.938 2.047    4  A_C51:G82_A A 51 ? A 82 ? 19 1  
1 A C 6  1_555 A G 22 1_555 0.366  -0.210 0.079  -7.243 -12.843 -1.776   5  A_C52:G81_A A 52 ? A 81 ? 19 1  
1 A U 7  1_555 A C 21 1_555 5.763  -2.114 -0.141 -8.855 -13.774 -11.681  6  A_U53:C80_A A 53 ? A 80 ? ?  ?  
1 A U 10 1_555 A A 19 1_555 4.012  -1.867 -0.725 6.017  -20.299 -105.836 7  A_U56:A78_A A 56 ? A 78 ? 24 4  
1 A A 11 1_555 A G 18 1_555 -6.832 -4.404 -0.144 -3.141 5.310   -2.968   8  A_A57:G77_A A 57 ? A 77 ? 11 10 
1 A C 12 1_555 A G 17 1_555 0.139  -0.178 -0.087 8.013  2.380   4.613    9  A_C58:G76_A A 58 ? A 76 ? 19 1  
1 A G 13 1_555 A A 16 1_555 7.101  -5.289 0.755  18.115 -2.004  -19.390  10 A_G59:A75_A A 59 ? A 75 ? ?  10 
# 
loop_
_ndb_struct_na_base_pair_step.model_number 
_ndb_struct_na_base_pair_step.i_label_asym_id_1 
_ndb_struct_na_base_pair_step.i_label_comp_id_1 
_ndb_struct_na_base_pair_step.i_label_seq_id_1 
_ndb_struct_na_base_pair_step.i_symmetry_1 
_ndb_struct_na_base_pair_step.j_label_asym_id_1 
_ndb_struct_na_base_pair_step.j_label_comp_id_1 
_ndb_struct_na_base_pair_step.j_label_seq_id_1 
_ndb_struct_na_base_pair_step.j_symmetry_1 
_ndb_struct_na_base_pair_step.i_label_asym_id_2 
_ndb_struct_na_base_pair_step.i_label_comp_id_2 
_ndb_struct_na_base_pair_step.i_label_seq_id_2 
_ndb_struct_na_base_pair_step.i_symmetry_2 
_ndb_struct_na_base_pair_step.j_label_asym_id_2 
_ndb_struct_na_base_pair_step.j_label_comp_id_2 
_ndb_struct_na_base_pair_step.j_label_seq_id_2 
_ndb_struct_na_base_pair_step.j_symmetry_2 
_ndb_struct_na_base_pair_step.shift 
_ndb_struct_na_base_pair_step.slide 
_ndb_struct_na_base_pair_step.rise 
_ndb_struct_na_base_pair_step.tilt 
_ndb_struct_na_base_pair_step.roll 
_ndb_struct_na_base_pair_step.twist 
_ndb_struct_na_base_pair_step.x_displacement 
_ndb_struct_na_base_pair_step.y_displacement 
_ndb_struct_na_base_pair_step.helical_rise 
_ndb_struct_na_base_pair_step.inclination 
_ndb_struct_na_base_pair_step.tip 
_ndb_struct_na_base_pair_step.helical_twist 
_ndb_struct_na_base_pair_step.step_number 
_ndb_struct_na_base_pair_step.step_name 
_ndb_struct_na_base_pair_step.i_auth_asym_id_1 
_ndb_struct_na_base_pair_step.i_auth_seq_id_1 
_ndb_struct_na_base_pair_step.i_PDB_ins_code_1 
_ndb_struct_na_base_pair_step.j_auth_asym_id_1 
_ndb_struct_na_base_pair_step.j_auth_seq_id_1 
_ndb_struct_na_base_pair_step.j_PDB_ins_code_1 
_ndb_struct_na_base_pair_step.i_auth_asym_id_2 
_ndb_struct_na_base_pair_step.i_auth_seq_id_2 
_ndb_struct_na_base_pair_step.i_PDB_ins_code_2 
_ndb_struct_na_base_pair_step.j_auth_asym_id_2 
_ndb_struct_na_base_pair_step.j_auth_seq_id_2 
_ndb_struct_na_base_pair_step.j_PDB_ins_code_2 
1 A G 2  1_555 A U 26 1_555 A C 3  1_555 A G 25 1_555 -0.089 -1.079 2.983 1.992  5.055  43.559  -1.872 0.288  2.840 6.780  -2.671 
43.880  1 AA_G48C49:G84U85_AA A 48 ? A 85 ? A 49 ? A 84 ? 
1 A C 3  1_555 A G 25 1_555 A U 4  1_555 A A 24 1_555 -0.326 -1.854 3.244 -2.305 7.989  26.804  -5.553 0.174  2.611 16.729 4.828  
28.041  2 AA_C49U50:A83G84_AA A 49 ? A 84 ? A 50 ? A 83 ? 
1 A U 4  1_555 A A 24 1_555 A C 5  1_555 A G 23 1_555 0.642  -1.525 3.246 -1.416 5.720  37.490  -3.045 -1.160 2.965 8.833  2.187  
37.934  3 AA_U50C51:G82A83_AA A 50 ? A 83 ? A 51 ? A 82 ? 
1 A C 5  1_555 A G 23 1_555 A C 6  1_555 A G 22 1_555 -0.775 -1.933 3.321 0.680  7.248  31.816  -4.637 1.492  2.807 13.010 -1.221 
32.617  4 AA_C51C52:G81G82_AA A 51 ? A 82 ? A 52 ? A 81 ? 
1 A C 6  1_555 A G 22 1_555 A U 7  1_555 A C 21 1_555 -0.580 -0.996 3.500 6.817  10.637 52.386  -1.787 1.080  3.164 11.854 -7.597 
53.784  5 AA_C52U53:C80G81_AA A 52 ? A 81 ? A 53 ? A 80 ? 
1 A U 7  1_555 A C 21 1_555 A U 10 1_555 A A 19 1_555 0.301  -0.875 6.068 3.271  -4.591 33.299  -0.110 0.478  6.132 -7.941 -5.658 
33.760  6 AA_U53U56:A78C80_AA A 53 ? A 80 ? A 56 ? A 78 ? 
1 A U 10 1_555 A A 19 1_555 A A 11 1_555 A G 18 1_555 5.141  -1.401 3.539 -1.968 -2.858 -11.530 10.963 21.563 3.896 13.824 -9.519 
-12.039 7 AA_U56A57:G77A78_AA A 56 ? A 78 ? A 57 ? A 77 ? 
1 A A 11 1_555 A G 18 1_555 A C 12 1_555 A G 17 1_555 0.206  -1.070 3.023 -2.587 2.494  60.657  -1.168 -0.318 2.971 2.467  2.559  
60.753  8 AA_A57C58:G76G77_AA A 57 ? A 77 ? A 58 ? A 76 ? 
1 A C 12 1_555 A G 17 1_555 A G 13 1_555 A A 16 1_555 -2.798 -1.293 2.940 -6.976 6.704  49.855  -1.948 2.809  3.093 7.867  8.186  
50.726  9 AA_C58G59:A75G76_AA A 58 ? A 76 ? A 59 ? A 75 ? 
# 
loop_
_pdbx_entity_nonpoly.entity_id 
_pdbx_entity_nonpoly.name 
_pdbx_entity_nonpoly.comp_id 
2 'MAGNESIUM ION' MG  
3 water           HOH 
# 
_pdbx_initial_refinement_model.id               1 
_pdbx_initial_refinement_model.entity_id_list   ? 
_pdbx_initial_refinement_model.type             'experimental model' 
_pdbx_initial_refinement_model.source_name      PDB 
_pdbx_initial_refinement_model.accession_code   3DVZ 
_pdbx_initial_refinement_model.details          ? 
# 
_pdbx_struct_assembly_auth_evidence.id                     1 
_pdbx_struct_assembly_auth_evidence.assembly_id            1 
_pdbx_struct_assembly_auth_evidence.experimental_support   none 
_pdbx_struct_assembly_auth_evidence.details                ? 
# 
_space_group.name_H-M_alt     'P 43' 
_space_group.name_Hall        'P 4cw' 
_space_group.IT_number        78 
_space_group.crystal_system   tetragonal 
_space_group.id               1 
# 
